data_7CL3
#
_entry.id   7CL3
#
_cell.length_a   50.289
_cell.length_b   184.514
_cell.length_c   109.543
_cell.angle_alpha   90.000
_cell.angle_beta   93.990
_cell.angle_gamma   90.000
#
_symmetry.space_group_name_H-M   'P 1 21 1'
#
loop_
_entity.id
_entity.type
_entity.pdbx_description
1 polymer 'Kanamycin B dioxygenase'
2 non-polymer 'NICKEL (II) ION'
3 non-polymer 'SULFATE ION'
4 non-polymer '(1R,2S,3S,4R,6S)-4,6-DIAMINO-3-[(3-AMINO-3-DEOXY-ALPHA-D-GLUCOPYRANOSYL)OXY]-2-HYDROXYCYCLOHEXYL 2,6-DIAMINO-2,6-DIDEOXY-ALPHA-D-GLUCOPYRANOSIDE'
5 water water
#
_entity_poly.entity_id   1
_entity_poly.type   'polypeptide(L)'
_entity_poly.pdbx_seq_one_letter_code
;MNHKVHHHHHHIEGRHMALAAPPGELTLALTPDDKTLDPASLDRALAILAEHGILVLTGMLRTRLTDQLRTAMLDDLPEV
LRQQDVPTNFVPGHVQQDPPVRESLLFPDVLLNPVVYQITHAVLGADARNAVYSGNMNLPGSHEQPVHLDEPHLWPGISH
PPYCLCVDVPLIDFTLENGSTEYWPGSHVLNPDECYDERGCVLPAELERRRAVAPPVRFPIPVGSVVIRDGRLWHRGVPN
LSAAPRPLLAMTHYTEWFDMPPIQLPDTVKSWVDGSDRHTHAHFVAGDVDHLTGDHPFAVR
;
_entity_poly.pdbx_strand_id   A,B,C,D,E,F
#
# COMPACT_ATOMS: atom_id res chain seq x y z
N HIS A 16 -68.86 35.93 -20.09
CA HIS A 16 -67.46 35.51 -19.85
C HIS A 16 -66.47 36.54 -20.44
N MET A 17 -65.24 36.56 -19.92
CA MET A 17 -64.10 37.35 -20.47
C MET A 17 -63.32 36.48 -21.46
N ALA A 18 -63.28 36.88 -22.73
CA ALA A 18 -62.53 36.21 -23.84
C ALA A 18 -61.17 36.92 -24.01
N LEU A 19 -60.07 36.20 -23.78
CA LEU A 19 -58.69 36.75 -23.80
C LEU A 19 -57.96 36.26 -25.05
N ALA A 20 -56.84 36.87 -25.39
CA ALA A 20 -56.01 36.56 -26.58
C ALA A 20 -54.91 35.56 -26.22
N ALA A 21 -54.65 35.34 -24.93
CA ALA A 21 -53.58 34.43 -24.45
C ALA A 21 -53.86 34.04 -23.01
N PRO A 22 -53.18 33.01 -22.45
CA PRO A 22 -53.32 32.70 -21.03
C PRO A 22 -52.94 33.94 -20.22
N PRO A 23 -53.77 34.38 -19.26
CA PRO A 23 -53.44 35.58 -18.48
C PRO A 23 -52.21 35.33 -17.61
N GLY A 24 -51.34 36.34 -17.54
CA GLY A 24 -50.07 36.32 -16.77
C GLY A 24 -50.28 35.90 -15.33
N GLU A 25 -51.38 36.31 -14.69
CA GLU A 25 -51.72 36.00 -13.28
C GLU A 25 -51.83 34.47 -13.05
N LEU A 26 -52.14 33.69 -14.10
CA LEU A 26 -52.45 32.23 -13.99
C LEU A 26 -51.34 31.39 -14.62
N THR A 27 -50.31 32.01 -15.20
CA THR A 27 -49.38 31.34 -16.14
C THR A 27 -47.94 31.34 -15.62
N LEU A 28 -47.26 30.20 -15.77
CA LEU A 28 -45.80 30.02 -15.57
C LEU A 28 -45.25 29.50 -16.89
N ALA A 29 -44.34 30.23 -17.53
CA ALA A 29 -43.71 29.84 -18.81
C ALA A 29 -42.50 28.94 -18.52
N LEU A 30 -42.53 27.71 -19.02
CA LEU A 30 -41.44 26.73 -18.85
C LEU A 30 -40.93 26.28 -20.23
N THR A 31 -39.87 25.47 -20.25
CA THR A 31 -39.36 24.73 -21.42
C THR A 31 -39.43 23.24 -21.08
N PRO A 32 -39.38 22.33 -22.07
CA PRO A 32 -39.36 20.89 -21.79
C PRO A 32 -38.09 20.42 -21.05
N ASP A 33 -37.05 21.24 -20.97
CA ASP A 33 -35.79 20.92 -20.24
C ASP A 33 -35.96 21.18 -18.73
N ASP A 34 -36.93 22.00 -18.32
CA ASP A 34 -37.19 22.32 -16.89
C ASP A 34 -37.68 21.05 -16.19
N LYS A 35 -36.90 20.49 -15.27
CA LYS A 35 -37.19 19.22 -14.55
C LYS A 35 -37.72 19.55 -13.16
N THR A 36 -37.55 20.80 -12.70
CA THR A 36 -37.85 21.25 -11.33
C THR A 36 -38.14 22.75 -11.38
N LEU A 37 -39.07 23.22 -10.55
CA LEU A 37 -39.26 24.67 -10.30
C LEU A 37 -38.28 25.07 -9.18
N ASP A 38 -37.56 26.16 -9.37
CA ASP A 38 -36.78 26.86 -8.30
C ASP A 38 -37.77 27.25 -7.21
N PRO A 39 -37.34 27.41 -5.94
CA PRO A 39 -38.26 27.73 -4.85
C PRO A 39 -39.25 28.88 -5.11
N ALA A 40 -38.82 29.97 -5.78
CA ALA A 40 -39.66 31.15 -6.06
C ALA A 40 -40.79 30.78 -7.05
N SER A 41 -40.46 30.02 -8.10
CA SER A 41 -41.43 29.55 -9.13
C SER A 41 -42.46 28.61 -8.47
N LEU A 42 -41.99 27.66 -7.63
CA LEU A 42 -42.88 26.73 -6.89
C LEU A 42 -43.83 27.54 -5.99
N ASP A 43 -43.31 28.51 -5.24
CA ASP A 43 -44.15 29.37 -4.36
C ASP A 43 -45.22 30.07 -5.20
N ARG A 44 -44.87 30.57 -6.39
CA ARG A 44 -45.82 31.32 -7.25
C ARG A 44 -46.89 30.33 -7.75
N ALA A 45 -46.47 29.14 -8.21
CA ALA A 45 -47.36 28.06 -8.67
C ALA A 45 -48.40 27.73 -7.58
N LEU A 46 -47.96 27.51 -6.34
CA LEU A 46 -48.85 27.15 -5.21
C LEU A 46 -49.75 28.34 -4.85
N ALA A 47 -49.26 29.58 -4.92
CA ALA A 47 -50.06 30.79 -4.62
C ALA A 47 -51.18 30.92 -5.66
N ILE A 48 -50.88 30.64 -6.92
CA ILE A 48 -51.87 30.71 -8.04
C ILE A 48 -52.95 29.64 -7.82
N LEU A 49 -52.58 28.39 -7.57
CA LEU A 49 -53.53 27.28 -7.29
C LEU A 49 -54.40 27.61 -6.08
N ALA A 50 -53.81 28.11 -4.99
CA ALA A 50 -54.56 28.44 -3.74
C ALA A 50 -55.56 29.56 -4.05
N GLU A 51 -55.15 30.62 -4.72
CA GLU A 51 -55.98 31.82 -4.93
C GLU A 51 -56.99 31.58 -6.06
N HIS A 52 -56.53 31.10 -7.21
CA HIS A 52 -57.31 31.09 -8.47
C HIS A 52 -57.85 29.69 -8.75
N GLY A 53 -57.20 28.62 -8.25
CA GLY A 53 -57.62 27.22 -8.46
C GLY A 53 -57.26 26.69 -9.83
N ILE A 54 -56.50 27.44 -10.62
CA ILE A 54 -56.09 27.04 -11.99
C ILE A 54 -54.76 27.68 -12.32
N LEU A 55 -53.85 26.87 -12.88
CA LEU A 55 -52.47 27.22 -13.21
C LEU A 55 -52.21 26.72 -14.63
N VAL A 56 -51.72 27.60 -15.51
CA VAL A 56 -51.31 27.22 -16.89
C VAL A 56 -49.78 27.18 -16.94
N LEU A 57 -49.24 26.02 -17.31
CA LEU A 57 -47.77 25.83 -17.50
C LEU A 57 -47.54 25.64 -19.00
N THR A 58 -46.99 26.66 -19.66
CA THR A 58 -46.72 26.64 -21.12
C THR A 58 -45.35 26.00 -21.35
N GLY A 59 -45.20 25.32 -22.50
CA GLY A 59 -43.89 24.85 -23.02
C GLY A 59 -43.34 23.68 -22.23
N MET A 60 -44.20 22.81 -21.71
CA MET A 60 -43.77 21.66 -20.87
C MET A 60 -43.48 20.41 -21.71
N LEU A 61 -44.27 20.14 -22.75
CA LEU A 61 -44.18 18.84 -23.46
C LEU A 61 -43.64 19.05 -24.87
N ARG A 62 -42.73 18.18 -25.29
CA ARG A 62 -42.14 18.16 -26.65
C ARG A 62 -43.24 17.83 -27.66
N THR A 63 -43.17 18.44 -28.85
CA THR A 63 -44.17 18.26 -29.93
C THR A 63 -44.16 16.78 -30.37
N ARG A 64 -43.02 16.10 -30.23
CA ARG A 64 -42.89 14.66 -30.58
C ARG A 64 -43.91 13.84 -29.77
N LEU A 65 -44.13 14.17 -28.48
CA LEU A 65 -45.06 13.41 -27.61
C LEU A 65 -46.51 13.78 -27.95
N THR A 66 -46.83 15.08 -28.02
CA THR A 66 -48.21 15.57 -28.26
C THR A 66 -48.65 15.14 -29.66
N ASP A 67 -47.74 15.12 -30.65
CA ASP A 67 -48.04 14.65 -32.03
C ASP A 67 -48.53 13.19 -32.00
N GLN A 68 -47.83 12.30 -31.31
CA GLN A 68 -48.19 10.86 -31.26
C GLN A 68 -49.53 10.67 -30.55
N LEU A 69 -49.74 11.36 -29.42
CA LEU A 69 -50.98 11.24 -28.62
C LEU A 69 -52.17 11.79 -29.42
N ARG A 70 -51.99 12.95 -30.09
CA ARG A 70 -53.04 13.56 -30.95
C ARG A 70 -53.43 12.57 -32.04
N THR A 71 -52.42 12.02 -32.76
CA THR A 71 -52.62 11.09 -33.90
C THR A 71 -53.40 9.87 -33.40
N ALA A 72 -52.97 9.28 -32.29
CA ALA A 72 -53.55 8.02 -31.75
C ALA A 72 -55.03 8.23 -31.40
N MET A 73 -55.38 9.39 -30.81
CA MET A 73 -56.76 9.66 -30.36
C MET A 73 -57.66 9.96 -31.58
N LEU A 74 -57.16 10.74 -32.54
CA LEU A 74 -57.92 11.01 -33.78
C LEU A 74 -58.11 9.69 -34.56
N ASP A 75 -57.11 8.82 -34.61
CA ASP A 75 -57.22 7.49 -35.31
C ASP A 75 -58.28 6.62 -34.61
N ASP A 76 -58.43 6.74 -33.29
CA ASP A 76 -59.36 5.90 -32.49
C ASP A 76 -60.80 6.43 -32.60
N LEU A 77 -60.98 7.69 -32.97
CA LEU A 77 -62.29 8.39 -32.84
C LEU A 77 -63.35 7.67 -33.67
N PRO A 78 -63.07 7.19 -34.90
CA PRO A 78 -64.11 6.51 -35.68
C PRO A 78 -64.67 5.29 -34.92
N GLU A 79 -63.78 4.50 -34.29
CA GLU A 79 -64.17 3.28 -33.56
C GLU A 79 -65.01 3.68 -32.34
N VAL A 80 -64.69 4.80 -31.68
CA VAL A 80 -65.48 5.34 -30.53
C VAL A 80 -66.88 5.73 -31.03
N LEU A 81 -67.00 6.40 -32.16
CA LEU A 81 -68.29 7.00 -32.61
C LEU A 81 -69.18 5.91 -33.21
N ARG A 82 -68.60 4.77 -33.57
CA ARG A 82 -69.29 3.59 -34.18
C ARG A 82 -70.01 2.78 -33.08
N GLN A 83 -69.70 2.98 -31.80
CA GLN A 83 -70.34 2.29 -30.64
C GLN A 83 -71.84 2.62 -30.63
N GLN A 84 -72.65 1.72 -30.06
CA GLN A 84 -74.13 1.88 -29.93
C GLN A 84 -74.44 3.11 -29.06
N ASP A 85 -73.76 3.23 -27.91
CA ASP A 85 -74.01 4.35 -26.95
C ASP A 85 -72.68 5.07 -26.67
N VAL A 86 -72.54 6.28 -27.21
CA VAL A 86 -71.29 7.08 -27.15
C VAL A 86 -71.31 7.82 -25.82
N PRO A 87 -70.34 7.56 -24.91
CA PRO A 87 -70.31 8.25 -23.61
C PRO A 87 -70.04 9.75 -23.84
N THR A 88 -70.95 10.56 -23.33
CA THR A 88 -71.05 12.00 -23.59
C THR A 88 -71.14 12.72 -22.26
N ASN A 89 -70.47 13.86 -22.12
CA ASN A 89 -70.48 14.69 -20.89
C ASN A 89 -71.56 15.78 -21.04
N PHE A 90 -72.75 15.51 -20.49
CA PHE A 90 -73.89 16.43 -20.29
C PHE A 90 -74.67 16.69 -21.58
N VAL A 91 -73.99 17.06 -22.67
CA VAL A 91 -74.64 17.54 -23.91
C VAL A 91 -73.90 16.98 -25.11
N PRO A 92 -74.55 16.95 -26.31
CA PRO A 92 -73.90 16.43 -27.51
C PRO A 92 -72.53 17.05 -27.84
N GLY A 93 -71.59 16.21 -28.29
CA GLY A 93 -70.29 16.61 -28.85
C GLY A 93 -69.14 16.52 -27.86
N HIS A 94 -69.40 16.32 -26.57
CA HIS A 94 -68.35 16.23 -25.53
C HIS A 94 -68.12 14.77 -25.16
N VAL A 95 -67.25 14.08 -25.89
CA VAL A 95 -67.15 12.60 -25.87
C VAL A 95 -66.05 12.22 -24.86
N GLN A 96 -66.33 11.26 -23.99
CA GLN A 96 -65.30 10.67 -23.09
C GLN A 96 -64.52 9.64 -23.92
N GLN A 97 -63.22 9.82 -24.03
CA GLN A 97 -62.34 8.96 -24.83
C GLN A 97 -61.01 8.80 -24.10
N ASP A 98 -60.71 7.58 -23.69
CA ASP A 98 -59.40 7.22 -23.10
C ASP A 98 -58.37 7.19 -24.20
N PRO A 99 -57.18 7.79 -23.98
CA PRO A 99 -56.05 7.56 -24.86
C PRO A 99 -55.59 6.12 -24.74
N PRO A 100 -54.87 5.58 -25.75
CA PRO A 100 -54.37 4.21 -25.68
C PRO A 100 -53.39 4.04 -24.51
N VAL A 101 -53.41 2.85 -23.91
CA VAL A 101 -52.45 2.43 -22.86
C VAL A 101 -51.59 1.29 -23.44
N ARG A 102 -51.23 1.40 -24.73
CA ARG A 102 -50.13 0.65 -25.36
C ARG A 102 -48.81 1.21 -24.84
N GLU A 103 -47.81 0.36 -24.63
CA GLU A 103 -46.49 0.73 -24.07
C GLU A 103 -45.88 1.85 -24.93
N SER A 104 -46.05 1.80 -26.26
CA SER A 104 -45.41 2.76 -27.22
C SER A 104 -45.98 4.18 -27.08
N LEU A 105 -47.13 4.35 -26.41
CA LEU A 105 -47.80 5.67 -26.26
C LEU A 105 -47.93 6.05 -24.77
N LEU A 106 -47.22 5.35 -23.87
CA LEU A 106 -47.18 5.66 -22.42
C LEU A 106 -45.81 6.26 -22.12
N PHE A 107 -45.79 7.58 -21.93
CA PHE A 107 -44.56 8.39 -21.83
C PHE A 107 -44.36 8.85 -20.40
N PRO A 108 -43.19 8.57 -19.79
CA PRO A 108 -42.88 9.08 -18.44
C PRO A 108 -43.13 10.58 -18.31
N ASP A 109 -42.81 11.39 -19.33
CA ASP A 109 -42.93 12.86 -19.27
C ASP A 109 -44.43 13.28 -19.25
N VAL A 110 -45.34 12.37 -19.60
CA VAL A 110 -46.81 12.60 -19.50
C VAL A 110 -47.36 12.00 -18.20
N LEU A 111 -47.16 10.72 -17.93
CA LEU A 111 -47.75 10.03 -16.75
C LEU A 111 -47.08 10.47 -15.46
N LEU A 112 -45.75 10.68 -15.50
CA LEU A 112 -44.89 10.91 -14.31
C LEU A 112 -44.08 12.19 -14.49
N ASN A 113 -44.74 13.27 -14.90
CA ASN A 113 -44.04 14.55 -15.19
C ASN A 113 -43.43 15.08 -13.89
N PRO A 114 -42.10 15.38 -13.86
CA PRO A 114 -41.46 15.81 -12.63
C PRO A 114 -41.98 17.16 -12.09
N VAL A 115 -42.31 18.11 -12.97
CA VAL A 115 -42.84 19.44 -12.53
C VAL A 115 -44.26 19.26 -11.99
N VAL A 116 -45.09 18.46 -12.63
CA VAL A 116 -46.50 18.22 -12.20
C VAL A 116 -46.47 17.65 -10.79
N TYR A 117 -45.71 16.57 -10.58
CA TYR A 117 -45.62 15.87 -9.27
C TYR A 117 -44.92 16.76 -8.23
N GLN A 118 -43.98 17.61 -8.63
CA GLN A 118 -43.41 18.60 -7.68
C GLN A 118 -44.55 19.45 -7.11
N ILE A 119 -45.45 19.94 -7.97
CA ILE A 119 -46.60 20.79 -7.56
C ILE A 119 -47.60 19.93 -6.77
N THR A 120 -47.98 18.76 -7.26
CA THR A 120 -49.06 17.97 -6.60
C THR A 120 -48.54 17.44 -5.26
N HIS A 121 -47.25 17.10 -5.14
CA HIS A 121 -46.62 16.66 -3.87
C HIS A 121 -46.72 17.80 -2.85
N ALA A 122 -46.45 19.04 -3.26
CA ALA A 122 -46.47 20.21 -2.36
C ALA A 122 -47.90 20.50 -1.91
N VAL A 123 -48.92 20.26 -2.75
CA VAL A 123 -50.32 20.59 -2.40
C VAL A 123 -50.96 19.41 -1.67
N LEU A 124 -50.79 18.18 -2.17
CA LEU A 124 -51.59 17.01 -1.74
C LEU A 124 -50.77 16.06 -0.85
N GLY A 125 -49.44 16.22 -0.78
CA GLY A 125 -48.53 15.34 -0.03
C GLY A 125 -47.77 14.38 -0.91
N ALA A 126 -46.73 13.75 -0.36
CA ALA A 126 -45.77 12.89 -1.09
C ALA A 126 -46.45 11.59 -1.50
N ASP A 127 -47.59 11.27 -0.89
CA ASP A 127 -48.40 10.05 -1.17
C ASP A 127 -49.53 10.35 -2.17
N ALA A 128 -49.60 11.55 -2.74
CA ALA A 128 -50.59 11.88 -3.79
C ALA A 128 -50.40 10.90 -4.96
N ARG A 129 -51.49 10.54 -5.63
CA ARG A 129 -51.42 9.50 -6.69
C ARG A 129 -52.30 9.90 -7.85
N ASN A 130 -51.79 9.69 -9.06
CA ASN A 130 -52.59 9.79 -10.30
C ASN A 130 -53.55 8.60 -10.31
N ALA A 131 -54.86 8.84 -10.50
CA ALA A 131 -55.86 7.76 -10.60
C ALA A 131 -56.76 7.96 -11.82
N VAL A 132 -56.37 8.79 -12.78
CA VAL A 132 -57.14 9.00 -14.04
C VAL A 132 -56.17 9.09 -15.21
N TYR A 133 -56.46 8.36 -16.29
CA TYR A 133 -55.76 8.45 -17.59
C TYR A 133 -56.84 8.35 -18.65
N SER A 134 -57.49 9.47 -18.90
CA SER A 134 -58.68 9.56 -19.76
C SER A 134 -58.53 10.75 -20.70
N GLY A 135 -59.63 11.16 -21.29
CA GLY A 135 -59.63 12.23 -22.30
C GLY A 135 -61.02 12.69 -22.61
N ASN A 136 -61.08 13.89 -23.19
CA ASN A 136 -62.30 14.63 -23.55
C ASN A 136 -62.11 15.02 -25.01
N MET A 137 -62.87 14.37 -25.92
CA MET A 137 -62.86 14.72 -27.35
C MET A 137 -64.05 15.66 -27.63
N ASN A 138 -63.76 16.93 -27.92
CA ASN A 138 -64.78 17.98 -28.19
C ASN A 138 -65.00 18.04 -29.72
N LEU A 139 -66.13 17.51 -30.20
CA LEU A 139 -66.43 17.36 -31.65
C LEU A 139 -66.90 18.68 -32.25
N PRO A 140 -66.64 18.94 -33.54
CA PRO A 140 -67.27 20.05 -34.24
C PRO A 140 -68.80 20.04 -34.06
N GLY A 141 -69.39 21.19 -33.76
CA GLY A 141 -70.85 21.38 -33.59
C GLY A 141 -71.29 20.96 -32.20
N SER A 142 -70.37 20.78 -31.25
CA SER A 142 -70.70 20.41 -29.86
C SER A 142 -71.57 21.49 -29.23
N HIS A 143 -72.37 21.14 -28.23
CA HIS A 143 -73.27 22.07 -27.52
C HIS A 143 -72.54 22.65 -26.31
N GLU A 144 -73.20 23.59 -25.61
CA GLU A 144 -72.65 24.26 -24.40
C GLU A 144 -72.97 23.39 -23.18
N GLN A 145 -71.95 23.01 -22.40
CA GLN A 145 -72.15 22.24 -21.14
C GLN A 145 -72.68 23.19 -20.06
N PRO A 146 -73.43 22.69 -19.06
CA PRO A 146 -73.71 23.50 -17.87
C PRO A 146 -72.40 23.62 -17.08
N VAL A 147 -72.28 24.70 -16.31
CA VAL A 147 -71.12 24.93 -15.42
C VAL A 147 -71.19 23.89 -14.29
N HIS A 148 -70.08 23.22 -14.03
CA HIS A 148 -70.01 22.10 -13.06
C HIS A 148 -68.61 22.01 -12.47
N LEU A 149 -68.46 21.16 -11.45
CA LEU A 149 -67.12 20.71 -10.98
C LEU A 149 -66.98 19.23 -11.29
N ASP A 150 -65.75 18.78 -11.54
CA ASP A 150 -65.40 17.38 -11.84
C ASP A 150 -65.39 16.56 -10.55
N GLU A 151 -65.05 17.16 -9.42
CA GLU A 151 -65.01 16.46 -8.11
C GLU A 151 -65.66 17.37 -7.09
N PRO A 152 -66.56 16.84 -6.24
CA PRO A 152 -67.29 17.66 -5.28
C PRO A 152 -66.43 18.01 -4.06
N HIS A 153 -66.91 18.98 -3.30
CA HIS A 153 -66.52 19.20 -1.89
C HIS A 153 -66.95 17.94 -1.11
N LEU A 154 -66.24 17.62 -0.04
CA LEU A 154 -66.36 16.35 0.70
C LEU A 154 -67.45 16.45 1.74
N TRP A 155 -67.81 17.67 2.18
CA TRP A 155 -68.96 17.91 3.06
C TRP A 155 -69.68 19.16 2.59
N PRO A 156 -71.02 19.18 2.64
CA PRO A 156 -71.76 20.38 2.20
C PRO A 156 -71.58 21.50 3.24
N GLY A 157 -71.48 22.75 2.77
CA GLY A 157 -71.45 23.94 3.63
C GLY A 157 -70.13 24.16 4.33
N ILE A 158 -69.07 23.42 3.96
CA ILE A 158 -67.77 23.44 4.71
C ILE A 158 -66.65 23.91 3.78
N SER A 159 -65.72 24.71 4.29
CA SER A 159 -64.44 25.08 3.64
C SER A 159 -63.38 24.07 4.01
N HIS A 160 -62.75 23.41 3.04
CA HIS A 160 -61.62 22.48 3.29
C HIS A 160 -60.61 22.60 2.15
N PRO A 161 -59.35 22.18 2.37
CA PRO A 161 -58.33 22.29 1.34
C PRO A 161 -58.53 21.30 0.20
N PRO A 162 -57.73 21.43 -0.87
CA PRO A 162 -57.82 20.52 -2.01
C PRO A 162 -57.52 19.07 -1.61
N TYR A 163 -58.18 18.12 -2.26
CA TYR A 163 -57.85 16.68 -2.19
C TYR A 163 -57.58 16.14 -3.59
N CYS A 164 -57.76 16.94 -4.65
CA CYS A 164 -57.45 16.49 -6.03
C CYS A 164 -57.09 17.67 -6.94
N LEU A 165 -56.18 17.41 -7.86
CA LEU A 165 -55.71 18.37 -8.89
C LEU A 165 -55.87 17.69 -10.25
N CYS A 166 -56.75 18.23 -11.07
CA CYS A 166 -56.88 17.82 -12.50
C CYS A 166 -55.63 18.31 -13.24
N VAL A 167 -55.09 17.46 -14.09
CA VAL A 167 -53.91 17.74 -14.95
C VAL A 167 -54.39 17.53 -16.39
N ASP A 168 -54.65 18.63 -17.10
CA ASP A 168 -55.27 18.64 -18.44
C ASP A 168 -54.17 18.94 -19.48
N VAL A 169 -54.06 18.09 -20.50
CA VAL A 169 -53.02 18.18 -21.56
C VAL A 169 -53.70 18.37 -22.90
N PRO A 170 -53.77 19.63 -23.41
CA PRO A 170 -54.31 19.87 -24.75
C PRO A 170 -53.44 19.15 -25.78
N LEU A 171 -54.05 18.47 -26.77
CA LEU A 171 -53.28 17.73 -27.78
C LEU A 171 -53.30 18.45 -29.13
N ILE A 172 -53.94 19.62 -29.20
CA ILE A 172 -53.80 20.63 -30.29
C ILE A 172 -53.84 21.99 -29.61
N ASP A 173 -53.51 23.05 -30.34
CA ASP A 173 -53.73 24.44 -29.88
C ASP A 173 -55.21 24.61 -29.58
N PHE A 174 -55.54 25.01 -28.36
CA PHE A 174 -56.92 25.36 -27.95
C PHE A 174 -57.12 26.83 -28.27
N THR A 175 -58.24 27.18 -28.90
CA THR A 175 -58.60 28.56 -29.31
C THR A 175 -60.02 28.85 -28.84
N LEU A 176 -60.43 30.11 -28.88
CA LEU A 176 -61.82 30.55 -28.58
C LEU A 176 -62.78 29.88 -29.57
N GLU A 177 -62.32 29.55 -30.78
CA GLU A 177 -63.15 28.93 -31.84
C GLU A 177 -63.35 27.42 -31.57
N ASN A 178 -62.32 26.67 -31.15
CA ASN A 178 -62.36 25.18 -31.18
C ASN A 178 -62.64 24.57 -29.79
N GLY A 179 -63.05 25.37 -28.80
CA GLY A 179 -63.63 24.86 -27.54
C GLY A 179 -62.66 24.93 -26.37
N SER A 180 -61.76 25.91 -26.32
CA SER A 180 -60.99 26.19 -25.09
C SER A 180 -61.96 26.29 -23.91
N THR A 181 -61.71 25.53 -22.84
CA THR A 181 -62.61 25.41 -21.67
C THR A 181 -62.86 26.78 -21.03
N GLU A 182 -64.09 27.03 -20.56
CA GLU A 182 -64.40 28.19 -19.68
C GLU A 182 -64.07 27.80 -18.23
N TYR A 183 -63.26 28.62 -17.57
CA TYR A 183 -62.82 28.42 -16.17
C TYR A 183 -63.39 29.56 -15.32
N TRP A 184 -63.78 29.27 -14.09
CA TRP A 184 -64.28 30.29 -13.10
C TRP A 184 -63.23 30.48 -12.02
N PRO A 185 -62.28 31.42 -12.17
CA PRO A 185 -61.17 31.54 -11.24
C PRO A 185 -61.67 31.80 -9.81
N GLY A 186 -61.07 31.12 -8.85
CA GLY A 186 -61.35 31.31 -7.40
C GLY A 186 -62.59 30.55 -6.96
N SER A 187 -63.26 29.82 -7.85
CA SER A 187 -64.56 29.15 -7.60
C SER A 187 -64.35 27.87 -6.77
N HIS A 188 -63.12 27.39 -6.68
CA HIS A 188 -62.77 26.09 -6.04
C HIS A 188 -63.00 26.12 -4.54
N VAL A 189 -63.07 27.30 -3.90
CA VAL A 189 -63.27 27.42 -2.42
C VAL A 189 -64.76 27.63 -2.10
N LEU A 190 -65.64 27.77 -3.09
CA LEU A 190 -67.06 28.10 -2.83
C LEU A 190 -67.81 26.80 -2.53
N ASN A 191 -68.47 26.70 -1.39
CA ASN A 191 -69.26 25.49 -1.04
C ASN A 191 -70.44 25.89 -0.15
N PRO A 192 -71.32 26.79 -0.60
CA PRO A 192 -72.50 27.14 0.18
C PRO A 192 -73.51 25.99 0.10
N ASP A 193 -74.42 25.92 1.06
CA ASP A 193 -75.51 24.89 1.09
C ASP A 193 -76.32 24.98 -0.21
N GLU A 194 -76.77 23.86 -0.75
CA GLU A 194 -77.72 23.79 -1.88
C GLU A 194 -77.10 24.41 -3.13
N CYS A 195 -75.80 24.20 -3.38
CA CYS A 195 -75.02 24.85 -4.48
C CYS A 195 -74.88 23.89 -5.67
N TYR A 196 -74.88 22.58 -5.42
CA TYR A 196 -74.48 21.53 -6.39
C TYR A 196 -75.58 20.49 -6.45
N ASP A 197 -75.89 20.00 -7.66
CA ASP A 197 -76.84 18.87 -7.87
C ASP A 197 -76.04 17.57 -7.95
N GLU A 198 -76.71 16.46 -8.20
CA GLU A 198 -76.13 15.09 -8.15
C GLU A 198 -75.12 14.92 -9.30
N ARG A 199 -75.14 15.78 -10.33
CA ARG A 199 -74.19 15.68 -11.46
C ARG A 199 -73.04 16.70 -11.32
N GLY A 200 -72.93 17.38 -10.17
CA GLY A 200 -71.87 18.37 -9.91
C GLY A 200 -72.13 19.68 -10.62
N CYS A 201 -73.35 19.94 -11.10
CA CYS A 201 -73.71 21.22 -11.73
C CYS A 201 -73.97 22.30 -10.67
N VAL A 202 -73.53 23.52 -10.95
CA VAL A 202 -73.68 24.68 -10.04
C VAL A 202 -75.10 25.25 -10.23
N LEU A 203 -75.81 25.48 -9.14
CA LEU A 203 -77.14 26.14 -9.12
C LEU A 203 -77.03 27.50 -9.82
N PRO A 204 -77.95 27.83 -10.75
CA PRO A 204 -77.85 29.08 -11.51
C PRO A 204 -77.81 30.35 -10.64
N ALA A 205 -78.49 30.35 -9.51
CA ALA A 205 -78.50 31.49 -8.55
C ALA A 205 -77.08 31.74 -8.04
N GLU A 206 -76.34 30.68 -7.71
CA GLU A 206 -74.93 30.78 -7.23
C GLU A 206 -74.04 31.20 -8.40
N LEU A 207 -74.33 30.72 -9.61
CA LEU A 207 -73.55 31.13 -10.81
C LEU A 207 -73.61 32.65 -10.96
N GLU A 208 -74.80 33.25 -10.88
CA GLU A 208 -75.00 34.71 -11.14
C GLU A 208 -74.40 35.53 -10.00
N ARG A 209 -74.59 35.12 -8.74
CA ARG A 209 -73.91 35.77 -7.58
C ARG A 209 -72.38 35.82 -7.82
N ARG A 210 -71.81 34.70 -8.24
CA ARG A 210 -70.35 34.58 -8.46
C ARG A 210 -69.94 35.44 -9.65
N ARG A 211 -70.72 35.42 -10.74
CA ARG A 211 -70.38 36.12 -12.00
C ARG A 211 -70.18 37.62 -11.72
N ALA A 212 -70.94 38.20 -10.79
CA ALA A 212 -70.89 39.65 -10.43
C ALA A 212 -69.56 40.00 -9.76
N VAL A 213 -68.94 39.05 -9.06
CA VAL A 213 -67.69 39.26 -8.24
C VAL A 213 -66.46 38.87 -9.08
N ALA A 214 -66.52 37.76 -9.83
CA ALA A 214 -65.37 37.15 -10.54
C ALA A 214 -65.88 36.41 -11.75
N PRO A 215 -66.12 37.10 -12.90
CA PRO A 215 -66.68 36.44 -14.07
C PRO A 215 -65.72 35.37 -14.61
N PRO A 216 -66.24 34.37 -15.34
CA PRO A 216 -65.40 33.34 -15.92
C PRO A 216 -64.53 33.88 -17.07
N VAL A 217 -63.53 33.08 -17.46
CA VAL A 217 -62.56 33.44 -18.52
C VAL A 217 -62.45 32.26 -19.48
N ARG A 218 -62.17 32.57 -20.74
CA ARG A 218 -61.79 31.61 -21.79
C ARG A 218 -60.57 32.19 -22.49
N PHE A 219 -59.59 31.37 -22.80
CA PHE A 219 -58.34 31.85 -23.41
C PHE A 219 -57.73 30.73 -24.23
N PRO A 220 -56.98 31.07 -25.29
CA PRO A 220 -56.21 30.10 -26.02
C PRO A 220 -55.17 29.46 -25.10
N ILE A 221 -54.87 28.19 -25.33
CA ILE A 221 -53.79 27.42 -24.65
C ILE A 221 -53.03 26.68 -25.73
N PRO A 222 -51.74 26.99 -25.94
CA PRO A 222 -50.94 26.30 -26.95
C PRO A 222 -50.65 24.84 -26.57
N VAL A 223 -50.65 23.96 -27.57
CA VAL A 223 -50.24 22.54 -27.39
C VAL A 223 -48.82 22.53 -26.81
N GLY A 224 -48.51 21.58 -25.93
CA GLY A 224 -47.26 21.56 -25.12
C GLY A 224 -47.49 22.10 -23.72
N SER A 225 -48.61 22.79 -23.49
CA SER A 225 -49.01 23.32 -22.18
C SER A 225 -49.58 22.19 -21.32
N VAL A 226 -49.52 22.36 -20.00
CA VAL A 226 -50.27 21.53 -19.01
C VAL A 226 -51.05 22.48 -18.13
N VAL A 227 -52.35 22.22 -17.96
CA VAL A 227 -53.23 22.99 -17.03
C VAL A 227 -53.41 22.14 -15.78
N ILE A 228 -53.06 22.71 -14.63
CA ILE A 228 -53.32 22.08 -13.31
C ILE A 228 -54.41 22.92 -12.65
N ARG A 229 -55.45 22.26 -12.16
CA ARG A 229 -56.55 22.97 -11.50
C ARG A 229 -57.11 22.13 -10.37
N ASP A 230 -57.61 22.81 -9.36
CA ASP A 230 -58.42 22.18 -8.29
C ASP A 230 -59.56 21.39 -8.97
N GLY A 231 -59.73 20.13 -8.59
CA GLY A 231 -60.83 19.31 -9.12
C GLY A 231 -62.19 19.90 -8.83
N ARG A 232 -62.28 20.84 -7.87
CA ARG A 232 -63.56 21.49 -7.49
C ARG A 232 -63.77 22.79 -8.29
N LEU A 233 -62.85 23.18 -9.16
CA LEU A 233 -63.01 24.44 -9.94
C LEU A 233 -64.26 24.37 -10.81
N TRP A 234 -65.09 25.42 -10.79
CA TRP A 234 -66.23 25.53 -11.72
C TRP A 234 -65.66 25.74 -13.13
N HIS A 235 -66.17 25.00 -14.11
CA HIS A 235 -65.76 25.12 -15.53
C HIS A 235 -66.88 24.57 -16.41
N ARG A 236 -66.76 24.75 -17.72
CA ARG A 236 -67.65 24.09 -18.70
C ARG A 236 -66.93 23.97 -20.02
N GLY A 237 -67.13 22.83 -20.68
CA GLY A 237 -66.83 22.68 -22.11
C GLY A 237 -67.77 23.57 -22.91
N VAL A 238 -67.27 24.09 -24.02
CA VAL A 238 -68.01 25.04 -24.88
C VAL A 238 -67.99 24.50 -26.31
N PRO A 239 -68.89 25.03 -27.18
CA PRO A 239 -68.96 24.60 -28.57
C PRO A 239 -67.61 24.69 -29.28
N ASN A 240 -67.25 23.59 -29.95
CA ASN A 240 -66.16 23.58 -30.95
C ASN A 240 -66.81 24.02 -32.28
N LEU A 241 -66.48 25.21 -32.75
CA LEU A 241 -67.04 25.81 -33.99
C LEU A 241 -66.06 25.63 -35.17
N SER A 242 -65.02 24.81 -35.02
CA SER A 242 -64.07 24.46 -36.10
C SER A 242 -64.51 23.16 -36.78
N ALA A 243 -63.79 22.70 -37.80
CA ALA A 243 -64.10 21.46 -38.55
C ALA A 243 -63.25 20.29 -38.04
N ALA A 244 -62.49 20.48 -36.95
CA ALA A 244 -61.57 19.45 -36.41
C ALA A 244 -61.89 19.14 -34.94
N PRO A 245 -61.90 17.85 -34.56
CA PRO A 245 -62.08 17.47 -33.16
C PRO A 245 -60.95 18.02 -32.29
N ARG A 246 -61.27 18.44 -31.06
CA ARG A 246 -60.31 19.08 -30.11
C ARG A 246 -60.03 18.08 -28.99
N PRO A 247 -58.94 17.30 -29.07
CA PRO A 247 -58.64 16.28 -28.05
C PRO A 247 -57.91 16.88 -26.84
N LEU A 248 -58.34 16.45 -25.66
CA LEU A 248 -57.72 16.76 -24.36
C LEU A 248 -57.40 15.43 -23.68
N LEU A 249 -56.16 15.27 -23.22
CA LEU A 249 -55.76 14.15 -22.35
C LEU A 249 -55.92 14.63 -20.90
N ALA A 250 -56.56 13.81 -20.06
CA ALA A 250 -56.95 14.20 -18.70
C ALA A 250 -56.35 13.22 -17.68
N MET A 251 -55.69 13.77 -16.66
CA MET A 251 -55.21 13.02 -15.49
C MET A 251 -55.70 13.76 -14.24
N THR A 252 -55.78 13.05 -13.12
CA THR A 252 -56.20 13.65 -11.82
C THR A 252 -55.43 13.00 -10.68
N HIS A 253 -54.70 13.84 -9.95
CA HIS A 253 -53.92 13.45 -8.75
C HIS A 253 -54.84 13.63 -7.55
N TYR A 254 -54.87 12.64 -6.67
CA TYR A 254 -55.70 12.62 -5.44
C TYR A 254 -54.81 12.35 -4.23
N THR A 255 -55.20 12.86 -3.07
CA THR A 255 -54.68 12.39 -1.76
C THR A 255 -54.82 10.86 -1.74
N GLU A 256 -53.90 10.20 -1.06
CA GLU A 256 -53.77 8.73 -0.88
C GLU A 256 -55.10 8.17 -0.40
N TRP A 257 -55.85 8.90 0.43
CA TRP A 257 -57.02 8.36 1.17
C TRP A 257 -58.32 8.53 0.35
N PHE A 258 -58.30 9.16 -0.83
CA PHE A 258 -59.53 9.30 -1.65
C PHE A 258 -59.76 8.03 -2.50
N ASP A 259 -60.92 7.38 -2.31
CA ASP A 259 -61.26 6.10 -2.98
C ASP A 259 -61.48 6.34 -4.47
N MET A 260 -60.71 5.66 -5.30
CA MET A 260 -60.79 5.72 -6.78
C MET A 260 -60.53 4.32 -7.31
N PRO A 261 -61.17 3.91 -8.42
CA PRO A 261 -60.80 2.67 -9.10
C PRO A 261 -59.40 2.90 -9.67
N PRO A 262 -58.59 1.84 -9.82
CA PRO A 262 -57.25 1.99 -10.40
C PRO A 262 -57.32 2.18 -11.91
N ILE A 263 -56.29 2.80 -12.48
CA ILE A 263 -56.03 2.86 -13.94
C ILE A 263 -55.54 1.47 -14.38
N GLN A 264 -56.16 0.90 -15.40
CA GLN A 264 -55.69 -0.35 -16.05
C GLN A 264 -54.48 0.00 -16.92
N LEU A 265 -53.33 -0.60 -16.65
CA LEU A 265 -52.10 -0.42 -17.47
C LEU A 265 -51.54 -1.79 -17.83
N PRO A 266 -50.84 -1.93 -18.98
CA PRO A 266 -50.16 -3.18 -19.31
C PRO A 266 -48.95 -3.38 -18.40
N ASP A 267 -48.61 -4.63 -18.07
CA ASP A 267 -47.49 -4.95 -17.13
C ASP A 267 -46.13 -4.64 -17.80
N THR A 268 -46.12 -4.33 -19.09
CA THR A 268 -44.92 -3.89 -19.85
C THR A 268 -44.46 -2.49 -19.41
N VAL A 269 -45.24 -1.73 -18.62
CA VAL A 269 -44.81 -0.43 -18.04
C VAL A 269 -44.66 -0.55 -16.52
N LYS A 270 -44.97 -1.71 -15.94
CA LYS A 270 -44.91 -1.92 -14.47
C LYS A 270 -43.51 -1.56 -13.95
N SER A 271 -42.44 -1.90 -14.67
CA SER A 271 -41.03 -1.68 -14.23
C SER A 271 -40.80 -0.21 -13.89
N TRP A 272 -41.22 0.74 -14.74
CA TRP A 272 -40.96 2.20 -14.50
C TRP A 272 -42.14 2.88 -13.80
N VAL A 273 -43.38 2.39 -13.92
CA VAL A 273 -44.55 3.01 -13.20
C VAL A 273 -44.51 2.62 -11.72
N ASP A 274 -44.42 1.33 -11.39
CA ASP A 274 -44.56 0.83 -9.99
C ASP A 274 -43.32 1.17 -9.14
N GLY A 275 -42.14 1.36 -9.75
CA GLY A 275 -40.94 1.81 -9.00
C GLY A 275 -41.10 3.20 -8.35
N SER A 276 -41.73 4.13 -9.05
CA SER A 276 -41.57 5.61 -8.92
C SER A 276 -42.03 6.14 -7.56
N ASP A 277 -41.42 7.23 -7.10
CA ASP A 277 -41.92 8.06 -5.96
C ASP A 277 -42.97 9.07 -6.47
N ARG A 278 -43.33 9.01 -7.76
CA ARG A 278 -44.50 9.69 -8.38
C ARG A 278 -45.59 8.63 -8.54
N HIS A 279 -46.46 8.52 -7.54
CA HIS A 279 -47.37 7.36 -7.40
C HIS A 279 -48.51 7.42 -8.45
N THR A 280 -48.91 6.23 -8.88
CA THR A 280 -50.07 5.94 -9.74
C THR A 280 -50.91 4.87 -9.05
N HIS A 281 -52.21 5.07 -8.93
CA HIS A 281 -53.17 4.01 -8.54
C HIS A 281 -53.45 3.18 -9.79
N ALA A 282 -52.68 2.12 -9.98
CA ALA A 282 -52.64 1.32 -11.22
C ALA A 282 -52.94 -0.16 -10.89
N HIS A 283 -53.61 -0.83 -11.81
CA HIS A 283 -53.74 -2.31 -11.87
C HIS A 283 -53.04 -2.75 -13.16
N PHE A 284 -51.99 -3.56 -13.03
CA PHE A 284 -51.14 -4.01 -14.16
C PHE A 284 -51.70 -5.32 -14.71
N VAL A 285 -51.99 -5.33 -16.00
CA VAL A 285 -52.71 -6.40 -16.74
C VAL A 285 -51.69 -7.10 -17.66
N ALA A 286 -51.83 -8.41 -17.86
CA ALA A 286 -51.06 -9.15 -18.88
C ALA A 286 -51.67 -8.82 -20.25
N GLY A 287 -50.84 -8.47 -21.22
CA GLY A 287 -51.26 -8.07 -22.57
C GLY A 287 -51.86 -6.68 -22.61
N ASP A 288 -52.78 -6.46 -23.55
CA ASP A 288 -53.40 -5.15 -23.87
C ASP A 288 -54.65 -4.94 -23.01
N VAL A 289 -54.93 -3.66 -22.72
CA VAL A 289 -56.21 -3.16 -22.17
C VAL A 289 -57.06 -2.68 -23.36
N ASP A 290 -58.36 -3.01 -23.36
CA ASP A 290 -59.32 -2.40 -24.30
C ASP A 290 -59.71 -1.03 -23.72
N HIS A 291 -59.04 0.06 -24.17
CA HIS A 291 -59.27 1.44 -23.69
C HIS A 291 -60.59 1.99 -24.23
N LEU A 292 -61.10 1.49 -25.37
CA LEU A 292 -62.39 1.94 -25.95
C LEU A 292 -63.50 1.02 -25.43
N HIS A 296 -68.67 4.16 -20.02
CA HIS A 296 -67.47 4.81 -19.43
C HIS A 296 -67.80 5.35 -18.04
N PRO A 297 -67.06 4.90 -16.98
CA PRO A 297 -67.36 5.31 -15.61
C PRO A 297 -67.17 6.82 -15.28
N PHE A 298 -66.40 7.58 -16.08
CA PHE A 298 -66.07 9.00 -15.82
C PHE A 298 -66.97 9.97 -16.61
N ALA A 299 -67.79 9.47 -17.55
CA ALA A 299 -68.78 10.27 -18.31
C ALA A 299 -69.97 10.61 -17.39
N VAL A 300 -70.34 11.89 -17.35
CA VAL A 300 -71.44 12.52 -16.58
C VAL A 300 -72.37 13.22 -17.60
N ALA B 18 -62.03 8.65 36.91
CA ALA B 18 -62.56 7.32 37.34
C ALA B 18 -63.97 7.43 37.93
N LEU B 19 -64.99 6.98 37.18
CA LEU B 19 -66.43 7.11 37.52
C LEU B 19 -67.02 5.76 37.93
N ALA B 20 -68.25 5.70 38.44
CA ALA B 20 -68.93 4.44 38.86
C ALA B 20 -69.79 3.90 37.72
N ALA B 21 -70.08 4.71 36.71
CA ALA B 21 -70.98 4.35 35.59
C ALA B 21 -70.76 5.33 34.45
N PRO B 22 -71.25 5.04 33.23
CA PRO B 22 -71.12 5.98 32.11
C PRO B 22 -71.74 7.31 32.51
N PRO B 23 -71.04 8.45 32.34
CA PRO B 23 -71.62 9.74 32.73
C PRO B 23 -72.84 10.05 31.85
N GLY B 24 -73.88 10.62 32.46
CA GLY B 24 -75.14 10.96 31.78
C GLY B 24 -74.90 11.87 30.59
N GLU B 25 -73.89 12.76 30.63
CA GLU B 25 -73.55 13.71 29.54
C GLU B 25 -73.20 12.98 28.24
N LEU B 26 -72.69 11.73 28.33
CA LEU B 26 -72.19 10.96 27.16
C LEU B 26 -73.16 9.82 26.79
N THR B 27 -74.22 9.59 27.55
CA THR B 27 -74.94 8.29 27.58
C THR B 27 -76.41 8.48 27.16
N LEU B 28 -76.89 7.54 26.36
CA LEU B 28 -78.32 7.34 26.04
C LEU B 28 -78.66 5.91 26.45
N ALA B 29 -79.58 5.72 27.40
CA ALA B 29 -80.02 4.39 27.88
C ALA B 29 -81.10 3.86 26.95
N LEU B 30 -80.83 2.73 26.29
CA LEU B 30 -81.76 2.09 25.33
C LEU B 30 -82.11 0.69 25.82
N THR B 31 -83.02 0.02 25.11
CA THR B 31 -83.33 -1.42 25.26
C THR B 31 -83.03 -2.09 23.92
N PRO B 32 -82.88 -3.42 23.88
CA PRO B 32 -82.65 -4.13 22.61
C PRO B 32 -83.83 -4.05 21.61
N ASP B 33 -85.00 -3.64 22.09
CA ASP B 33 -86.23 -3.48 21.25
C ASP B 33 -86.22 -2.15 20.52
N ASP B 34 -85.42 -1.16 20.97
CA ASP B 34 -85.32 0.18 20.33
C ASP B 34 -84.71 0.00 18.95
N LYS B 35 -85.48 0.30 17.90
CA LYS B 35 -85.06 0.14 16.48
C LYS B 35 -84.62 1.50 15.93
N THR B 36 -85.27 2.63 16.29
CA THR B 36 -84.85 3.98 15.83
C THR B 36 -85.14 5.00 16.92
N LEU B 37 -84.28 6.01 17.04
CA LEU B 37 -84.41 7.11 18.02
C LEU B 37 -85.45 8.11 17.50
N ASP B 38 -86.36 8.56 18.36
CA ASP B 38 -87.27 9.70 18.11
C ASP B 38 -86.40 10.92 17.80
N PRO B 39 -86.89 11.91 17.04
CA PRO B 39 -86.04 13.05 16.65
C PRO B 39 -85.31 13.75 17.82
N ALA B 40 -85.92 13.89 18.99
CA ALA B 40 -85.28 14.55 20.17
C ALA B 40 -84.09 13.73 20.68
N SER B 41 -84.23 12.41 20.77
CA SER B 41 -83.16 11.48 21.20
C SER B 41 -82.01 11.53 20.19
N LEU B 42 -82.34 11.46 18.90
CA LEU B 42 -81.34 11.55 17.80
C LEU B 42 -80.58 12.86 17.91
N ASP B 43 -81.26 13.98 18.09
CA ASP B 43 -80.62 15.31 18.23
C ASP B 43 -79.66 15.29 19.42
N ARG B 44 -80.03 14.66 20.54
CA ARG B 44 -79.17 14.60 21.74
C ARG B 44 -77.91 13.74 21.43
N ALA B 45 -78.12 12.58 20.81
CA ALA B 45 -77.06 11.66 20.36
C ALA B 45 -76.04 12.44 19.50
N LEU B 46 -76.49 13.14 18.46
CA LEU B 46 -75.62 13.91 17.54
C LEU B 46 -74.94 15.08 18.27
N ALA B 47 -75.62 15.76 19.20
CA ALA B 47 -75.04 16.87 19.98
C ALA B 47 -73.89 16.34 20.83
N ILE B 48 -74.06 15.16 21.43
CA ILE B 48 -73.00 14.50 22.26
C ILE B 48 -71.79 14.15 21.39
N LEU B 49 -71.99 13.48 20.24
CA LEU B 49 -70.90 13.13 19.31
C LEU B 49 -70.17 14.40 18.83
N ALA B 50 -70.92 15.46 18.46
CA ALA B 50 -70.33 16.72 17.94
C ALA B 50 -69.45 17.34 19.04
N GLU B 51 -69.97 17.43 20.28
CA GLU B 51 -69.28 18.17 21.36
C GLU B 51 -68.16 17.31 21.96
N HIS B 52 -68.48 16.06 22.32
CA HIS B 52 -67.61 15.22 23.17
C HIS B 52 -66.84 14.19 22.31
N GLY B 53 -67.37 13.82 21.15
CA GLY B 53 -66.72 12.86 20.21
C GLY B 53 -66.90 11.41 20.63
N ILE B 54 -67.72 11.17 21.66
CA ILE B 54 -67.97 9.80 22.19
C ILE B 54 -69.38 9.75 22.77
N LEU B 55 -70.09 8.70 22.43
CA LEU B 55 -71.50 8.46 22.80
C LEU B 55 -71.59 7.03 23.30
N VAL B 56 -72.13 6.83 24.50
CA VAL B 56 -72.37 5.47 25.05
C VAL B 56 -73.86 5.16 24.97
N LEU B 57 -74.22 4.09 24.25
CA LEU B 57 -75.60 3.58 24.15
C LEU B 57 -75.68 2.29 24.94
N THR B 58 -76.27 2.32 26.13
CA THR B 58 -76.42 1.15 27.03
C THR B 58 -77.64 0.34 26.63
N GLY B 59 -77.60 -0.97 26.84
CA GLY B 59 -78.77 -1.87 26.72
C GLY B 59 -79.21 -2.08 25.28
N MET B 60 -78.31 -2.06 24.30
CA MET B 60 -78.64 -2.18 22.88
C MET B 60 -78.64 -3.63 22.40
N LEU B 61 -77.72 -4.47 22.88
CA LEU B 61 -77.55 -5.83 22.32
C LEU B 61 -78.01 -6.88 23.32
N ARG B 62 -78.76 -7.88 22.84
CA ARG B 62 -79.24 -9.03 23.64
C ARG B 62 -78.04 -9.84 24.14
N THR B 63 -78.14 -10.38 25.34
CA THR B 63 -77.06 -11.18 25.99
C THR B 63 -76.80 -12.43 25.12
N ARG B 64 -77.82 -12.92 24.42
CA ARG B 64 -77.71 -14.07 23.46
C ARG B 64 -76.57 -13.80 22.45
N LEU B 65 -76.47 -12.57 21.93
CA LEU B 65 -75.50 -12.22 20.85
C LEU B 65 -74.13 -12.03 21.48
N THR B 66 -74.03 -11.24 22.55
CA THR B 66 -72.73 -10.93 23.20
C THR B 66 -72.15 -12.20 23.82
N ASP B 67 -72.99 -13.11 24.35
CA ASP B 67 -72.53 -14.43 24.89
C ASP B 67 -71.80 -15.22 23.80
N GLN B 68 -72.39 -15.33 22.61
CA GLN B 68 -71.82 -16.15 21.50
C GLN B 68 -70.51 -15.52 21.03
N LEU B 69 -70.48 -14.19 20.87
CA LEU B 69 -69.28 -13.48 20.36
C LEU B 69 -68.15 -13.60 21.40
N ARG B 70 -68.46 -13.41 22.69
CA ARG B 70 -67.49 -13.56 23.80
C ARG B 70 -66.88 -14.97 23.76
N THR B 71 -67.73 -15.99 23.70
CA THR B 71 -67.33 -17.43 23.71
C THR B 71 -66.42 -17.69 22.49
N ALA B 72 -66.83 -17.24 21.31
CA ALA B 72 -66.10 -17.51 20.04
C ALA B 72 -64.70 -16.89 20.11
N MET B 73 -64.57 -15.69 20.67
CA MET B 73 -63.27 -14.97 20.70
C MET B 73 -62.37 -15.61 21.77
N LEU B 74 -62.90 -15.95 22.95
CA LEU B 74 -62.13 -16.68 23.99
C LEU B 74 -61.67 -18.04 23.41
N ASP B 75 -62.53 -18.76 22.66
CA ASP B 75 -62.17 -20.07 22.05
C ASP B 75 -61.05 -19.88 21.02
N ASP B 76 -61.00 -18.75 20.32
CA ASP B 76 -60.02 -18.47 19.24
C ASP B 76 -58.68 -18.00 19.82
N LEU B 77 -58.66 -17.55 21.07
CA LEU B 77 -57.48 -16.86 21.64
C LEU B 77 -56.25 -17.76 21.61
N PRO B 78 -56.35 -19.07 21.90
CA PRO B 78 -55.18 -19.96 21.80
C PRO B 78 -54.54 -19.92 20.41
N GLU B 79 -55.35 -19.92 19.35
CA GLU B 79 -54.84 -19.92 17.95
C GLU B 79 -54.12 -18.60 17.69
N VAL B 80 -54.62 -17.49 18.23
CA VAL B 80 -53.97 -16.15 18.10
C VAL B 80 -52.62 -16.17 18.83
N LEU B 81 -52.56 -16.74 20.03
CA LEU B 81 -51.35 -16.65 20.90
C LEU B 81 -50.27 -17.62 20.41
N ARG B 82 -50.68 -18.61 19.61
CA ARG B 82 -49.81 -19.67 19.02
C ARG B 82 -49.04 -19.12 17.80
N GLN B 83 -49.44 -17.97 17.23
CA GLN B 83 -48.77 -17.32 16.06
C GLN B 83 -47.31 -17.00 16.43
N GLN B 84 -46.43 -16.98 15.42
CA GLN B 84 -44.96 -16.76 15.62
C GLN B 84 -44.74 -15.34 16.14
N ASP B 85 -45.41 -14.36 15.55
CA ASP B 85 -45.49 -12.97 16.06
C ASP B 85 -46.96 -12.64 16.37
N VAL B 86 -47.29 -12.42 17.65
CA VAL B 86 -48.65 -12.06 18.12
C VAL B 86 -48.89 -10.58 17.84
N PRO B 87 -49.88 -10.23 17.00
CA PRO B 87 -50.16 -8.84 16.67
C PRO B 87 -50.63 -8.12 17.93
N THR B 88 -49.96 -7.02 18.26
CA THR B 88 -50.09 -6.29 19.54
C THR B 88 -50.34 -4.82 19.21
N ASN B 89 -51.19 -4.14 19.99
CA ASN B 89 -51.43 -2.68 19.85
C ASN B 89 -50.54 -1.94 20.84
N PHE B 90 -49.37 -1.51 20.35
CA PHE B 90 -48.38 -0.62 21.01
C PHE B 90 -47.57 -1.35 22.09
N VAL B 91 -48.20 -2.07 23.00
CA VAL B 91 -47.55 -2.59 24.23
C VAL B 91 -48.11 -3.97 24.55
N PRO B 92 -47.37 -4.80 25.32
CA PRO B 92 -47.83 -6.14 25.69
C PRO B 92 -49.23 -6.20 26.32
N GLY B 93 -49.99 -7.24 25.94
CA GLY B 93 -51.29 -7.60 26.53
C GLY B 93 -52.48 -7.06 25.73
N HIS B 94 -52.28 -6.16 24.78
CA HIS B 94 -53.34 -5.60 23.91
C HIS B 94 -53.24 -6.30 22.56
N VAL B 95 -53.94 -7.42 22.41
CA VAL B 95 -53.81 -8.30 21.23
C VAL B 95 -54.88 -7.91 20.21
N GLN B 96 -54.50 -7.77 18.93
CA GLN B 96 -55.46 -7.57 17.83
C GLN B 96 -56.02 -8.94 17.47
N GLN B 97 -57.33 -9.08 17.52
CA GLN B 97 -58.02 -10.35 17.22
C GLN B 97 -59.35 -10.05 16.51
N ASP B 98 -59.47 -10.51 15.27
CA ASP B 98 -60.71 -10.45 14.47
C ASP B 98 -61.68 -11.49 15.02
N PRO B 99 -62.96 -11.13 15.24
CA PRO B 99 -63.97 -12.12 15.54
C PRO B 99 -64.25 -12.96 14.29
N PRO B 100 -64.85 -14.15 14.46
CA PRO B 100 -65.16 -15.02 13.34
C PRO B 100 -66.14 -14.36 12.37
N VAL B 101 -65.98 -14.67 11.09
CA VAL B 101 -66.93 -14.31 10.00
C VAL B 101 -67.57 -15.61 9.48
N ARG B 102 -67.87 -16.55 10.36
CA ARG B 102 -68.77 -17.70 10.08
C ARG B 102 -70.20 -17.17 10.09
N GLU B 103 -71.07 -17.71 9.22
CA GLU B 103 -72.48 -17.28 9.06
C GLU B 103 -73.18 -17.31 10.42
N SER B 104 -72.91 -18.31 11.26
CA SER B 104 -73.62 -18.55 12.55
C SER B 104 -73.26 -17.47 13.58
N LEU B 105 -72.19 -16.69 13.37
CA LEU B 105 -71.73 -15.64 14.32
C LEU B 105 -71.78 -14.25 13.67
N LEU B 106 -72.43 -14.10 12.51
CA LEU B 106 -72.64 -12.81 11.83
C LEU B 106 -74.10 -12.41 12.02
N PHE B 107 -74.34 -11.43 12.90
CA PHE B 107 -75.68 -11.04 13.37
C PHE B 107 -76.06 -9.69 12.80
N PRO B 108 -77.21 -9.58 12.10
CA PRO B 108 -77.69 -8.29 11.60
C PRO B 108 -77.68 -7.19 12.68
N ASP B 109 -78.05 -7.51 13.91
CA ASP B 109 -78.14 -6.51 15.02
C ASP B 109 -76.75 -6.03 15.44
N VAL B 110 -75.67 -6.73 15.04
CA VAL B 110 -74.27 -6.28 15.29
C VAL B 110 -73.72 -5.58 14.05
N LEU B 111 -73.73 -6.21 12.87
CA LEU B 111 -73.13 -5.63 11.64
C LEU B 111 -73.98 -4.45 11.12
N LEU B 112 -75.31 -4.55 11.20
CA LEU B 112 -76.28 -3.65 10.53
C LEU B 112 -77.29 -3.13 11.56
N ASN B 113 -76.79 -2.66 12.69
CA ASN B 113 -77.65 -2.20 13.79
C ASN B 113 -78.42 -0.96 13.33
N PRO B 114 -79.77 -0.95 13.42
CA PRO B 114 -80.55 0.17 12.91
C PRO B 114 -80.28 1.49 13.66
N VAL B 115 -80.04 1.46 14.98
CA VAL B 115 -79.75 2.69 15.77
C VAL B 115 -78.35 3.23 15.38
N VAL B 116 -77.36 2.34 15.23
CA VAL B 116 -75.96 2.76 14.90
C VAL B 116 -76.00 3.48 13.55
N TYR B 117 -76.59 2.84 12.54
CA TYR B 117 -76.67 3.39 11.15
C TYR B 117 -77.56 4.63 11.11
N GLN B 118 -78.59 4.72 11.95
CA GLN B 118 -79.38 5.99 12.07
C GLN B 118 -78.40 7.11 12.43
N ILE B 119 -77.53 6.88 13.42
CA ILE B 119 -76.55 7.90 13.88
C ILE B 119 -75.48 8.14 12.80
N THR B 120 -74.89 7.08 12.24
CA THR B 120 -73.78 7.25 11.28
C THR B 120 -74.30 7.87 9.98
N HIS B 121 -75.52 7.55 9.54
CA HIS B 121 -76.15 8.15 8.34
C HIS B 121 -76.31 9.66 8.56
N ALA B 122 -76.73 10.08 9.75
CA ALA B 122 -76.96 11.51 10.06
C ALA B 122 -75.62 12.25 10.09
N VAL B 123 -74.52 11.61 10.52
CA VAL B 123 -73.21 12.29 10.65
C VAL B 123 -72.44 12.19 9.33
N LEU B 124 -72.39 11.02 8.71
CA LEU B 124 -71.47 10.72 7.60
C LEU B 124 -72.18 10.65 6.23
N GLY B 125 -73.52 10.61 6.22
CA GLY B 125 -74.33 10.50 4.99
C GLY B 125 -74.88 9.10 4.77
N ALA B 126 -75.88 8.97 3.88
CA ALA B 126 -76.63 7.73 3.62
C ALA B 126 -75.72 6.69 2.96
N ASP B 127 -74.60 7.13 2.38
CA ASP B 127 -73.61 6.25 1.68
C ASP B 127 -72.45 5.86 2.62
N ALA B 128 -72.49 6.23 3.90
CA ALA B 128 -71.48 5.80 4.89
C ALA B 128 -71.44 4.28 4.93
N ARG B 129 -70.28 3.68 5.16
CA ARG B 129 -70.13 2.22 5.04
C ARG B 129 -69.22 1.70 6.16
N ASN B 130 -69.62 0.59 6.76
CA ASN B 130 -68.75 -0.17 7.67
C ASN B 130 -67.63 -0.80 6.83
N ALA B 131 -66.37 -0.62 7.24
CA ALA B 131 -65.21 -1.22 6.56
C ALA B 131 -64.26 -1.88 7.57
N VAL B 132 -64.71 -2.14 8.78
CA VAL B 132 -63.87 -2.86 9.80
C VAL B 132 -64.76 -3.84 10.57
N TYR B 133 -64.25 -5.04 10.73
CA TYR B 133 -64.84 -6.10 11.59
C TYR B 133 -63.68 -6.78 12.30
N SER B 134 -63.25 -6.16 13.38
CA SER B 134 -62.03 -6.56 14.12
C SER B 134 -62.32 -6.59 15.62
N GLY B 135 -61.26 -6.63 16.42
CA GLY B 135 -61.40 -6.75 17.88
C GLY B 135 -60.09 -6.54 18.60
N ASN B 136 -60.18 -6.28 19.89
CA ASN B 136 -59.08 -5.86 20.79
C ASN B 136 -59.23 -6.75 22.03
N MET B 137 -58.34 -7.74 22.21
CA MET B 137 -58.37 -8.64 23.36
C MET B 137 -57.33 -8.15 24.38
N ASN B 138 -57.81 -7.60 25.49
CA ASN B 138 -56.99 -7.00 26.57
C ASN B 138 -56.73 -8.09 27.63
N LEU B 139 -55.50 -8.63 27.66
CA LEU B 139 -55.13 -9.79 28.52
C LEU B 139 -54.83 -9.34 29.94
N PRO B 140 -55.09 -10.19 30.97
CA PRO B 140 -54.61 -9.91 32.32
C PRO B 140 -53.12 -9.56 32.32
N GLY B 141 -52.74 -8.49 33.06
CA GLY B 141 -51.34 -8.04 33.22
C GLY B 141 -50.89 -7.20 32.06
N SER B 142 -51.82 -6.71 31.23
CA SER B 142 -51.48 -5.88 30.04
C SER B 142 -50.82 -4.57 30.50
N HIS B 143 -50.06 -3.93 29.63
CA HIS B 143 -49.35 -2.65 29.92
C HIS B 143 -50.23 -1.46 29.55
N GLU B 144 -49.76 -0.24 29.85
CA GLU B 144 -50.43 1.05 29.56
C GLU B 144 -50.12 1.46 28.11
N GLN B 145 -51.11 1.66 27.25
CA GLN B 145 -50.89 2.14 25.86
C GLN B 145 -50.59 3.63 25.90
N PRO B 146 -49.85 4.19 24.92
CA PRO B 146 -49.79 5.64 24.77
C PRO B 146 -51.15 6.14 24.27
N VAL B 147 -51.49 7.37 24.59
CA VAL B 147 -52.69 8.05 24.08
C VAL B 147 -52.51 8.27 22.58
N HIS B 148 -53.52 7.89 21.78
CA HIS B 148 -53.44 7.92 20.30
C HIS B 148 -54.85 8.12 19.72
N LEU B 149 -54.91 8.33 18.41
CA LEU B 149 -56.18 8.22 17.64
C LEU B 149 -56.05 7.01 16.70
N ASP B 150 -57.18 6.36 16.41
CA ASP B 150 -57.29 5.20 15.50
C ASP B 150 -57.25 5.68 14.05
N GLU B 151 -57.74 6.88 13.76
CA GLU B 151 -57.76 7.41 12.36
C GLU B 151 -57.33 8.86 12.43
N PRO B 152 -56.40 9.27 11.54
CA PRO B 152 -55.86 10.63 11.58
C PRO B 152 -56.85 11.66 11.00
N HIS B 153 -56.55 12.92 11.27
CA HIS B 153 -57.05 14.07 10.50
C HIS B 153 -56.51 13.93 9.06
N LEU B 154 -57.24 14.45 8.08
CA LEU B 154 -57.00 14.24 6.63
C LEU B 154 -56.00 15.25 6.09
N TRP B 155 -55.83 16.38 6.76
CA TRP B 155 -54.75 17.34 6.46
C TRP B 155 -54.16 17.84 7.77
N PRO B 156 -52.83 18.07 7.83
CA PRO B 156 -52.22 18.58 9.06
C PRO B 156 -52.64 20.04 9.27
N GLY B 157 -52.88 20.45 10.54
CA GLY B 157 -53.14 21.86 10.89
C GLY B 157 -54.52 22.35 10.49
N ILE B 158 -55.43 21.47 10.07
CA ILE B 158 -56.75 21.85 9.49
C ILE B 158 -57.87 21.28 10.36
N SER B 159 -58.89 22.09 10.59
CA SER B 159 -60.17 21.71 11.23
C SER B 159 -61.14 21.21 10.16
N HIS B 160 -61.66 20.00 10.27
CA HIS B 160 -62.67 19.46 9.32
C HIS B 160 -63.63 18.54 10.09
N PRO B 161 -64.83 18.27 9.54
CA PRO B 161 -65.80 17.40 10.20
C PRO B 161 -65.39 15.94 10.19
N PRO B 162 -66.15 15.08 10.89
CA PRO B 162 -65.88 13.66 10.92
C PRO B 162 -65.96 13.02 9.55
N TYR B 163 -65.14 12.01 9.30
CA TYR B 163 -65.23 11.12 8.12
C TYR B 163 -65.33 9.67 8.58
N CYS B 164 -65.21 9.37 9.87
CA CYS B 164 -65.32 7.99 10.40
C CYS B 164 -65.80 7.97 11.84
N LEU B 165 -66.59 6.96 12.18
CA LEU B 165 -67.13 6.72 13.53
C LEU B 165 -66.80 5.28 13.90
N CYS B 166 -65.94 5.11 14.91
CA CYS B 166 -65.68 3.80 15.53
C CYS B 166 -66.94 3.35 16.29
N VAL B 167 -67.27 2.08 16.14
CA VAL B 167 -68.43 1.43 16.81
C VAL B 167 -67.86 0.27 17.62
N ASP B 168 -67.76 0.44 18.93
CA ASP B 168 -67.07 -0.48 19.86
C ASP B 168 -68.13 -1.27 20.64
N VAL B 169 -68.02 -2.59 20.64
CA VAL B 169 -68.98 -3.50 21.33
C VAL B 169 -68.25 -4.31 22.40
N PRO B 170 -68.34 -3.91 23.68
CA PRO B 170 -67.77 -4.69 24.76
C PRO B 170 -68.44 -6.07 24.82
N LEU B 171 -67.66 -7.13 25.01
CA LEU B 171 -68.23 -8.50 25.03
C LEU B 171 -68.27 -9.08 26.45
N ILE B 172 -67.85 -8.29 27.44
CA ILE B 172 -68.09 -8.53 28.90
C ILE B 172 -68.32 -7.17 29.50
N ASP B 173 -68.80 -7.11 30.75
CA ASP B 173 -68.85 -5.87 31.55
C ASP B 173 -67.43 -5.31 31.60
N PHE B 174 -67.25 -4.08 31.14
CA PHE B 174 -65.97 -3.35 31.26
C PHE B 174 -66.02 -2.62 32.60
N THR B 175 -64.95 -2.68 33.37
CA THR B 175 -64.82 -2.07 34.71
C THR B 175 -63.50 -1.29 34.74
N LEU B 176 -63.33 -0.44 35.76
CA LEU B 176 -62.04 0.27 35.99
C LEU B 176 -60.91 -0.75 36.20
N GLU B 177 -61.22 -1.93 36.71
CA GLU B 177 -60.25 -2.99 37.03
C GLU B 177 -59.81 -3.73 35.75
N ASN B 178 -60.72 -4.05 34.81
CA ASN B 178 -60.42 -5.01 33.71
C ASN B 178 -60.10 -4.30 32.38
N GLY B 179 -59.88 -2.99 32.40
CA GLY B 179 -59.31 -2.26 31.26
C GLY B 179 -60.33 -1.48 30.43
N SER B 180 -61.39 -0.96 31.05
CA SER B 180 -62.29 0.01 30.39
C SER B 180 -61.43 1.14 29.78
N THR B 181 -61.61 1.44 28.51
CA THR B 181 -60.77 2.41 27.75
C THR B 181 -60.81 3.80 28.38
N GLU B 182 -59.69 4.50 28.39
CA GLU B 182 -59.59 5.94 28.72
C GLU B 182 -59.91 6.74 27.46
N TYR B 183 -60.88 7.65 27.57
CA TYR B 183 -61.35 8.52 26.47
C TYR B 183 -61.03 9.97 26.82
N TRP B 184 -60.68 10.78 25.84
CA TRP B 184 -60.41 12.24 26.00
C TRP B 184 -61.53 13.04 25.35
N PRO B 185 -62.56 13.45 26.14
CA PRO B 185 -63.72 14.13 25.56
C PRO B 185 -63.30 15.41 24.83
N GLY B 186 -63.88 15.60 23.64
CA GLY B 186 -63.69 16.81 22.82
C GLY B 186 -62.38 16.82 22.06
N SER B 187 -61.57 15.76 22.16
CA SER B 187 -60.20 15.71 21.58
C SER B 187 -60.27 15.45 20.07
N HIS B 188 -61.43 15.05 19.55
CA HIS B 188 -61.63 14.67 18.14
C HIS B 188 -61.48 15.87 17.20
N VAL B 189 -61.59 17.11 17.69
CA VAL B 189 -61.51 18.33 16.85
C VAL B 189 -60.09 18.92 16.87
N LEU B 190 -59.17 18.38 17.67
CA LEU B 190 -57.84 19.00 17.86
C LEU B 190 -56.91 18.55 16.74
N ASN B 191 -56.34 19.47 15.96
CA ASN B 191 -55.37 19.08 14.92
C ASN B 191 -54.33 20.19 14.72
N PRO B 192 -53.63 20.63 15.77
CA PRO B 192 -52.56 21.63 15.60
C PRO B 192 -51.36 20.95 14.91
N ASP B 193 -50.47 21.74 14.32
CA ASP B 193 -49.21 21.25 13.70
C ASP B 193 -48.40 20.52 14.77
N GLU B 194 -47.69 19.45 14.39
CA GLU B 194 -46.73 18.72 15.27
C GLU B 194 -47.47 18.10 16.45
N CYS B 195 -48.66 17.54 16.23
CA CYS B 195 -49.53 16.99 17.31
C CYS B 195 -49.42 15.46 17.36
N TYR B 196 -49.18 14.82 16.21
CA TYR B 196 -49.29 13.36 16.02
C TYR B 196 -47.98 12.85 15.41
N ASP B 197 -47.53 11.68 15.85
CA ASP B 197 -46.38 10.95 15.23
C ASP B 197 -46.93 9.96 14.19
N GLU B 198 -46.04 9.19 13.58
CA GLU B 198 -46.35 8.27 12.45
C GLU B 198 -47.26 7.12 12.93
N ARG B 199 -47.40 6.88 14.23
CA ARG B 199 -48.28 5.79 14.75
C ARG B 199 -49.61 6.36 15.27
N GLY B 200 -49.87 7.66 15.06
CA GLY B 200 -51.10 8.33 15.55
C GLY B 200 -51.09 8.54 17.05
N CYS B 201 -49.90 8.51 17.68
CA CYS B 201 -49.73 8.86 19.11
C CYS B 201 -49.70 10.38 19.26
N VAL B 202 -50.29 10.87 20.34
CA VAL B 202 -50.35 12.32 20.66
C VAL B 202 -49.01 12.71 21.29
N LEU B 203 -48.39 13.77 20.76
CA LEU B 203 -47.09 14.26 21.24
C LEU B 203 -47.30 14.76 22.68
N PRO B 204 -46.38 14.43 23.61
CA PRO B 204 -46.60 14.64 25.04
C PRO B 204 -46.94 16.09 25.42
N ALA B 205 -46.33 17.06 24.72
CA ALA B 205 -46.57 18.50 24.97
C ALA B 205 -48.06 18.82 24.74
N GLU B 206 -48.64 18.30 23.65
CA GLU B 206 -50.07 18.53 23.30
C GLU B 206 -50.94 17.76 24.29
N LEU B 207 -50.51 16.56 24.75
CA LEU B 207 -51.27 15.81 25.77
C LEU B 207 -51.49 16.70 26.99
N GLU B 208 -50.39 17.28 27.52
CA GLU B 208 -50.43 18.01 28.81
C GLU B 208 -51.21 19.32 28.64
N ARG B 209 -51.04 20.04 27.54
CA ARG B 209 -51.82 21.26 27.22
C ARG B 209 -53.31 20.92 27.28
N ARG B 210 -53.71 19.83 26.64
CA ARG B 210 -55.13 19.41 26.57
C ARG B 210 -55.60 18.99 27.98
N ARG B 211 -54.78 18.24 28.72
CA ARG B 211 -55.17 17.71 30.06
C ARG B 211 -55.60 18.85 30.98
N ALA B 212 -54.96 20.02 30.88
CA ALA B 212 -55.22 21.20 31.73
C ALA B 212 -56.63 21.78 31.45
N VAL B 213 -57.15 21.63 30.23
CA VAL B 213 -58.44 22.20 29.76
C VAL B 213 -59.56 21.15 29.90
N ALA B 214 -59.31 19.89 29.54
CA ALA B 214 -60.31 18.82 29.48
C ALA B 214 -59.65 17.47 29.76
N PRO B 215 -59.49 17.10 31.05
CA PRO B 215 -58.84 15.84 31.39
C PRO B 215 -59.63 14.64 30.89
N PRO B 216 -58.99 13.48 30.68
CA PRO B 216 -59.66 12.28 30.22
C PRO B 216 -60.61 11.68 31.27
N VAL B 217 -61.44 10.73 30.85
CA VAL B 217 -62.38 9.97 31.73
C VAL B 217 -62.25 8.47 31.48
N ARG B 218 -62.58 7.67 32.49
CA ARG B 218 -62.68 6.20 32.39
C ARG B 218 -63.87 5.79 33.25
N PHE B 219 -64.65 4.86 32.76
CA PHE B 219 -65.91 4.46 33.43
C PHE B 219 -66.23 3.03 33.04
N PRO B 220 -66.93 2.30 33.91
CA PRO B 220 -67.51 1.01 33.57
C PRO B 220 -68.50 1.18 32.41
N ILE B 221 -68.56 0.17 31.55
CA ILE B 221 -69.53 0.06 30.43
C ILE B 221 -70.11 -1.35 30.50
N PRO B 222 -71.42 -1.49 30.77
CA PRO B 222 -72.05 -2.81 30.85
C PRO B 222 -72.12 -3.50 29.48
N VAL B 223 -71.92 -4.82 29.45
CA VAL B 223 -72.08 -5.64 28.22
C VAL B 223 -73.50 -5.41 27.69
N GLY B 224 -73.67 -5.37 26.38
CA GLY B 224 -74.94 -4.93 25.76
C GLY B 224 -74.80 -3.53 25.23
N SER B 225 -73.80 -2.78 25.67
CA SER B 225 -73.59 -1.37 25.28
C SER B 225 -72.94 -1.33 23.89
N VAL B 226 -73.16 -0.22 23.17
CA VAL B 226 -72.37 0.14 21.96
C VAL B 226 -71.82 1.54 22.20
N VAL B 227 -70.52 1.71 22.02
CA VAL B 227 -69.83 3.03 22.09
C VAL B 227 -69.59 3.48 20.65
N ILE B 228 -70.09 4.65 20.31
CA ILE B 228 -69.85 5.29 19.00
C ILE B 228 -68.98 6.50 19.27
N ARG B 229 -67.89 6.62 18.54
CA ARG B 229 -66.95 7.73 18.79
C ARG B 229 -66.30 8.13 17.47
N ASP B 230 -65.96 9.40 17.38
CA ASP B 230 -65.13 9.92 16.27
C ASP B 230 -63.86 9.08 16.20
N GLY B 231 -63.51 8.59 15.01
CA GLY B 231 -62.27 7.82 14.81
C GLY B 231 -61.04 8.62 15.19
N ARG B 232 -61.16 9.95 15.30
CA ARG B 232 -60.03 10.84 15.65
C ARG B 232 -59.95 11.07 17.18
N LEU B 233 -60.86 10.52 17.97
CA LEU B 233 -60.87 10.75 19.43
C LEU B 233 -59.58 10.22 20.05
N TRP B 234 -58.94 11.01 20.91
CA TRP B 234 -57.78 10.53 21.71
C TRP B 234 -58.29 9.52 22.74
N HIS B 235 -57.62 8.38 22.85
CA HIS B 235 -57.96 7.33 23.83
C HIS B 235 -56.72 6.45 24.09
N ARG B 236 -56.79 5.58 25.08
CA ARG B 236 -55.77 4.52 25.28
C ARG B 236 -56.37 3.35 26.03
N GLY B 237 -55.98 2.15 25.60
CA GLY B 237 -56.12 0.92 26.40
C GLY B 237 -55.27 1.01 27.66
N VAL B 238 -55.78 0.43 28.73
CA VAL B 238 -55.14 0.46 30.07
C VAL B 238 -55.04 -0.97 30.59
N PRO B 239 -54.20 -1.19 31.63
CA PRO B 239 -53.98 -2.53 32.19
C PRO B 239 -55.31 -3.20 32.59
N ASN B 240 -55.46 -4.44 32.17
CA ASN B 240 -56.48 -5.38 32.69
C ASN B 240 -55.89 -6.06 33.94
N LEU B 241 -56.39 -5.69 35.11
CA LEU B 241 -55.90 -6.22 36.42
C LEU B 241 -56.90 -7.25 36.97
N SER B 242 -57.76 -7.82 36.14
CA SER B 242 -58.65 -8.96 36.49
C SER B 242 -58.00 -10.27 36.07
N ALA B 243 -58.67 -11.39 36.32
CA ALA B 243 -58.22 -12.78 36.04
C ALA B 243 -58.67 -13.24 34.64
N ALA B 244 -59.42 -12.42 33.90
CA ALA B 244 -60.08 -12.84 32.64
C ALA B 244 -59.73 -11.86 31.52
N PRO B 245 -59.48 -12.37 30.29
CA PRO B 245 -59.33 -11.51 29.11
C PRO B 245 -60.58 -10.67 28.87
N ARG B 246 -60.40 -9.42 28.44
CA ARG B 246 -61.47 -8.41 28.21
C ARG B 246 -61.62 -8.21 26.70
N PRO B 247 -62.55 -8.93 26.03
CA PRO B 247 -62.72 -8.81 24.59
C PRO B 247 -63.61 -7.61 24.19
N LEU B 248 -63.19 -6.91 23.14
CA LEU B 248 -63.94 -5.83 22.46
C LEU B 248 -64.07 -6.18 20.98
N LEU B 249 -65.29 -6.12 20.45
CA LEU B 249 -65.53 -6.22 18.99
C LEU B 249 -65.56 -4.78 18.45
N ALA B 250 -64.87 -4.53 17.35
CA ALA B 250 -64.62 -3.19 16.80
C ALA B 250 -65.11 -3.10 15.35
N MET B 251 -65.90 -2.09 15.04
CA MET B 251 -66.33 -1.73 13.67
C MET B 251 -66.06 -0.24 13.47
N THR B 252 -65.94 0.19 12.21
CA THR B 252 -65.70 1.61 11.89
C THR B 252 -66.43 1.95 10.60
N HIS B 253 -67.34 2.92 10.69
CA HIS B 253 -68.10 3.47 9.56
C HIS B 253 -67.32 4.64 9.00
N TYR B 254 -67.18 4.70 7.68
CA TYR B 254 -66.45 5.76 6.94
C TYR B 254 -67.39 6.37 5.90
N THR B 255 -67.15 7.63 5.55
CA THR B 255 -67.71 8.24 4.33
C THR B 255 -67.36 7.32 3.15
N GLU B 256 -68.22 7.30 2.14
CA GLU B 256 -68.11 6.50 0.90
C GLU B 256 -66.76 6.76 0.24
N TRP B 257 -66.22 7.97 0.35
CA TRP B 257 -65.03 8.40 -0.44
C TRP B 257 -63.72 8.09 0.29
N PHE B 258 -63.73 7.56 1.51
CA PHE B 258 -62.48 7.20 2.24
C PHE B 258 -62.01 5.79 1.81
N ASP B 259 -60.79 5.70 1.27
CA ASP B 259 -60.24 4.42 0.74
C ASP B 259 -59.97 3.44 1.89
N MET B 260 -60.62 2.28 1.86
CA MET B 260 -60.40 1.18 2.82
C MET B 260 -60.39 -0.15 2.05
N PRO B 261 -59.61 -1.16 2.49
CA PRO B 261 -59.75 -2.50 1.93
C PRO B 261 -61.11 -3.03 2.40
N PRO B 262 -61.75 -3.92 1.62
CA PRO B 262 -63.05 -4.48 2.01
C PRO B 262 -62.89 -5.52 3.13
N ILE B 263 -63.96 -5.72 3.90
CA ILE B 263 -64.13 -6.84 4.86
C ILE B 263 -64.38 -8.10 4.05
N GLN B 264 -63.60 -9.15 4.26
CA GLN B 264 -63.81 -10.48 3.63
C GLN B 264 -64.94 -11.17 4.40
N LEU B 265 -66.04 -11.50 3.72
CA LEU B 265 -67.20 -12.21 4.33
C LEU B 265 -67.54 -13.43 3.47
N PRO B 266 -68.11 -14.51 4.04
CA PRO B 266 -68.56 -15.66 3.26
C PRO B 266 -69.81 -15.24 2.45
N ASP B 267 -70.00 -15.82 1.26
CA ASP B 267 -71.13 -15.44 0.36
C ASP B 267 -72.47 -15.95 0.94
N THR B 268 -72.43 -16.77 2.00
CA THR B 268 -73.62 -17.26 2.73
C THR B 268 -74.30 -16.12 3.52
N VAL B 269 -73.71 -14.91 3.63
CA VAL B 269 -74.39 -13.72 4.23
C VAL B 269 -74.61 -12.65 3.17
N LYS B 270 -74.19 -12.89 1.93
CA LYS B 270 -74.32 -11.89 0.84
C LYS B 270 -75.79 -11.45 0.70
N SER B 271 -76.76 -12.38 0.83
CA SER B 271 -78.21 -12.09 0.61
C SER B 271 -78.66 -10.93 1.51
N TRP B 272 -78.32 -10.94 2.81
CA TRP B 272 -78.81 -9.89 3.75
C TRP B 272 -77.79 -8.75 3.92
N VAL B 273 -76.49 -8.98 3.70
CA VAL B 273 -75.48 -7.87 3.79
C VAL B 273 -75.58 -6.98 2.54
N ASP B 274 -75.50 -7.55 1.34
CA ASP B 274 -75.40 -6.75 0.08
C ASP B 274 -76.72 -6.08 -0.28
N GLY B 275 -77.87 -6.59 0.16
CA GLY B 275 -79.17 -5.93 -0.06
C GLY B 275 -79.28 -4.55 0.60
N SER B 276 -78.73 -4.39 1.82
CA SER B 276 -79.13 -3.40 2.85
C SER B 276 -78.85 -1.95 2.41
N ASP B 277 -79.66 -1.00 2.92
CA ASP B 277 -79.37 0.44 2.85
C ASP B 277 -78.43 0.86 4.02
N ARG B 278 -78.00 -0.10 4.83
CA ARG B 278 -76.88 0.03 5.81
C ARG B 278 -75.64 -0.61 5.20
N HIS B 279 -74.83 0.20 4.54
CA HIS B 279 -73.77 -0.28 3.62
C HIS B 279 -72.59 -0.87 4.40
N THR B 280 -71.99 -1.90 3.80
CA THR B 280 -70.73 -2.55 4.23
C THR B 280 -69.80 -2.59 3.01
N HIS B 281 -68.55 -2.17 3.16
CA HIS B 281 -67.49 -2.38 2.14
C HIS B 281 -67.00 -3.82 2.30
N ALA B 282 -67.60 -4.73 1.56
CA ALA B 282 -67.46 -6.19 1.73
C ALA B 282 -66.98 -6.83 0.42
N HIS B 283 -66.16 -7.86 0.54
CA HIS B 283 -65.81 -8.81 -0.56
C HIS B 283 -66.34 -10.18 -0.13
N PHE B 284 -67.26 -10.75 -0.92
CA PHE B 284 -67.94 -12.04 -0.61
C PHE B 284 -67.13 -13.19 -1.24
N VAL B 285 -66.74 -14.15 -0.40
CA VAL B 285 -65.83 -15.28 -0.73
C VAL B 285 -66.67 -16.57 -0.78
N ALA B 286 -66.34 -17.48 -1.69
CA ALA B 286 -66.91 -18.85 -1.73
C ALA B 286 -66.26 -19.65 -0.60
N GLY B 287 -67.07 -20.34 0.21
CA GLY B 287 -66.58 -21.11 1.36
C GLY B 287 -66.20 -20.22 2.53
N ASP B 288 -65.23 -20.65 3.33
CA ASP B 288 -64.93 -20.08 4.66
C ASP B 288 -63.83 -19.02 4.52
N VAL B 289 -63.87 -17.99 5.38
CA VAL B 289 -62.78 -16.98 5.49
C VAL B 289 -61.90 -17.36 6.68
N ASP B 290 -60.58 -17.31 6.52
CA ASP B 290 -59.61 -17.33 7.64
C ASP B 290 -59.57 -15.90 8.21
N HIS B 291 -60.33 -15.68 9.28
CA HIS B 291 -60.45 -14.37 9.99
C HIS B 291 -59.18 -14.02 10.76
N LEU B 292 -58.32 -14.97 11.15
CA LEU B 292 -57.12 -14.67 11.98
C LEU B 292 -55.91 -14.26 11.11
N THR B 293 -55.63 -14.99 10.01
CA THR B 293 -54.41 -14.80 9.18
C THR B 293 -54.71 -13.97 7.92
N GLY B 294 -56.00 -13.73 7.61
CA GLY B 294 -56.47 -13.12 6.34
C GLY B 294 -55.98 -13.84 5.09
N ASP B 295 -55.51 -15.09 5.20
CA ASP B 295 -54.67 -15.83 4.23
C ASP B 295 -55.41 -17.06 3.69
N HIS B 296 -56.53 -16.82 3.01
CA HIS B 296 -57.32 -17.75 2.17
C HIS B 296 -57.02 -17.40 0.71
N PRO B 297 -57.31 -18.30 -0.25
CA PRO B 297 -56.77 -18.18 -1.60
C PRO B 297 -57.24 -17.02 -2.51
N PHE B 298 -58.52 -16.64 -2.47
CA PHE B 298 -59.16 -15.72 -3.44
C PHE B 298 -59.89 -14.60 -2.68
N HIS C 16 26.68 29.07 12.26
CA HIS C 16 27.88 29.51 11.50
C HIS C 16 27.50 30.58 10.47
N MET C 17 28.47 31.38 10.04
CA MET C 17 28.37 32.34 8.90
C MET C 17 28.77 31.64 7.61
N ALA C 18 27.84 31.52 6.65
CA ALA C 18 28.00 30.92 5.32
C ALA C 18 28.28 32.05 4.33
N LEU C 19 29.47 32.06 3.71
CA LEU C 19 29.93 33.15 2.82
C LEU C 19 29.89 32.64 1.37
N ALA C 20 29.99 33.56 0.42
CA ALA C 20 29.96 33.30 -1.03
C ALA C 20 31.38 33.08 -1.55
N ALA C 21 32.40 33.48 -0.79
CA ALA C 21 33.81 33.46 -1.22
C ALA C 21 34.70 33.62 0.01
N PRO C 22 36.02 33.34 -0.10
CA PRO C 22 36.93 33.52 1.02
C PRO C 22 36.85 34.98 1.48
N PRO C 23 36.67 35.26 2.78
CA PRO C 23 36.55 36.63 3.25
C PRO C 23 37.84 37.41 3.04
N GLY C 24 37.71 38.67 2.61
CA GLY C 24 38.82 39.59 2.35
C GLY C 24 39.76 39.70 3.55
N GLU C 25 39.22 39.69 4.79
CA GLU C 25 40.00 39.79 6.05
C GLU C 25 41.08 38.68 6.14
N LEU C 26 40.84 37.52 5.50
CA LEU C 26 41.68 36.30 5.67
C LEU C 26 42.49 36.02 4.39
N THR C 27 42.30 36.78 3.31
CA THR C 27 42.65 36.29 1.94
C THR C 27 43.65 37.20 1.25
N LEU C 28 44.68 36.60 0.63
CA LEU C 28 45.67 37.24 -0.24
C LEU C 28 45.62 36.54 -1.60
N ALA C 29 45.47 37.32 -2.68
CA ALA C 29 45.38 36.82 -4.07
C ALA C 29 46.81 36.74 -4.62
N LEU C 30 47.22 35.55 -5.06
CA LEU C 30 48.47 35.36 -5.83
C LEU C 30 48.17 34.81 -7.24
N THR C 31 49.22 34.66 -8.04
CA THR C 31 49.29 33.83 -9.28
C THR C 31 50.34 32.76 -9.05
N PRO C 32 50.35 31.67 -9.84
CA PRO C 32 51.39 30.64 -9.71
C PRO C 32 52.82 31.11 -10.05
N ASP C 33 52.97 32.29 -10.67
CA ASP C 33 54.31 32.88 -10.97
C ASP C 33 54.90 33.57 -9.73
N ASP C 34 54.07 33.95 -8.75
CA ASP C 34 54.52 34.64 -7.50
C ASP C 34 55.36 33.64 -6.70
N LYS C 35 56.65 33.93 -6.54
CA LYS C 35 57.61 33.11 -5.78
C LYS C 35 57.81 33.70 -4.38
N THR C 36 57.32 34.91 -4.14
CA THR C 36 57.55 35.68 -2.89
C THR C 36 56.34 36.59 -2.65
N LEU C 37 56.00 36.84 -1.39
CA LEU C 37 55.16 38.01 -1.00
C LEU C 37 56.09 39.23 -0.87
N ASP C 38 55.69 40.37 -1.44
CA ASP C 38 56.33 41.68 -1.19
C ASP C 38 56.24 41.96 0.31
N PRO C 39 57.14 42.78 0.91
CA PRO C 39 57.11 43.01 2.36
C PRO C 39 55.73 43.37 2.96
N ALA C 40 54.91 44.18 2.28
CA ALA C 40 53.58 44.60 2.78
C ALA C 40 52.62 43.41 2.84
N SER C 41 52.62 42.56 1.81
CA SER C 41 51.79 41.33 1.73
C SER C 41 52.23 40.35 2.84
N LEU C 42 53.53 40.14 3.03
CA LEU C 42 54.07 39.26 4.10
C LEU C 42 53.62 39.78 5.47
N ASP C 43 53.74 41.08 5.71
CA ASP C 43 53.29 41.70 7.00
C ASP C 43 51.79 41.41 7.20
N ARG C 44 50.98 41.53 6.14
CA ARG C 44 49.52 41.30 6.22
C ARG C 44 49.27 39.80 6.51
N ALA C 45 49.95 38.91 5.82
CA ALA C 45 49.88 37.44 6.03
C ALA C 45 50.15 37.09 7.49
N LEU C 46 51.23 37.60 8.08
CA LEU C 46 51.59 37.34 9.50
C LEU C 46 50.56 37.98 10.44
N ALA C 47 50.04 39.16 10.13
CA ALA C 47 49.02 39.85 10.96
C ALA C 47 47.72 39.01 10.96
N ILE C 48 47.36 38.44 9.81
CA ILE C 48 46.14 37.58 9.66
C ILE C 48 46.33 36.31 10.49
N LEU C 49 47.46 35.61 10.35
CA LEU C 49 47.77 34.37 11.13
C LEU C 49 47.77 34.68 12.62
N ALA C 50 48.39 35.77 13.05
CA ALA C 50 48.45 36.17 14.48
C ALA C 50 47.03 36.41 15.01
N GLU C 51 46.22 37.18 14.28
CA GLU C 51 44.89 37.64 14.77
C GLU C 51 43.86 36.53 14.57
N HIS C 52 43.78 35.93 13.38
CA HIS C 52 42.65 35.07 12.96
C HIS C 52 43.06 33.59 13.02
N GLY C 53 44.35 33.28 12.89
CA GLY C 53 44.87 31.90 12.94
C GLY C 53 44.63 31.12 11.65
N ILE C 54 44.14 31.77 10.60
CA ILE C 54 43.86 31.13 9.28
C ILE C 54 44.03 32.16 8.19
N LEU C 55 44.70 31.76 7.12
CA LEU C 55 45.08 32.62 5.97
C LEU C 55 44.75 31.85 4.69
N VAL C 56 44.03 32.48 3.78
CA VAL C 56 43.69 31.89 2.46
C VAL C 56 44.55 32.56 1.37
N LEU C 57 45.31 31.75 0.64
CA LEU C 57 46.13 32.20 -0.51
C LEU C 57 45.48 31.64 -1.78
N THR C 58 44.80 32.48 -2.59
CA THR C 58 44.18 32.04 -3.87
C THR C 58 45.22 32.09 -5.01
N GLY C 59 45.07 31.21 -5.99
CA GLY C 59 45.77 31.24 -7.29
C GLY C 59 47.22 30.85 -7.17
N MET C 60 47.56 29.94 -6.24
CA MET C 60 48.95 29.56 -5.98
C MET C 60 49.40 28.38 -6.86
N LEU C 61 48.54 27.40 -7.10
CA LEU C 61 48.98 26.14 -7.75
C LEU C 61 48.36 26.04 -9.15
N ARG C 62 49.17 25.68 -10.14
CA ARG C 62 48.74 25.43 -11.54
C ARG C 62 47.77 24.25 -11.57
N THR C 63 46.78 24.31 -12.46
CA THR C 63 45.72 23.29 -12.59
C THR C 63 46.38 21.96 -12.99
N ARG C 64 47.51 21.99 -13.69
CA ARG C 64 48.27 20.78 -14.11
C ARG C 64 48.64 19.95 -12.86
N LEU C 65 49.02 20.60 -11.75
CA LEU C 65 49.45 19.88 -10.52
C LEU C 65 48.22 19.36 -9.78
N THR C 66 47.22 20.21 -9.57
CA THR C 66 46.01 19.84 -8.77
C THR C 66 45.23 18.77 -9.52
N ASP C 67 45.21 18.81 -10.86
CA ASP C 67 44.56 17.76 -11.70
C ASP C 67 45.18 16.39 -11.41
N GLN C 68 46.50 16.30 -11.44
CA GLN C 68 47.21 14.99 -11.24
C GLN C 68 46.97 14.48 -9.82
N LEU C 69 47.05 15.36 -8.82
CA LEU C 69 46.87 14.97 -7.39
C LEU C 69 45.43 14.52 -7.16
N ARG C 70 44.45 15.26 -7.69
CA ARG C 70 43.02 14.90 -7.60
C ARG C 70 42.79 13.50 -8.19
N THR C 71 43.29 13.28 -9.40
CA THR C 71 43.12 12.01 -10.16
C THR C 71 43.72 10.87 -9.34
N ALA C 72 44.95 11.06 -8.86
CA ALA C 72 45.72 10.03 -8.12
C ALA C 72 44.97 9.63 -6.84
N MET C 73 44.39 10.59 -6.12
CA MET C 73 43.73 10.31 -4.82
C MET C 73 42.38 9.64 -5.07
N LEU C 74 41.61 10.08 -6.07
CA LEU C 74 40.34 9.41 -6.43
C LEU C 74 40.65 7.97 -6.90
N ASP C 75 41.70 7.76 -7.69
CA ASP C 75 42.11 6.40 -8.18
C ASP C 75 42.51 5.51 -6.99
N ASP C 76 43.09 6.08 -5.93
CA ASP C 76 43.62 5.33 -4.76
C ASP C 76 42.52 5.02 -3.75
N LEU C 77 41.36 5.68 -3.86
CA LEU C 77 40.31 5.61 -2.81
C LEU C 77 39.87 4.16 -2.61
N PRO C 78 39.70 3.35 -3.68
CA PRO C 78 39.36 1.94 -3.52
C PRO C 78 40.32 1.19 -2.59
N GLU C 79 41.62 1.42 -2.74
CA GLU C 79 42.65 0.72 -1.93
C GLU C 79 42.50 1.14 -0.46
N VAL C 80 42.19 2.40 -0.21
CA VAL C 80 41.95 2.90 1.18
C VAL C 80 40.69 2.23 1.77
N LEU C 81 39.62 2.13 0.99
CA LEU C 81 38.29 1.68 1.50
C LEU C 81 38.28 0.16 1.66
N ARG C 82 39.22 -0.53 1.01
CA ARG C 82 39.39 -2.01 1.00
C ARG C 82 40.07 -2.47 2.30
N GLN C 83 40.70 -1.57 3.07
CA GLN C 83 41.39 -1.87 4.36
C GLN C 83 40.36 -2.46 5.35
N GLN C 84 40.82 -3.32 6.27
CA GLN C 84 39.94 -4.06 7.22
C GLN C 84 39.26 -3.07 8.17
N ASP C 85 40.02 -2.10 8.68
CA ASP C 85 39.49 -0.89 9.38
C ASP C 85 39.89 0.35 8.58
N VAL C 86 38.90 1.08 8.06
CA VAL C 86 39.07 2.34 7.29
C VAL C 86 39.35 3.47 8.29
N PRO C 87 40.53 4.12 8.22
CA PRO C 87 40.86 5.19 9.14
C PRO C 87 39.91 6.37 8.88
N THR C 88 39.22 6.79 9.93
CA THR C 88 38.10 7.74 9.91
C THR C 88 38.40 8.80 10.97
N ASN C 89 38.13 10.07 10.65
CA ASN C 89 38.30 11.20 11.60
C ASN C 89 36.96 11.46 12.29
N PHE C 90 36.78 10.89 13.47
CA PHE C 90 35.67 11.12 14.44
C PHE C 90 34.37 10.41 14.03
N VAL C 91 33.92 10.60 12.79
CA VAL C 91 32.55 10.20 12.35
C VAL C 91 32.62 9.66 10.93
N PRO C 92 31.61 8.85 10.50
CA PRO C 92 31.57 8.31 9.15
C PRO C 92 31.74 9.35 8.02
N GLY C 93 32.48 8.97 6.98
CA GLY C 93 32.64 9.72 5.71
C GLY C 93 33.90 10.58 5.67
N HIS C 94 34.60 10.79 6.79
CA HIS C 94 35.84 11.61 6.85
C HIS C 94 37.04 10.66 6.89
N VAL C 95 37.55 10.30 5.72
CA VAL C 95 38.57 9.22 5.60
C VAL C 95 39.96 9.86 5.59
N GLN C 96 40.89 9.34 6.37
CA GLN C 96 42.32 9.72 6.30
C GLN C 96 42.92 8.97 5.11
N GLN C 97 43.51 9.72 4.18
CA GLN C 97 44.12 9.16 2.96
C GLN C 97 45.39 9.94 2.63
N ASP C 98 46.53 9.28 2.63
CA ASP C 98 47.81 9.84 2.16
C ASP C 98 47.78 9.90 0.63
N PRO C 99 48.20 11.03 0.02
CA PRO C 99 48.47 11.08 -1.40
C PRO C 99 49.68 10.21 -1.71
N PRO C 100 49.86 9.78 -2.98
CA PRO C 100 51.02 8.97 -3.35
C PRO C 100 52.33 9.72 -3.11
N VAL C 101 53.36 8.96 -2.72
CA VAL C 101 54.76 9.45 -2.59
C VAL C 101 55.60 8.75 -3.67
N ARG C 102 55.00 8.50 -4.85
CA ARG C 102 55.73 8.19 -6.10
C ARG C 102 56.37 9.47 -6.61
N GLU C 103 57.58 9.37 -7.16
CA GLU C 103 58.39 10.52 -7.64
C GLU C 103 57.56 11.35 -8.62
N SER C 104 56.74 10.72 -9.48
CA SER C 104 55.98 11.40 -10.57
C SER C 104 54.87 12.29 -9.99
N LEU C 105 54.49 12.12 -8.72
CA LEU C 105 53.39 12.91 -8.08
C LEU C 105 53.91 13.73 -6.89
N LEU C 106 55.24 13.84 -6.74
CA LEU C 106 55.88 14.69 -5.70
C LEU C 106 56.44 15.95 -6.37
N PHE C 107 55.76 17.07 -6.16
CA PHE C 107 55.99 18.35 -6.87
C PHE C 107 56.63 19.35 -5.92
N PRO C 108 57.79 19.93 -6.28
CA PRO C 108 58.42 20.98 -5.48
C PRO C 108 57.45 22.11 -5.10
N ASP C 109 56.57 22.53 -6.01
CA ASP C 109 55.64 23.65 -5.77
C ASP C 109 54.56 23.25 -4.75
N VAL C 110 54.40 21.97 -4.43
CA VAL C 110 53.49 21.49 -3.35
C VAL C 110 54.29 21.25 -2.05
N LEU C 111 55.33 20.42 -2.09
CA LEU C 111 56.10 20.04 -0.86
C LEU C 111 56.91 21.22 -0.34
N LEU C 112 57.50 22.02 -1.25
CA LEU C 112 58.52 23.04 -0.95
C LEU C 112 58.10 24.37 -1.56
N ASN C 113 56.85 24.77 -1.36
CA ASN C 113 56.30 25.99 -1.96
C ASN C 113 57.03 27.19 -1.38
N PRO C 114 57.59 28.09 -2.22
CA PRO C 114 58.37 29.21 -1.71
C PRO C 114 57.56 30.21 -0.89
N VAL C 115 56.29 30.44 -1.24
CA VAL C 115 55.42 31.39 -0.49
C VAL C 115 55.04 30.78 0.85
N VAL C 116 54.72 29.48 0.89
CA VAL C 116 54.33 28.77 2.14
C VAL C 116 55.51 28.89 3.12
N TYR C 117 56.71 28.49 2.70
CA TYR C 117 57.93 28.48 3.55
C TYR C 117 58.35 29.91 3.91
N GLN C 118 58.12 30.89 3.04
CA GLN C 118 58.35 32.31 3.42
C GLN C 118 57.51 32.63 4.66
N ILE C 119 56.24 32.25 4.66
CA ILE C 119 55.31 32.51 5.78
C ILE C 119 55.70 31.65 7.00
N THR C 120 55.94 30.36 6.82
CA THR C 120 56.18 29.46 7.98
C THR C 120 57.55 29.81 8.61
N HIS C 121 58.55 30.21 7.81
CA HIS C 121 59.87 30.64 8.31
C HIS C 121 59.70 31.87 9.20
N ALA C 122 58.87 32.83 8.77
CA ALA C 122 58.64 34.09 9.53
C ALA C 122 57.91 33.80 10.83
N VAL C 123 57.01 32.80 10.88
CA VAL C 123 56.21 32.51 12.11
C VAL C 123 56.97 31.55 13.02
N LEU C 124 57.54 30.48 12.46
CA LEU C 124 58.06 29.34 13.25
C LEU C 124 59.60 29.35 13.33
N GLY C 125 60.28 30.15 12.49
CA GLY C 125 61.76 30.15 12.38
C GLY C 125 62.26 29.39 11.16
N ALA C 126 63.53 29.63 10.79
CA ALA C 126 64.19 29.14 9.57
C ALA C 126 64.37 27.62 9.63
N ASP C 127 64.28 27.04 10.82
CA ASP C 127 64.44 25.60 11.11
C ASP C 127 63.09 24.88 11.15
N ALA C 128 61.98 25.57 10.88
CA ALA C 128 60.64 24.92 10.81
C ALA C 128 60.70 23.83 9.72
N ARG C 129 59.96 22.74 9.90
CA ARG C 129 60.06 21.59 8.97
C ARG C 129 58.66 21.01 8.73
N ASN C 130 58.38 20.65 7.50
CA ASN C 130 57.20 19.86 7.13
C ASN C 130 57.38 18.45 7.69
N ALA C 131 56.41 17.93 8.43
CA ALA C 131 56.44 16.55 8.97
C ALA C 131 55.14 15.80 8.69
N VAL C 132 54.31 16.31 7.77
CA VAL C 132 53.04 15.63 7.38
C VAL C 132 52.86 15.76 5.87
N TYR C 133 52.56 14.66 5.24
CA TYR C 133 52.15 14.58 3.82
C TYR C 133 51.00 13.59 3.75
N SER C 134 49.81 14.10 4.06
CA SER C 134 48.61 13.27 4.23
C SER C 134 47.44 13.94 3.50
N GLY C 135 46.22 13.57 3.86
CA GLY C 135 45.01 14.02 3.14
C GLY C 135 43.77 13.58 3.86
N ASN C 136 42.67 14.25 3.54
CA ASN C 136 41.33 14.09 4.13
C ASN C 136 40.36 13.90 2.94
N MET C 137 39.83 12.70 2.77
CA MET C 137 38.81 12.41 1.71
C MET C 137 37.42 12.45 2.35
N ASN C 138 36.64 13.49 2.02
CA ASN C 138 35.28 13.71 2.58
C ASN C 138 34.26 13.09 1.62
N LEU C 139 33.66 11.95 1.99
CA LEU C 139 32.78 11.15 1.11
C LEU C 139 31.36 11.70 1.10
N PRO C 140 30.62 11.57 -0.01
CA PRO C 140 29.19 11.87 -0.03
C PRO C 140 28.45 11.19 1.13
N GLY C 141 27.60 11.95 1.83
CA GLY C 141 26.75 11.47 2.93
C GLY C 141 27.51 11.45 4.24
N SER C 142 28.70 12.08 4.31
CA SER C 142 29.53 12.12 5.53
C SER C 142 28.76 12.81 6.66
N HIS C 143 29.12 12.50 7.90
CA HIS C 143 28.48 13.07 9.12
C HIS C 143 29.21 14.36 9.52
N GLU C 144 28.67 15.05 10.53
CA GLU C 144 29.23 16.31 11.09
C GLU C 144 30.25 15.92 12.17
N GLN C 145 31.48 16.41 12.04
CA GLN C 145 32.55 16.19 13.04
C GLN C 145 32.27 17.11 14.23
N PRO C 146 32.75 16.74 15.45
CA PRO C 146 32.76 17.69 16.55
C PRO C 146 33.84 18.74 16.25
N VAL C 147 33.67 19.94 16.80
CA VAL C 147 34.70 21.01 16.70
C VAL C 147 35.92 20.57 17.52
N HIS C 148 37.10 20.65 16.93
CA HIS C 148 38.36 20.16 17.55
C HIS C 148 39.54 20.98 17.03
N LEU C 149 40.72 20.75 17.62
CA LEU C 149 42.02 21.19 17.04
C LEU C 149 42.82 19.97 16.60
N ASP C 150 43.63 20.10 15.56
CA ASP C 150 44.50 19.03 15.02
C ASP C 150 45.75 18.86 15.91
N GLU C 151 46.22 19.92 16.54
CA GLU C 151 47.39 19.87 17.44
C GLU C 151 47.06 20.66 18.68
N PRO C 152 47.31 20.10 19.89
CA PRO C 152 46.93 20.76 21.13
C PRO C 152 47.87 21.91 21.49
N HIS C 153 47.41 22.75 22.43
CA HIS C 153 48.29 23.63 23.22
C HIS C 153 49.19 22.70 24.05
N LEU C 154 50.41 23.13 24.37
CA LEU C 154 51.46 22.26 24.93
C LEU C 154 51.28 22.11 26.45
N TRP C 155 50.60 23.05 27.09
CA TRP C 155 50.22 22.99 28.52
C TRP C 155 48.82 23.59 28.66
N PRO C 156 47.98 23.03 29.55
CA PRO C 156 46.66 23.60 29.80
C PRO C 156 46.78 24.95 30.52
N GLY C 157 45.90 25.88 30.21
CA GLY C 157 45.73 27.17 30.92
C GLY C 157 46.80 28.19 30.53
N ILE C 158 47.61 27.93 29.51
CA ILE C 158 48.80 28.79 29.18
C ILE C 158 48.62 29.37 27.78
N SER C 159 48.95 30.64 27.61
CA SER C 159 49.04 31.34 26.31
C SER C 159 50.45 31.19 25.80
N HIS C 160 50.64 30.62 24.61
CA HIS C 160 51.97 30.50 23.97
C HIS C 160 51.78 30.69 22.48
N PRO C 161 52.84 31.09 21.76
CA PRO C 161 52.74 31.29 20.32
C PRO C 161 52.65 29.96 19.58
N PRO C 162 52.46 30.00 18.24
CA PRO C 162 52.35 28.80 17.43
C PRO C 162 53.63 27.95 17.49
N TYR C 163 53.48 26.63 17.42
CA TYR C 163 54.58 25.69 17.14
C TYR C 163 54.29 24.87 15.89
N CYS C 164 53.13 25.01 15.27
CA CYS C 164 52.80 24.31 14.00
C CYS C 164 51.78 25.06 13.16
N LEU C 165 51.91 24.97 11.84
CA LEU C 165 51.02 25.60 10.84
C LEU C 165 50.58 24.49 9.88
N CYS C 166 49.29 24.19 9.87
CA CYS C 166 48.67 23.28 8.89
C CYS C 166 48.64 24.00 7.53
N VAL C 167 48.96 23.27 6.48
CA VAL C 167 48.95 23.74 5.08
C VAL C 167 48.00 22.83 4.31
N ASP C 168 46.80 23.33 4.01
CA ASP C 168 45.68 22.55 3.43
C ASP C 168 45.54 22.93 1.95
N VAL C 169 45.55 21.93 1.07
CA VAL C 169 45.48 22.12 -0.41
C VAL C 169 44.22 21.43 -0.93
N PRO C 170 43.12 22.17 -1.17
CA PRO C 170 41.94 21.59 -1.79
C PRO C 170 42.29 21.07 -3.20
N LEU C 171 41.82 19.87 -3.55
CA LEU C 171 42.14 19.28 -4.87
C LEU C 171 40.93 19.32 -5.80
N ILE C 172 39.82 19.89 -5.35
CA ILE C 172 38.68 20.34 -6.21
C ILE C 172 38.19 21.66 -5.63
N ASP C 173 37.33 22.37 -6.34
CA ASP C 173 36.59 23.53 -5.78
C ASP C 173 35.81 23.04 -4.55
N PHE C 174 36.07 23.67 -3.41
CA PHE C 174 35.32 23.43 -2.16
C PHE C 174 34.11 24.37 -2.18
N THR C 175 32.93 23.86 -1.83
CA THR C 175 31.67 24.62 -1.79
C THR C 175 30.99 24.36 -0.45
N LEU C 176 29.95 25.14 -0.13
CA LEU C 176 29.13 24.91 1.09
C LEU C 176 28.43 23.56 1.00
N GLU C 177 28.20 23.07 -0.21
CA GLU C 177 27.49 21.77 -0.45
C GLU C 177 28.45 20.59 -0.24
N ASN C 178 29.71 20.65 -0.70
CA ASN C 178 30.57 19.44 -0.79
C ASN C 178 31.58 19.34 0.38
N GLY C 179 31.42 20.16 1.42
CA GLY C 179 32.11 19.96 2.72
C GLY C 179 33.29 20.89 2.92
N SER C 180 33.24 22.12 2.40
CA SER C 180 34.20 23.19 2.81
C SER C 180 34.26 23.23 4.34
N THR C 181 35.46 23.14 4.92
CA THR C 181 35.69 23.04 6.39
C THR C 181 35.07 24.25 7.11
N GLU C 182 34.49 24.04 8.28
CA GLU C 182 34.12 25.14 9.22
C GLU C 182 35.34 25.53 10.05
N TYR C 183 35.70 26.80 10.04
CA TYR C 183 36.86 27.37 10.76
C TYR C 183 36.34 28.35 11.81
N TRP C 184 37.01 28.41 12.97
CA TRP C 184 36.66 29.35 14.07
C TRP C 184 37.74 30.43 14.17
N PRO C 185 37.59 31.58 13.49
CA PRO C 185 38.65 32.58 13.46
C PRO C 185 39.00 33.06 14.87
N GLY C 186 40.30 33.19 15.17
CA GLY C 186 40.83 33.71 16.44
C GLY C 186 40.81 32.67 17.55
N SER C 187 40.39 31.44 17.27
CA SER C 187 40.22 30.36 18.28
C SER C 187 41.58 29.76 18.69
N HIS C 188 42.62 30.04 17.92
CA HIS C 188 43.96 29.40 18.05
C HIS C 188 44.67 29.85 19.34
N VAL C 189 44.27 30.98 19.95
CA VAL C 189 44.94 31.52 21.18
C VAL C 189 44.10 31.14 22.41
N LEU C 190 42.96 30.46 22.27
CA LEU C 190 42.08 30.13 23.42
C LEU C 190 42.61 28.86 24.08
N ASN C 191 42.95 28.91 25.37
CA ASN C 191 43.44 27.71 26.09
C ASN C 191 43.08 27.82 27.57
N PRO C 192 41.80 28.00 27.93
CA PRO C 192 41.41 27.99 29.34
C PRO C 192 41.48 26.54 29.86
N ASP C 193 41.58 26.37 31.18
CA ASP C 193 41.57 25.03 31.84
C ASP C 193 40.28 24.30 31.45
N GLU C 194 40.35 22.98 31.25
CA GLU C 194 39.15 22.10 31.05
C GLU C 194 38.43 22.51 29.76
N CYS C 195 39.18 22.82 28.70
CA CYS C 195 38.65 23.29 27.39
C CYS C 195 38.64 22.13 26.38
N TYR C 196 39.54 21.16 26.50
CA TYR C 196 39.83 20.13 25.49
C TYR C 196 39.77 18.75 26.14
N ASP C 197 39.23 17.76 25.44
CA ASP C 197 39.27 16.33 25.84
C ASP C 197 40.48 15.66 25.18
N GLU C 198 40.63 14.36 25.38
CA GLU C 198 41.82 13.56 24.98
C GLU C 198 41.91 13.51 23.44
N ARG C 199 40.82 13.79 22.72
CA ARG C 199 40.82 13.75 21.22
C ARG C 199 40.94 15.16 20.63
N GLY C 200 41.19 16.17 21.45
CA GLY C 200 41.32 17.57 21.02
C GLY C 200 39.97 18.19 20.68
N CYS C 201 38.87 17.63 21.15
CA CYS C 201 37.51 18.21 20.98
C CYS C 201 37.28 19.33 22.00
N VAL C 202 36.63 20.41 21.56
CA VAL C 202 36.35 21.60 22.39
C VAL C 202 35.12 21.32 23.24
N LEU C 203 35.21 21.59 24.55
CA LEU C 203 34.08 21.44 25.50
C LEU C 203 32.93 22.34 25.05
N PRO C 204 31.67 21.83 25.03
CA PRO C 204 30.52 22.59 24.54
C PRO C 204 30.33 23.98 25.17
N ALA C 205 30.61 24.10 26.46
CA ALA C 205 30.48 25.36 27.22
C ALA C 205 31.40 26.43 26.59
N GLU C 206 32.64 26.05 26.27
CA GLU C 206 33.64 26.97 25.67
C GLU C 206 33.22 27.27 24.23
N LEU C 207 32.67 26.28 23.52
CA LEU C 207 32.19 26.49 22.12
C LEU C 207 31.17 27.63 22.12
N GLU C 208 30.17 27.57 23.01
CA GLU C 208 29.02 28.52 22.99
C GLU C 208 29.47 29.90 23.44
N ARG C 209 30.32 29.98 24.48
CA ARG C 209 30.93 31.28 24.90
C ARG C 209 31.60 31.94 23.69
N ARG C 210 32.40 31.17 22.94
CA ARG C 210 33.18 31.69 21.80
C ARG C 210 32.22 32.10 20.69
N ARG C 211 31.22 31.27 20.39
CA ARG C 211 30.27 31.49 19.26
C ARG C 211 29.62 32.88 19.38
N ALA C 212 29.32 33.34 20.61
CA ALA C 212 28.63 34.62 20.88
C ALA C 212 29.52 35.81 20.50
N VAL C 213 30.85 35.66 20.59
CA VAL C 213 31.86 36.74 20.38
C VAL C 213 32.37 36.70 18.94
N ALA C 214 32.62 35.50 18.38
CA ALA C 214 33.26 35.32 17.06
C ALA C 214 32.76 34.02 16.44
N PRO C 215 31.59 34.03 15.78
CA PRO C 215 31.00 32.80 15.26
C PRO C 215 31.88 32.20 14.17
N PRO C 216 31.78 30.87 13.94
CA PRO C 216 32.57 30.22 12.89
C PRO C 216 32.11 30.64 11.50
N VAL C 217 32.93 30.33 10.50
CA VAL C 217 32.68 30.67 9.08
C VAL C 217 32.90 29.41 8.25
N ARG C 218 32.17 29.31 7.14
CA ARG C 218 32.38 28.32 6.08
C ARG C 218 32.32 29.09 4.77
N PHE C 219 33.23 28.78 3.85
CA PHE C 219 33.29 29.53 2.60
C PHE C 219 33.82 28.65 1.50
N PRO C 220 33.39 28.89 0.24
CA PRO C 220 33.96 28.23 -0.92
C PRO C 220 35.44 28.58 -1.00
N ILE C 221 36.23 27.62 -1.47
CA ILE C 221 37.67 27.80 -1.73
C ILE C 221 37.93 27.20 -3.10
N PRO C 222 38.36 28.01 -4.09
CA PRO C 222 38.69 27.48 -5.41
C PRO C 222 39.96 26.61 -5.38
N VAL C 223 39.95 25.52 -6.16
CA VAL C 223 41.16 24.68 -6.35
C VAL C 223 42.27 25.58 -6.89
N GLY C 224 43.52 25.34 -6.52
CA GLY C 224 44.65 26.27 -6.75
C GLY C 224 44.97 27.09 -5.52
N SER C 225 44.05 27.16 -4.57
CA SER C 225 44.22 27.91 -3.30
C SER C 225 45.05 27.04 -2.33
N VAL C 226 45.70 27.69 -1.37
CA VAL C 226 46.35 27.04 -0.19
C VAL C 226 45.85 27.75 1.05
N VAL C 227 45.40 27.00 2.04
CA VAL C 227 45.02 27.51 3.38
C VAL C 227 46.18 27.21 4.35
N ILE C 228 46.69 28.25 5.00
CA ILE C 228 47.67 28.09 6.11
C ILE C 228 46.95 28.48 7.39
N ARG C 229 47.01 27.64 8.41
CA ARG C 229 46.33 27.92 9.68
C ARG C 229 47.13 27.38 10.85
N ASP C 230 46.99 28.03 12.00
CA ASP C 230 47.50 27.52 13.28
C ASP C 230 46.99 26.09 13.45
N GLY C 231 47.87 25.15 13.81
CA GLY C 231 47.47 23.76 14.10
C GLY C 231 46.48 23.69 15.25
N ARG C 232 46.40 24.73 16.07
CA ARG C 232 45.49 24.79 17.23
C ARG C 232 44.16 25.44 16.88
N LEU C 233 43.94 25.85 15.62
CA LEU C 233 42.66 26.50 15.23
C LEU C 233 41.51 25.52 15.43
N TRP C 234 40.43 25.96 16.07
CA TRP C 234 39.18 25.16 16.15
C TRP C 234 38.58 25.06 14.75
N HIS C 235 38.19 23.86 14.34
CA HIS C 235 37.56 23.61 13.03
C HIS C 235 36.77 22.31 13.10
N ARG C 236 35.97 22.03 12.08
CA ARG C 236 35.31 20.71 11.92
C ARG C 236 35.04 20.47 10.45
N GLY C 237 35.27 19.22 10.03
CA GLY C 237 34.72 18.69 8.78
C GLY C 237 33.21 18.65 8.88
N VAL C 238 32.55 18.90 7.75
CA VAL C 238 31.07 18.98 7.66
C VAL C 238 30.62 18.04 6.56
N PRO C 239 29.30 17.69 6.54
CA PRO C 239 28.75 16.78 5.54
C PRO C 239 29.06 17.24 4.13
N ASN C 240 29.54 16.31 3.32
CA ASN C 240 29.58 16.42 1.85
C ASN C 240 28.22 15.95 1.33
N LEU C 241 27.37 16.87 0.85
CA LEU C 241 26.01 16.56 0.34
C LEU C 241 26.01 16.57 -1.19
N SER C 242 27.17 16.47 -1.83
CA SER C 242 27.32 16.32 -3.30
C SER C 242 27.45 14.83 -3.64
N ALA C 243 27.59 14.50 -4.92
CA ALA C 243 27.69 13.14 -5.48
C ALA C 243 29.14 12.71 -5.63
N ALA C 244 30.12 13.56 -5.28
CA ALA C 244 31.55 13.32 -5.54
C ALA C 244 32.36 13.47 -4.26
N PRO C 245 33.35 12.58 -4.03
CA PRO C 245 34.28 12.73 -2.90
C PRO C 245 35.08 14.04 -3.01
N ARG C 246 35.34 14.69 -1.89
CA ARG C 246 36.01 16.01 -1.79
C ARG C 246 37.42 15.79 -1.22
N PRO C 247 38.47 15.68 -2.07
CA PRO C 247 39.81 15.42 -1.58
C PRO C 247 40.54 16.70 -1.14
N LEU C 248 41.25 16.60 -0.02
CA LEU C 248 42.14 17.64 0.53
C LEU C 248 43.53 17.03 0.75
N LEU C 249 44.59 17.67 0.28
CA LEU C 249 45.98 17.30 0.60
C LEU C 249 46.39 18.15 1.81
N ALA C 250 47.00 17.53 2.80
CA ALA C 250 47.33 18.15 4.10
C ALA C 250 48.84 18.04 4.38
N MET C 251 49.46 19.15 4.73
CA MET C 251 50.84 19.23 5.25
C MET C 251 50.82 20.01 6.56
N THR C 252 51.83 19.80 7.41
CA THR C 252 51.96 20.56 8.68
C THR C 252 53.43 20.86 8.94
N HIS C 253 53.75 22.15 9.06
CA HIS C 253 55.09 22.67 9.40
C HIS C 253 55.14 22.80 10.92
N TYR C 254 56.23 22.32 11.54
CA TYR C 254 56.45 22.34 13.00
C TYR C 254 57.79 23.01 13.29
N THR C 255 57.90 23.66 14.43
CA THR C 255 59.19 24.04 15.03
C THR C 255 60.10 22.80 15.03
N GLU C 256 61.39 23.03 14.87
CA GLU C 256 62.47 22.00 14.83
C GLU C 256 62.36 21.10 16.07
N TRP C 257 61.94 21.63 17.22
CA TRP C 257 62.04 20.91 18.51
C TRP C 257 60.79 20.07 18.80
N PHE C 258 59.74 20.12 17.95
CA PHE C 258 58.52 19.28 18.18
C PHE C 258 58.74 17.88 17.61
N ASP C 259 58.63 16.85 18.46
CA ASP C 259 58.89 15.45 18.07
C ASP C 259 57.77 14.94 17.13
N MET C 260 58.15 14.53 15.93
CA MET C 260 57.24 13.95 14.93
C MET C 260 57.95 12.78 14.26
N PRO C 261 57.23 11.72 13.86
CA PRO C 261 57.82 10.69 13.03
C PRO C 261 58.13 11.33 11.68
N PRO C 262 59.16 10.84 10.96
CA PRO C 262 59.48 11.40 9.64
C PRO C 262 58.47 10.93 8.58
N ILE C 263 58.32 11.70 7.52
CA ILE C 263 57.60 11.32 6.28
C ILE C 263 58.48 10.32 5.54
N GLN C 264 57.94 9.17 5.18
CA GLN C 264 58.63 8.17 4.34
C GLN C 264 58.56 8.67 2.90
N LEU C 265 59.72 8.90 2.27
CA LEU C 265 59.80 9.33 0.85
C LEU C 265 60.76 8.40 0.12
N PRO C 266 60.56 8.16 -1.20
CA PRO C 266 61.53 7.39 -1.99
C PRO C 266 62.81 8.21 -2.16
N ASP C 267 63.97 7.54 -2.24
CA ASP C 267 65.30 8.22 -2.34
C ASP C 267 65.46 8.87 -3.72
N THR C 268 64.53 8.61 -4.65
CA THR C 268 64.50 9.25 -6.00
C THR C 268 64.11 10.73 -5.90
N VAL C 269 63.68 11.25 -4.74
CA VAL C 269 63.44 12.71 -4.53
C VAL C 269 64.43 13.27 -3.52
N LYS C 270 65.32 12.44 -2.97
CA LYS C 270 66.30 12.87 -1.94
C LYS C 270 67.12 14.06 -2.47
N SER C 271 67.51 14.04 -3.75
CA SER C 271 68.39 15.07 -4.37
C SER C 271 67.80 16.47 -4.16
N TRP C 272 66.51 16.68 -4.44
CA TRP C 272 65.89 18.03 -4.34
C TRP C 272 65.20 18.26 -2.99
N VAL C 273 64.76 17.23 -2.27
CA VAL C 273 64.15 17.41 -0.92
C VAL C 273 65.26 17.70 0.11
N ASP C 274 66.28 16.86 0.20
CA ASP C 274 67.31 16.94 1.28
C ASP C 274 68.25 18.14 1.09
N GLY C 275 68.44 18.63 -0.13
CA GLY C 275 69.25 19.85 -0.38
C GLY C 275 68.69 21.11 0.30
N SER C 276 67.36 21.27 0.29
CA SER C 276 66.62 22.56 0.39
C SER C 276 66.81 23.25 1.74
N ASP C 277 66.73 24.59 1.76
CA ASP C 277 66.58 25.39 3.00
C ASP C 277 65.09 25.46 3.40
N ARG C 278 64.21 24.77 2.68
CA ARG C 278 62.80 24.49 3.06
C ARG C 278 62.74 23.06 3.59
N HIS C 279 62.88 22.91 4.90
CA HIS C 279 63.17 21.62 5.56
C HIS C 279 61.93 20.72 5.55
N THR C 280 62.19 19.43 5.40
CA THR C 280 61.24 18.31 5.55
C THR C 280 61.85 17.32 6.56
N HIS C 281 61.08 16.88 7.54
CA HIS C 281 61.45 15.74 8.42
C HIS C 281 61.11 14.46 7.62
N ALA C 282 62.09 13.96 6.88
CA ALA C 282 61.93 12.87 5.89
C ALA C 282 62.86 11.71 6.24
N HIS C 283 62.41 10.49 5.97
CA HIS C 283 63.23 9.25 5.93
C HIS C 283 63.17 8.76 4.49
N PHE C 284 64.34 8.68 3.82
CA PHE C 284 64.44 8.30 2.39
C PHE C 284 64.64 6.79 2.29
N VAL C 285 63.76 6.14 1.54
CA VAL C 285 63.65 4.65 1.42
C VAL C 285 64.16 4.26 0.03
N ALA C 286 64.83 3.11 -0.08
CA ALA C 286 65.19 2.49 -1.37
C ALA C 286 63.92 1.89 -1.98
N GLY C 287 63.66 2.19 -3.26
CA GLY C 287 62.45 1.75 -3.97
C GLY C 287 61.22 2.50 -3.52
N ASP C 288 60.06 1.83 -3.57
CA ASP C 288 58.72 2.43 -3.37
C ASP C 288 58.33 2.39 -1.88
N VAL C 289 57.53 3.36 -1.47
CA VAL C 289 56.83 3.42 -0.16
C VAL C 289 55.40 2.92 -0.38
N ASP C 290 54.85 2.12 0.54
CA ASP C 290 53.39 1.84 0.62
C ASP C 290 52.66 3.09 1.16
N HIS C 296 46.31 4.07 10.51
CA HIS C 296 46.92 5.38 10.14
C HIS C 296 47.19 6.20 11.41
N PRO C 297 48.45 6.63 11.64
CA PRO C 297 48.82 7.35 12.86
C PRO C 297 48.16 8.73 13.07
N PHE C 298 47.66 9.38 12.00
CA PHE C 298 47.12 10.77 12.03
C PHE C 298 45.58 10.79 12.11
N ALA C 299 44.91 9.63 11.94
CA ALA C 299 43.45 9.48 12.12
C ALA C 299 43.10 9.52 13.62
N VAL C 300 42.12 10.35 14.01
CA VAL C 300 41.68 10.55 15.44
C VAL C 300 40.29 9.91 15.65
N HIS D 16 87.42 3.25 7.95
CA HIS D 16 86.60 2.07 8.34
C HIS D 16 86.58 1.92 9.87
N MET D 17 85.58 1.20 10.40
CA MET D 17 85.49 0.81 11.83
C MET D 17 86.11 -0.59 11.98
N ALA D 18 87.17 -0.70 12.78
CA ALA D 18 87.89 -1.95 13.11
C ALA D 18 87.35 -2.50 14.44
N LEU D 19 86.75 -3.69 14.42
CA LEU D 19 86.06 -4.30 15.60
C LEU D 19 86.91 -5.48 16.11
N ALA D 20 86.65 -5.91 17.33
CA ALA D 20 87.39 -7.01 18.02
C ALA D 20 86.71 -8.36 17.77
N ALA D 21 85.48 -8.35 17.31
CA ALA D 21 84.68 -9.58 17.05
C ALA D 21 83.58 -9.25 16.05
N PRO D 22 82.93 -10.26 15.43
CA PRO D 22 81.77 -10.00 14.58
C PRO D 22 80.73 -9.23 15.39
N PRO D 23 80.19 -8.10 14.90
CA PRO D 23 79.20 -7.34 15.66
C PRO D 23 77.92 -8.16 15.82
N GLY D 24 77.33 -8.08 17.02
CA GLY D 24 76.10 -8.81 17.39
C GLY D 24 74.96 -8.55 16.43
N GLU D 25 74.84 -7.35 15.86
CA GLU D 25 73.76 -6.95 14.91
C GLU D 25 73.82 -7.82 13.63
N LEU D 26 75.00 -8.37 13.28
CA LEU D 26 75.20 -9.10 12.00
C LEU D 26 75.36 -10.60 12.26
N THR D 27 75.36 -11.06 13.50
CA THR D 27 75.87 -12.41 13.87
C THR D 27 74.78 -13.27 14.51
N LEU D 28 74.74 -14.54 14.10
CA LEU D 28 73.93 -15.63 14.70
C LEU D 28 74.91 -16.73 15.10
N ALA D 29 74.99 -17.07 16.38
CA ALA D 29 75.92 -18.09 16.93
C ALA D 29 75.26 -19.45 16.83
N LEU D 30 75.85 -20.37 16.08
CA LEU D 30 75.33 -21.75 15.90
C LEU D 30 76.38 -22.76 16.37
N THR D 31 76.02 -24.05 16.36
CA THR D 31 76.93 -25.21 16.52
C THR D 31 76.81 -26.04 15.26
N PRO D 32 77.78 -26.94 14.95
CA PRO D 32 77.68 -27.82 13.79
C PRO D 32 76.52 -28.83 13.86
N ASP D 33 75.88 -29.01 15.03
CA ASP D 33 74.71 -29.91 15.21
C ASP D 33 73.42 -29.21 14.75
N ASP D 34 73.39 -27.87 14.69
CA ASP D 34 72.19 -27.09 14.26
C ASP D 34 71.94 -27.38 12.78
N LYS D 35 70.84 -28.06 12.46
CA LYS D 35 70.50 -28.53 11.08
C LYS D 35 69.45 -27.58 10.49
N THR D 36 68.82 -26.77 11.32
CA THR D 36 67.71 -25.85 10.95
C THR D 36 67.72 -24.71 11.96
N LEU D 37 67.35 -23.50 11.52
CA LEU D 37 67.03 -22.39 12.43
C LEU D 37 65.56 -22.52 12.85
N ASP D 38 65.27 -22.39 14.14
CA ASP D 38 63.89 -22.24 14.69
C ASP D 38 63.29 -20.99 14.03
N PRO D 39 61.95 -20.88 13.92
CA PRO D 39 61.34 -19.73 13.23
C PRO D 39 61.85 -18.34 13.66
N ALA D 40 62.12 -18.12 14.95
CA ALA D 40 62.60 -16.80 15.47
C ALA D 40 64.02 -16.50 14.94
N SER D 41 64.91 -17.49 14.94
CA SER D 41 66.30 -17.37 14.42
C SER D 41 66.28 -17.09 12.91
N LEU D 42 65.44 -17.83 12.16
CA LEU D 42 65.28 -17.64 10.69
C LEU D 42 64.79 -16.21 10.43
N ASP D 43 63.78 -15.74 11.17
CA ASP D 43 63.26 -14.36 11.00
C ASP D 43 64.39 -13.36 11.25
N ARG D 44 65.22 -13.58 12.27
CA ARG D 44 66.33 -12.66 12.60
C ARG D 44 67.37 -12.67 11.46
N ALA D 45 67.72 -13.85 10.98
CA ALA D 45 68.65 -14.05 9.83
C ALA D 45 68.17 -13.25 8.62
N LEU D 46 66.90 -13.39 8.24
CA LEU D 46 66.31 -12.67 7.08
C LEU D 46 66.24 -11.17 7.34
N ALA D 47 65.95 -10.74 8.57
CA ALA D 47 65.89 -9.30 8.92
C ALA D 47 67.28 -8.69 8.79
N ILE D 48 68.32 -9.42 9.19
CA ILE D 48 69.74 -8.95 9.10
C ILE D 48 70.13 -8.82 7.61
N LEU D 49 69.87 -9.85 6.79
CA LEU D 49 70.17 -9.80 5.34
C LEU D 49 69.40 -8.64 4.67
N ALA D 50 68.13 -8.46 4.99
CA ALA D 50 67.29 -7.39 4.38
C ALA D 50 67.87 -6.02 4.76
N GLU D 51 68.19 -5.81 6.04
CA GLU D 51 68.62 -4.48 6.54
C GLU D 51 70.08 -4.24 6.19
N HIS D 52 70.97 -5.18 6.51
CA HIS D 52 72.44 -4.98 6.51
C HIS D 52 73.09 -5.59 5.26
N GLY D 53 72.47 -6.60 4.65
CA GLY D 53 72.98 -7.27 3.44
C GLY D 53 74.10 -8.27 3.73
N ILE D 54 74.42 -8.51 5.01
CA ILE D 54 75.50 -9.45 5.40
C ILE D 54 75.15 -10.06 6.75
N LEU D 55 75.29 -11.37 6.81
CA LEU D 55 74.97 -12.21 8.00
C LEU D 55 76.17 -13.09 8.30
N VAL D 56 76.66 -13.07 9.54
CA VAL D 56 77.77 -13.96 9.98
C VAL D 56 77.19 -15.08 10.85
N LEU D 57 77.37 -16.33 10.42
CA LEU D 57 76.94 -17.54 11.17
C LEU D 57 78.19 -18.22 11.72
N THR D 58 78.45 -18.10 13.02
CA THR D 58 79.64 -18.68 13.70
C THR D 58 79.33 -20.12 14.07
N GLY D 59 80.36 -20.98 14.08
CA GLY D 59 80.31 -22.33 14.66
C GLY D 59 79.52 -23.30 13.81
N MET D 60 79.52 -23.13 12.49
CA MET D 60 78.71 -23.97 11.58
C MET D 60 79.48 -25.22 11.12
N LEU D 61 80.78 -25.10 10.83
CA LEU D 61 81.52 -26.20 10.16
C LEU D 61 82.54 -26.81 11.12
N ARG D 62 82.60 -28.13 11.16
CA ARG D 62 83.57 -28.93 11.98
C ARG D 62 84.98 -28.65 11.48
N THR D 63 85.95 -28.60 12.40
CA THR D 63 87.38 -28.31 12.11
C THR D 63 87.92 -29.40 11.16
N ARG D 64 87.38 -30.61 11.22
CA ARG D 64 87.77 -31.75 10.33
C ARG D 64 87.59 -31.33 8.87
N LEU D 65 86.50 -30.61 8.53
CA LEU D 65 86.20 -30.22 7.13
C LEU D 65 87.10 -29.03 6.73
N THR D 66 87.17 -28.00 7.57
CA THR D 66 87.93 -26.77 7.25
C THR D 66 89.41 -27.09 7.18
N ASP D 67 89.90 -28.02 8.03
CA ASP D 67 91.32 -28.48 7.98
C ASP D 67 91.64 -29.05 6.61
N GLN D 68 90.81 -29.96 6.10
CA GLN D 68 91.09 -30.64 4.79
C GLN D 68 91.05 -29.62 3.65
N LEU D 69 90.07 -28.71 3.65
CA LEU D 69 89.90 -27.71 2.58
C LEU D 69 91.07 -26.72 2.61
N ARG D 70 91.46 -26.26 3.80
CA ARG D 70 92.64 -25.37 4.01
C ARG D 70 93.89 -26.04 3.42
N THR D 71 94.14 -27.28 3.80
CA THR D 71 95.34 -28.07 3.39
C THR D 71 95.35 -28.18 1.85
N ALA D 72 94.22 -28.57 1.28
CA ALA D 72 94.10 -28.82 -0.18
C ALA D 72 94.38 -27.53 -0.95
N MET D 73 93.90 -26.38 -0.47
CA MET D 73 94.04 -25.09 -1.21
C MET D 73 95.48 -24.58 -1.06
N LEU D 74 96.07 -24.68 0.13
CA LEU D 74 97.52 -24.33 0.31
C LEU D 74 98.39 -25.24 -0.56
N ASP D 75 98.08 -26.53 -0.63
CA ASP D 75 98.86 -27.50 -1.48
C ASP D 75 98.74 -27.12 -2.96
N ASP D 76 97.60 -26.58 -3.39
CA ASP D 76 97.33 -26.24 -4.81
C ASP D 76 97.96 -24.90 -5.19
N LEU D 77 98.27 -24.05 -4.22
CA LEU D 77 98.65 -22.63 -4.48
C LEU D 77 99.90 -22.57 -5.36
N PRO D 78 100.93 -23.44 -5.15
CA PRO D 78 102.11 -23.41 -6.02
C PRO D 78 101.74 -23.60 -7.50
N GLU D 79 100.84 -24.54 -7.79
CA GLU D 79 100.39 -24.83 -9.16
C GLU D 79 99.67 -23.61 -9.74
N VAL D 80 98.89 -22.90 -8.93
CA VAL D 80 98.17 -21.66 -9.36
C VAL D 80 99.20 -20.58 -9.70
N LEU D 81 100.24 -20.40 -8.86
CA LEU D 81 101.19 -19.25 -8.98
C LEU D 81 102.15 -19.50 -10.14
N ARG D 82 102.31 -20.77 -10.54
CA ARG D 82 103.21 -21.26 -11.62
C ARG D 82 102.61 -20.97 -13.00
N GLN D 83 101.30 -20.70 -13.11
CA GLN D 83 100.58 -20.44 -14.39
C GLN D 83 101.19 -19.23 -15.09
N GLN D 84 101.09 -19.20 -16.43
CA GLN D 84 101.59 -18.10 -17.28
C GLN D 84 100.82 -16.82 -16.96
N ASP D 85 99.50 -16.90 -16.81
CA ASP D 85 98.64 -15.80 -16.29
C ASP D 85 97.99 -16.25 -14.98
N VAL D 86 98.37 -15.61 -13.87
CA VAL D 86 97.74 -15.85 -12.53
C VAL D 86 96.50 -14.97 -12.47
N PRO D 87 95.29 -15.54 -12.38
CA PRO D 87 94.08 -14.71 -12.29
C PRO D 87 94.10 -13.96 -10.94
N THR D 88 94.00 -12.64 -11.03
CA THR D 88 94.15 -11.70 -9.91
C THR D 88 92.92 -10.78 -9.89
N ASN D 89 92.36 -10.50 -8.71
CA ASN D 89 91.13 -9.69 -8.54
C ASN D 89 91.53 -8.23 -8.25
N PHE D 90 91.55 -7.41 -9.31
CA PHE D 90 91.74 -5.94 -9.33
C PHE D 90 93.20 -5.54 -9.09
N VAL D 91 93.85 -6.07 -8.05
CA VAL D 91 95.19 -5.62 -7.61
C VAL D 91 96.03 -6.81 -7.18
N PRO D 92 97.37 -6.68 -7.17
CA PRO D 92 98.26 -7.75 -6.74
C PRO D 92 97.92 -8.38 -5.37
N GLY D 93 98.06 -9.70 -5.28
CA GLY D 93 97.97 -10.50 -4.05
C GLY D 93 96.60 -11.15 -3.85
N HIS D 94 95.58 -10.77 -4.64
CA HIS D 94 94.20 -11.32 -4.49
C HIS D 94 93.97 -12.34 -5.62
N VAL D 95 94.31 -13.59 -5.38
CA VAL D 95 94.38 -14.63 -6.44
C VAL D 95 93.05 -15.39 -6.46
N GLN D 96 92.50 -15.61 -7.65
CA GLN D 96 91.30 -16.48 -7.82
C GLN D 96 91.81 -17.93 -7.82
N GLN D 97 91.28 -18.76 -6.93
CA GLN D 97 91.63 -20.19 -6.88
C GLN D 97 90.41 -21.02 -6.54
N ASP D 98 90.05 -21.94 -7.43
CA ASP D 98 88.97 -22.93 -7.19
C ASP D 98 89.49 -23.99 -6.24
N PRO D 99 88.72 -24.37 -5.21
CA PRO D 99 89.03 -25.55 -4.43
C PRO D 99 88.84 -26.80 -5.28
N PRO D 100 89.47 -27.93 -4.89
CA PRO D 100 89.34 -29.18 -5.61
C PRO D 100 87.88 -29.66 -5.63
N VAL D 101 87.51 -30.30 -6.74
CA VAL D 101 86.23 -31.01 -6.93
C VAL D 101 86.53 -32.52 -7.05
N ARG D 102 87.51 -33.01 -6.28
CA ARG D 102 87.68 -34.46 -6.02
C ARG D 102 86.60 -34.90 -5.03
N GLU D 103 86.07 -36.11 -5.18
CA GLU D 103 84.97 -36.66 -4.35
C GLU D 103 85.34 -36.56 -2.86
N SER D 104 86.62 -36.82 -2.51
CA SER D 104 87.11 -36.87 -1.11
C SER D 104 87.10 -35.49 -0.45
N LEU D 105 86.99 -34.40 -1.22
CA LEU D 105 87.01 -33.00 -0.68
C LEU D 105 85.69 -32.27 -1.01
N LEU D 106 84.66 -33.00 -1.46
CA LEU D 106 83.30 -32.43 -1.72
C LEU D 106 82.37 -32.91 -0.61
N PHE D 107 82.05 -32.00 0.31
CA PHE D 107 81.35 -32.31 1.58
C PHE D 107 79.93 -31.76 1.50
N PRO D 108 78.90 -32.62 1.72
CA PRO D 108 77.52 -32.15 1.79
C PRO D 108 77.33 -30.93 2.70
N ASP D 109 78.01 -30.90 3.85
CA ASP D 109 77.84 -29.80 4.84
C ASP D 109 78.44 -28.49 4.31
N VAL D 110 79.24 -28.54 3.25
CA VAL D 110 79.78 -27.31 2.58
C VAL D 110 78.92 -26.98 1.34
N LEU D 111 78.75 -27.91 0.40
CA LEU D 111 78.02 -27.64 -0.87
C LEU D 111 76.53 -27.47 -0.62
N LEU D 112 75.95 -28.29 0.27
CA LEU D 112 74.50 -28.43 0.49
C LEU D 112 74.17 -28.20 1.96
N ASN D 113 74.70 -27.14 2.56
CA ASN D 113 74.52 -26.89 4.00
C ASN D 113 73.05 -26.63 4.27
N PRO D 114 72.41 -27.36 5.21
CA PRO D 114 70.98 -27.22 5.44
C PRO D 114 70.58 -25.83 5.95
N VAL D 115 71.41 -25.19 6.79
CA VAL D 115 71.10 -23.84 7.32
C VAL D 115 71.24 -22.80 6.21
N VAL D 116 72.28 -22.92 5.38
CA VAL D 116 72.52 -21.97 4.24
C VAL D 116 71.29 -22.00 3.33
N TYR D 117 70.89 -23.19 2.88
CA TYR D 117 69.77 -23.37 1.92
C TYR D 117 68.43 -23.03 2.59
N GLN D 118 68.29 -23.23 3.88
CA GLN D 118 67.08 -22.73 4.60
C GLN D 118 66.99 -21.22 4.39
N ILE D 119 68.09 -20.50 4.56
CA ILE D 119 68.13 -19.02 4.40
C ILE D 119 67.96 -18.66 2.92
N THR D 120 68.69 -19.29 2.01
CA THR D 120 68.65 -18.88 0.58
C THR D 120 67.27 -19.23 -0.01
N HIS D 121 66.64 -20.34 0.42
CA HIS D 121 65.27 -20.72 -0.03
C HIS D 121 64.29 -19.63 0.38
N ALA D 122 64.40 -19.13 1.62
CA ALA D 122 63.48 -18.12 2.17
C ALA D 122 63.68 -16.79 1.44
N VAL D 123 64.89 -16.45 1.00
CA VAL D 123 65.15 -15.14 0.33
C VAL D 123 64.90 -15.26 -1.18
N LEU D 124 65.41 -16.31 -1.82
CA LEU D 124 65.49 -16.40 -3.30
C LEU D 124 64.44 -17.36 -3.88
N GLY D 125 63.78 -18.18 -3.06
CA GLY D 125 62.83 -19.22 -3.50
C GLY D 125 63.41 -20.61 -3.48
N ALA D 126 62.53 -21.62 -3.55
CA ALA D 126 62.87 -23.05 -3.41
C ALA D 126 63.70 -23.52 -4.61
N ASP D 127 63.65 -22.77 -5.71
CA ASP D 127 64.35 -23.06 -6.99
C ASP D 127 65.69 -22.33 -7.06
N ALA D 128 66.10 -21.60 -6.03
CA ALA D 128 67.45 -20.98 -5.96
C ALA D 128 68.50 -22.08 -6.13
N ARG D 129 69.63 -21.75 -6.75
CA ARG D 129 70.66 -22.79 -7.07
C ARG D 129 72.05 -22.21 -6.86
N ASN D 130 72.92 -23.00 -6.24
CA ASN D 130 74.37 -22.71 -6.20
C ASN D 130 74.94 -22.83 -7.61
N ALA D 131 75.67 -21.83 -8.09
CA ALA D 131 76.32 -21.86 -9.42
C ALA D 131 77.78 -21.42 -9.32
N VAL D 132 78.36 -21.40 -8.12
CA VAL D 132 79.79 -21.04 -7.94
C VAL D 132 80.39 -21.96 -6.88
N TYR D 133 81.56 -22.50 -7.18
CA TYR D 133 82.41 -23.27 -6.24
C TYR D 133 83.83 -22.84 -6.51
N SER D 134 84.19 -21.71 -5.93
CA SER D 134 85.46 -21.02 -6.22
C SER D 134 86.11 -20.59 -4.90
N GLY D 135 87.05 -19.67 -4.97
CA GLY D 135 87.86 -19.28 -3.81
C GLY D 135 88.73 -18.09 -4.11
N ASN D 136 89.17 -17.42 -3.06
CA ASN D 136 89.95 -16.16 -3.06
C ASN D 136 91.15 -16.44 -2.14
N MET D 137 92.34 -16.52 -2.71
CA MET D 137 93.61 -16.68 -1.93
C MET D 137 94.27 -15.30 -1.79
N ASN D 138 94.24 -14.75 -0.57
CA ASN D 138 94.80 -13.41 -0.26
C ASN D 138 96.25 -13.60 0.23
N LEU D 139 97.23 -13.26 -0.60
CA LEU D 139 98.69 -13.53 -0.36
C LEU D 139 99.27 -12.47 0.57
N PRO D 140 100.27 -12.81 1.41
CA PRO D 140 101.04 -11.81 2.16
C PRO D 140 101.53 -10.69 1.23
N GLY D 141 101.37 -9.43 1.67
CA GLY D 141 101.82 -8.24 0.94
C GLY D 141 100.83 -7.81 -0.13
N SER D 142 99.61 -8.34 -0.09
CA SER D 142 98.55 -8.00 -1.08
C SER D 142 98.22 -6.52 -0.99
N HIS D 143 97.71 -5.93 -2.08
CA HIS D 143 97.32 -4.51 -2.14
C HIS D 143 95.86 -4.36 -1.72
N GLU D 144 95.39 -3.12 -1.64
CA GLU D 144 93.99 -2.77 -1.28
C GLU D 144 93.15 -2.78 -2.55
N GLN D 145 92.07 -3.55 -2.57
CA GLN D 145 91.12 -3.59 -3.72
C GLN D 145 90.28 -2.33 -3.70
N PRO D 146 89.75 -1.86 -4.85
CA PRO D 146 88.73 -0.82 -4.84
C PRO D 146 87.45 -1.44 -4.27
N VAL D 147 86.61 -0.62 -3.67
CA VAL D 147 85.28 -1.07 -3.18
C VAL D 147 84.41 -1.40 -4.40
N HIS D 148 83.79 -2.57 -4.39
CA HIS D 148 83.03 -3.10 -5.54
C HIS D 148 81.90 -4.01 -5.04
N LEU D 149 81.04 -4.42 -5.97
CA LEU D 149 80.10 -5.55 -5.74
C LEU D 149 80.52 -6.71 -6.66
N ASP D 150 80.24 -7.93 -6.22
CA ASP D 150 80.53 -9.18 -6.98
C ASP D 150 79.47 -9.38 -8.06
N GLU D 151 78.24 -8.95 -7.83
CA GLU D 151 77.14 -9.10 -8.83
C GLU D 151 76.40 -7.79 -8.89
N PRO D 152 76.15 -7.26 -10.09
CA PRO D 152 75.52 -5.95 -10.24
C PRO D 152 74.02 -5.99 -9.95
N HIS D 153 73.46 -4.81 -9.74
CA HIS D 153 72.01 -4.54 -9.91
C HIS D 153 71.68 -4.80 -11.38
N LEU D 154 70.45 -5.22 -11.67
CA LEU D 154 70.03 -5.77 -12.98
C LEU D 154 69.70 -4.63 -13.96
N TRP D 155 69.36 -3.45 -13.44
CA TRP D 155 69.15 -2.23 -14.22
C TRP D 155 69.74 -1.06 -13.42
N PRO D 156 70.30 -0.05 -14.11
CA PRO D 156 70.80 1.14 -13.42
C PRO D 156 69.63 1.98 -12.90
N GLY D 157 69.79 2.57 -11.71
CA GLY D 157 68.83 3.56 -11.17
C GLY D 157 67.59 2.90 -10.59
N ILE D 158 67.55 1.58 -10.45
CA ILE D 158 66.31 0.85 -10.04
C ILE D 158 66.59 0.11 -8.73
N SER D 159 65.62 0.16 -7.81
CA SER D 159 65.59 -0.60 -6.55
C SER D 159 64.86 -1.91 -6.80
N HIS D 160 65.50 -3.05 -6.54
CA HIS D 160 64.87 -4.38 -6.67
C HIS D 160 65.44 -5.27 -5.57
N PRO D 161 64.73 -6.36 -5.21
CA PRO D 161 65.21 -7.28 -4.19
C PRO D 161 66.38 -8.13 -4.68
N PRO D 162 66.98 -8.94 -3.77
CA PRO D 162 68.11 -9.79 -4.12
C PRO D 162 67.75 -10.83 -5.19
N TYR D 163 68.72 -11.16 -6.05
CA TYR D 163 68.66 -12.33 -6.95
C TYR D 163 69.84 -13.26 -6.70
N CYS D 164 70.76 -12.92 -5.80
CA CYS D 164 71.93 -13.78 -5.47
C CYS D 164 72.42 -13.52 -4.05
N LEU D 165 72.92 -14.57 -3.40
CA LEU D 165 73.52 -14.53 -2.05
C LEU D 165 74.88 -15.23 -2.14
N CYS D 166 75.95 -14.49 -1.90
CA CYS D 166 77.31 -15.03 -1.73
C CYS D 166 77.37 -15.80 -0.40
N VAL D 167 77.98 -16.97 -0.43
CA VAL D 167 78.21 -17.84 0.75
C VAL D 167 79.73 -18.02 0.88
N ASP D 168 80.34 -17.31 1.82
CA ASP D 168 81.81 -17.20 1.98
C ASP D 168 82.23 -18.06 3.19
N VAL D 169 83.21 -18.95 2.99
CA VAL D 169 83.69 -19.89 4.03
C VAL D 169 85.17 -19.62 4.27
N PRO D 170 85.53 -18.86 5.33
CA PRO D 170 86.93 -18.68 5.70
C PRO D 170 87.54 -20.04 6.05
N LEU D 171 88.75 -20.33 5.55
CA LEU D 171 89.41 -21.63 5.80
C LEU D 171 90.55 -21.50 6.82
N ILE D 172 90.77 -20.30 7.36
CA ILE D 172 91.58 -20.04 8.59
C ILE D 172 90.84 -18.96 9.36
N ASP D 173 91.24 -18.70 10.61
CA ASP D 173 90.75 -17.52 11.37
C ASP D 173 91.13 -16.27 10.55
N PHE D 174 90.13 -15.45 10.22
CA PHE D 174 90.35 -14.14 9.58
C PHE D 174 90.53 -13.14 10.71
N THR D 175 91.54 -12.27 10.59
CA THR D 175 91.88 -11.22 11.56
C THR D 175 92.04 -9.91 10.81
N LEU D 176 92.10 -8.80 11.54
CA LEU D 176 92.35 -7.44 10.97
C LEU D 176 93.72 -7.45 10.26
N GLU D 177 94.65 -8.29 10.73
CA GLU D 177 96.03 -8.37 10.19
C GLU D 177 96.07 -9.16 8.86
N ASN D 178 95.34 -10.27 8.71
CA ASN D 178 95.55 -11.22 7.58
C ASN D 178 94.50 -11.04 6.46
N GLY D 179 93.72 -9.98 6.50
CA GLY D 179 92.89 -9.58 5.33
C GLY D 179 91.42 -9.93 5.50
N SER D 180 90.89 -9.88 6.73
CA SER D 180 89.42 -9.96 6.93
C SER D 180 88.77 -8.90 6.03
N THR D 181 87.79 -9.29 5.22
CA THR D 181 87.16 -8.43 4.19
C THR D 181 86.55 -7.18 4.84
N GLU D 182 86.64 -6.03 4.18
CA GLU D 182 85.86 -4.82 4.53
C GLU D 182 84.47 -4.92 3.91
N TYR D 183 83.42 -4.79 4.72
CA TYR D 183 82.01 -4.86 4.30
C TYR D 183 81.36 -3.50 4.56
N TRP D 184 80.44 -3.08 3.68
CA TRP D 184 79.66 -1.83 3.79
C TRP D 184 78.21 -2.18 4.12
N PRO D 185 77.84 -2.22 5.42
CA PRO D 185 76.50 -2.65 5.80
C PRO D 185 75.43 -1.76 5.15
N GLY D 186 74.37 -2.37 4.63
CA GLY D 186 73.20 -1.69 4.04
C GLY D 186 73.45 -1.17 2.64
N SER D 187 74.63 -1.43 2.06
CA SER D 187 75.05 -0.92 0.74
C SER D 187 74.36 -1.68 -0.39
N HIS D 188 73.76 -2.83 -0.10
CA HIS D 188 73.22 -3.76 -1.11
C HIS D 188 71.97 -3.18 -1.80
N VAL D 189 71.31 -2.16 -1.19
CA VAL D 189 70.07 -1.56 -1.76
C VAL D 189 70.43 -0.28 -2.55
N LEU D 190 71.69 0.15 -2.57
CA LEU D 190 72.05 1.44 -3.20
C LEU D 190 72.29 1.20 -4.69
N ASN D 191 71.56 1.89 -5.55
CA ASN D 191 71.73 1.76 -7.01
C ASN D 191 71.35 3.08 -7.69
N PRO D 192 71.92 4.23 -7.30
CA PRO D 192 71.64 5.48 -8.00
C PRO D 192 72.31 5.45 -9.38
N ASP D 193 71.86 6.28 -10.32
CA ASP D 193 72.47 6.45 -11.67
C ASP D 193 73.96 6.79 -11.51
N GLU D 194 74.81 6.26 -12.39
CA GLU D 194 76.24 6.61 -12.48
C GLU D 194 76.96 6.20 -11.18
N CYS D 195 76.63 5.05 -10.60
CA CYS D 195 77.17 4.57 -9.30
C CYS D 195 78.30 3.54 -9.51
N TYR D 196 78.26 2.79 -10.61
CA TYR D 196 79.10 1.60 -10.87
C TYR D 196 79.78 1.77 -12.22
N ASP D 197 81.04 1.34 -12.32
CA ASP D 197 81.78 1.22 -13.62
C ASP D 197 81.60 -0.21 -14.15
N GLU D 198 82.24 -0.50 -15.27
CA GLU D 198 82.09 -1.78 -16.03
C GLU D 198 82.60 -2.96 -15.19
N ARG D 199 83.42 -2.73 -14.18
CA ARG D 199 84.02 -3.82 -13.35
C ARG D 199 83.28 -3.94 -12.01
N GLY D 200 82.16 -3.24 -11.82
CA GLY D 200 81.38 -3.27 -10.57
C GLY D 200 82.05 -2.50 -9.44
N CYS D 201 82.97 -1.59 -9.74
CA CYS D 201 83.57 -0.67 -8.74
C CYS D 201 82.62 0.50 -8.46
N VAL D 202 82.54 0.91 -7.20
CA VAL D 202 81.67 2.02 -6.74
C VAL D 202 82.37 3.35 -7.05
N LEU D 203 81.65 4.28 -7.67
CA LEU D 203 82.16 5.65 -7.94
C LEU D 203 82.52 6.30 -6.61
N PRO D 204 83.72 6.94 -6.52
CA PRO D 204 84.19 7.55 -5.27
C PRO D 204 83.21 8.53 -4.63
N ALA D 205 82.48 9.30 -5.43
CA ALA D 205 81.49 10.29 -4.93
C ALA D 205 80.41 9.55 -4.10
N GLU D 206 79.91 8.41 -4.61
CA GLU D 206 78.88 7.61 -3.91
C GLU D 206 79.51 6.93 -2.68
N LEU D 207 80.78 6.52 -2.78
CA LEU D 207 81.48 5.91 -1.62
C LEU D 207 81.47 6.90 -0.45
N GLU D 208 81.86 8.16 -0.68
CA GLU D 208 82.04 9.17 0.40
C GLU D 208 80.69 9.59 0.95
N ARG D 209 79.67 9.78 0.10
CA ARG D 209 78.28 10.05 0.57
C ARG D 209 77.85 8.95 1.54
N ARG D 210 78.08 7.69 1.17
CA ARG D 210 77.66 6.53 1.97
C ARG D 210 78.47 6.47 3.27
N ARG D 211 79.79 6.70 3.18
CA ARG D 211 80.72 6.59 4.34
C ARG D 211 80.24 7.49 5.49
N ALA D 212 79.69 8.67 5.17
CA ALA D 212 79.23 9.67 6.17
C ALA D 212 78.01 9.15 6.95
N VAL D 213 77.19 8.30 6.34
CA VAL D 213 75.89 7.78 6.88
C VAL D 213 76.12 6.43 7.57
N ALA D 214 76.92 5.54 6.97
CA ALA D 214 77.11 4.14 7.41
C ALA D 214 78.52 3.68 7.04
N PRO D 215 79.55 4.02 7.84
CA PRO D 215 80.93 3.68 7.47
C PRO D 215 81.13 2.17 7.41
N PRO D 216 82.12 1.69 6.61
CA PRO D 216 82.37 0.25 6.50
C PRO D 216 82.98 -0.31 7.79
N VAL D 217 82.98 -1.63 7.89
CA VAL D 217 83.47 -2.37 9.07
C VAL D 217 84.41 -3.48 8.58
N ARG D 218 85.38 -3.80 9.42
CA ARG D 218 86.26 -4.97 9.31
C ARG D 218 86.28 -5.62 10.69
N PHE D 219 86.18 -6.94 10.75
CA PHE D 219 86.12 -7.67 12.03
C PHE D 219 86.70 -9.05 11.82
N PRO D 220 87.27 -9.64 12.89
CA PRO D 220 87.74 -11.03 12.81
C PRO D 220 86.53 -11.93 12.55
N ILE D 221 86.77 -13.02 11.83
CA ILE D 221 85.78 -14.10 11.60
C ILE D 221 86.48 -15.41 11.86
N PRO D 222 86.07 -16.17 12.90
CA PRO D 222 86.72 -17.43 13.21
C PRO D 222 86.41 -18.51 12.16
N VAL D 223 87.40 -19.36 11.87
CA VAL D 223 87.22 -20.53 10.96
C VAL D 223 86.09 -21.38 11.56
N GLY D 224 85.26 -22.01 10.71
CA GLY D 224 84.00 -22.66 11.12
C GLY D 224 82.81 -21.78 10.83
N SER D 225 83.04 -20.49 10.59
CA SER D 225 81.96 -19.52 10.30
C SER D 225 81.56 -19.63 8.83
N VAL D 226 80.34 -19.22 8.51
CA VAL D 226 79.87 -18.98 7.12
C VAL D 226 79.29 -17.56 7.08
N VAL D 227 79.71 -16.76 6.10
CA VAL D 227 79.17 -15.41 5.83
C VAL D 227 78.21 -15.55 4.64
N ILE D 228 76.97 -15.13 4.84
CA ILE D 228 75.97 -15.04 3.75
C ILE D 228 75.74 -13.57 3.51
N ARG D 229 75.85 -13.12 2.27
CA ARG D 229 75.68 -11.67 1.96
C ARG D 229 75.03 -11.52 0.60
N ASP D 230 74.29 -10.45 0.45
CA ASP D 230 73.75 -9.99 -0.84
C ASP D 230 74.93 -9.93 -1.82
N GLY D 231 74.80 -10.51 -3.01
CA GLY D 231 75.84 -10.43 -4.04
C GLY D 231 76.16 -9.00 -4.42
N ARG D 232 75.25 -8.06 -4.12
CA ARG D 232 75.39 -6.63 -4.49
C ARG D 232 76.03 -5.83 -3.36
N LEU D 233 76.36 -6.45 -2.23
CA LEU D 233 76.96 -5.72 -1.08
C LEU D 233 78.29 -5.10 -1.50
N TRP D 234 78.51 -3.84 -1.16
CA TRP D 234 79.83 -3.20 -1.36
C TRP D 234 80.82 -3.82 -0.37
N HIS D 235 82.00 -4.20 -0.86
CA HIS D 235 83.07 -4.77 -0.03
C HIS D 235 84.40 -4.57 -0.74
N ARG D 236 85.50 -4.87 -0.05
CA ARG D 236 86.84 -4.93 -0.71
C ARG D 236 87.72 -5.87 0.09
N GLY D 237 88.51 -6.67 -0.64
CA GLY D 237 89.67 -7.34 -0.07
C GLY D 237 90.71 -6.30 0.34
N VAL D 238 91.42 -6.59 1.42
CA VAL D 238 92.40 -5.66 2.03
C VAL D 238 93.72 -6.40 2.19
N PRO D 239 94.82 -5.64 2.41
CA PRO D 239 96.15 -6.23 2.55
C PRO D 239 96.18 -7.32 3.62
N ASN D 240 96.75 -8.46 3.25
CA ASN D 240 97.19 -9.51 4.20
C ASN D 240 98.60 -9.13 4.67
N LEU D 241 98.74 -8.73 5.92
CA LEU D 241 100.02 -8.28 6.53
C LEU D 241 100.61 -9.41 7.40
N SER D 242 100.12 -10.65 7.28
CA SER D 242 100.66 -11.84 7.97
C SER D 242 101.63 -12.56 7.02
N ALA D 243 102.23 -13.65 7.49
CA ALA D 243 103.24 -14.47 6.78
C ALA D 243 102.58 -15.63 6.03
N ALA D 244 101.24 -15.77 6.09
CA ALA D 244 100.53 -16.94 5.57
C ALA D 244 99.41 -16.50 4.61
N PRO D 245 99.26 -17.20 3.47
CA PRO D 245 98.13 -16.96 2.58
C PRO D 245 96.80 -17.22 3.31
N ARG D 246 95.79 -16.39 3.04
CA ARG D 246 94.47 -16.42 3.73
C ARG D 246 93.43 -16.95 2.75
N PRO D 247 93.10 -18.27 2.82
CA PRO D 247 92.18 -18.87 1.87
C PRO D 247 90.71 -18.68 2.26
N LEU D 248 89.88 -18.36 1.26
CA LEU D 248 88.40 -18.24 1.37
C LEU D 248 87.78 -19.16 0.32
N LEU D 249 86.85 -20.01 0.71
CA LEU D 249 86.02 -20.79 -0.23
C LEU D 249 84.75 -20.00 -0.48
N ALA D 250 84.36 -19.85 -1.74
CA ALA D 250 83.25 -18.97 -2.19
C ALA D 250 82.21 -19.78 -2.95
N MET D 251 80.94 -19.65 -2.55
CA MET D 251 79.77 -20.14 -3.29
C MET D 251 78.79 -18.97 -3.49
N THR D 252 77.94 -19.07 -4.50
CA THR D 252 76.90 -18.04 -4.77
C THR D 252 75.61 -18.71 -5.24
N HIS D 253 74.55 -18.49 -4.48
CA HIS D 253 73.18 -18.97 -4.79
C HIS D 253 72.48 -17.89 -5.61
N TYR D 254 71.83 -18.29 -6.70
CA TYR D 254 71.09 -17.39 -7.64
C TYR D 254 69.66 -17.86 -7.79
N THR D 255 68.74 -16.93 -8.07
CA THR D 255 67.39 -17.27 -8.56
C THR D 255 67.56 -18.18 -9.78
N GLU D 256 66.61 -19.08 -9.98
CA GLU D 256 66.51 -20.06 -11.09
C GLU D 256 66.68 -19.33 -12.43
N TRP D 257 66.22 -18.09 -12.56
CA TRP D 257 66.12 -17.42 -13.88
C TRP D 257 67.40 -16.62 -14.20
N PHE D 258 68.38 -16.54 -13.31
CA PHE D 258 69.65 -15.83 -13.62
C PHE D 258 70.63 -16.77 -14.36
N ASP D 259 71.05 -16.38 -15.56
CA ASP D 259 71.87 -17.23 -16.45
C ASP D 259 73.30 -17.35 -15.88
N MET D 260 73.74 -18.57 -15.59
CA MET D 260 75.11 -18.86 -15.10
C MET D 260 75.63 -20.11 -15.80
N PRO D 261 76.95 -20.21 -16.08
CA PRO D 261 77.52 -21.47 -16.55
C PRO D 261 77.43 -22.46 -15.39
N PRO D 262 77.32 -23.77 -15.67
CA PRO D 262 77.27 -24.77 -14.60
C PRO D 262 78.65 -24.99 -13.95
N ILE D 263 78.66 -25.45 -12.71
CA ILE D 263 79.87 -25.95 -11.99
C ILE D 263 80.19 -27.34 -12.55
N GLN D 264 81.43 -27.56 -12.97
CA GLN D 264 81.91 -28.90 -13.40
C GLN D 264 82.17 -29.76 -12.15
N LEU D 265 81.49 -30.88 -12.00
CA LEU D 265 81.68 -31.84 -10.86
C LEU D 265 81.88 -33.25 -11.40
N PRO D 266 82.62 -34.14 -10.70
CA PRO D 266 82.78 -35.52 -11.13
C PRO D 266 81.45 -36.26 -10.91
N ASP D 267 81.13 -37.26 -11.75
CA ASP D 267 79.84 -37.99 -11.68
C ASP D 267 79.81 -38.91 -10.44
N THR D 268 80.93 -39.05 -9.74
CA THR D 268 81.02 -39.80 -8.45
C THR D 268 80.29 -39.08 -7.31
N VAL D 269 79.84 -37.82 -7.48
CA VAL D 269 79.01 -37.10 -6.48
C VAL D 269 77.61 -36.84 -7.04
N LYS D 270 77.34 -37.27 -8.27
CA LYS D 270 76.03 -37.04 -8.92
C LYS D 270 74.90 -37.62 -8.06
N SER D 271 75.10 -38.78 -7.42
CA SER D 271 74.04 -39.48 -6.62
C SER D 271 73.49 -38.54 -5.54
N TRP D 272 74.34 -37.85 -4.77
CA TRP D 272 73.87 -36.99 -3.65
C TRP D 272 73.72 -35.52 -4.07
N VAL D 273 74.44 -35.03 -5.09
CA VAL D 273 74.26 -33.63 -5.56
C VAL D 273 72.96 -33.51 -6.37
N ASP D 274 72.76 -34.33 -7.40
CA ASP D 274 71.65 -34.16 -8.36
C ASP D 274 70.29 -34.56 -7.72
N GLY D 275 70.26 -35.43 -6.71
CA GLY D 275 69.01 -35.79 -6.03
C GLY D 275 68.35 -34.60 -5.31
N SER D 276 69.17 -33.73 -4.69
CA SER D 276 68.83 -32.85 -3.55
C SER D 276 67.75 -31.81 -3.91
N ASP D 277 66.95 -31.41 -2.92
CA ASP D 277 66.06 -30.21 -2.99
C ASP D 277 66.87 -28.93 -2.67
N ARG D 278 68.19 -29.06 -2.45
CA ARG D 278 69.17 -27.94 -2.38
C ARG D 278 69.91 -27.93 -3.72
N HIS D 279 69.42 -27.11 -4.66
CA HIS D 279 69.80 -27.21 -6.09
C HIS D 279 71.22 -26.66 -6.30
N THR D 280 71.92 -27.30 -7.23
CA THR D 280 73.22 -26.91 -7.79
C THR D 280 73.07 -26.86 -9.32
N HIS D 281 73.51 -25.78 -9.96
CA HIS D 281 73.66 -25.73 -11.43
C HIS D 281 74.98 -26.44 -11.78
N ALA D 282 74.90 -27.75 -12.05
CA ALA D 282 76.08 -28.63 -12.15
C ALA D 282 76.12 -29.34 -13.50
N HIS D 283 77.30 -29.55 -14.06
CA HIS D 283 77.58 -30.47 -15.19
C HIS D 283 78.47 -31.60 -14.64
N PHE D 284 77.99 -32.83 -14.71
CA PHE D 284 78.67 -34.04 -14.17
C PHE D 284 79.56 -34.65 -15.26
N VAL D 285 80.84 -34.82 -14.94
CA VAL D 285 81.91 -35.26 -15.88
C VAL D 285 82.33 -36.68 -15.51
N ALA D 286 82.65 -37.52 -16.49
CA ALA D 286 83.27 -38.85 -16.27
C ALA D 286 84.74 -38.63 -15.89
N GLY D 287 85.19 -39.27 -14.81
CA GLY D 287 86.57 -39.13 -14.31
C GLY D 287 86.75 -37.83 -13.55
N ASP D 288 87.95 -37.27 -13.58
CA ASP D 288 88.40 -36.15 -12.70
C ASP D 288 88.17 -34.82 -13.44
N VAL D 289 87.89 -33.75 -12.68
CA VAL D 289 87.84 -32.36 -13.24
C VAL D 289 89.18 -31.68 -12.92
N ASP D 290 89.77 -30.98 -13.89
CA ASP D 290 90.87 -30.03 -13.63
C ASP D 290 90.24 -28.72 -13.14
N HIS D 291 90.19 -28.54 -11.82
CA HIS D 291 89.61 -27.36 -11.11
C HIS D 291 90.45 -26.11 -11.32
N LEU D 292 91.76 -26.19 -11.61
CA LEU D 292 92.61 -24.97 -11.71
C LEU D 292 92.53 -24.28 -13.08
N THR D 293 92.43 -25.03 -14.18
CA THR D 293 92.16 -24.49 -15.56
C THR D 293 90.64 -24.24 -15.74
N HIS E 16 32.74 -16.16 -0.73
CA HIS E 16 31.99 -16.02 -2.02
C HIS E 16 32.93 -16.39 -3.19
N MET E 17 32.37 -16.72 -4.36
CA MET E 17 33.10 -16.85 -5.65
C MET E 17 33.08 -15.50 -6.38
N ALA E 18 34.25 -14.89 -6.60
CA ALA E 18 34.47 -13.63 -7.33
C ALA E 18 34.88 -13.98 -8.77
N LEU E 19 34.05 -13.61 -9.76
CA LEU E 19 34.21 -13.99 -11.18
C LEU E 19 34.65 -12.77 -11.98
N ALA E 20 35.19 -13.00 -13.18
CA ALA E 20 35.72 -11.97 -14.10
C ALA E 20 34.61 -11.45 -15.03
N ALA E 21 33.51 -12.17 -15.14
CA ALA E 21 32.40 -11.84 -16.06
C ALA E 21 31.14 -12.56 -15.57
N PRO E 22 29.94 -12.18 -16.04
CA PRO E 22 28.74 -12.96 -15.73
C PRO E 22 28.95 -14.41 -16.16
N PRO E 23 28.69 -15.40 -15.29
CA PRO E 23 28.93 -16.81 -15.67
C PRO E 23 27.97 -17.23 -16.78
N GLY E 24 28.49 -18.00 -17.74
CA GLY E 24 27.75 -18.48 -18.91
C GLY E 24 26.48 -19.21 -18.53
N GLU E 25 26.49 -19.97 -17.43
CA GLU E 25 25.31 -20.76 -16.95
C GLU E 25 24.13 -19.83 -16.60
N LEU E 26 24.36 -18.55 -16.31
CA LEU E 26 23.31 -17.60 -15.85
C LEU E 26 23.00 -16.55 -16.93
N THR E 27 23.69 -16.55 -18.05
CA THR E 27 23.77 -15.38 -18.96
C THR E 27 23.23 -15.70 -20.35
N LEU E 28 22.45 -14.77 -20.90
CA LEU E 28 21.98 -14.75 -22.31
C LEU E 28 22.45 -13.43 -22.91
N ALA E 29 23.30 -13.47 -23.94
CA ALA E 29 23.86 -12.28 -24.62
C ALA E 29 22.87 -11.82 -25.69
N LEU E 30 22.36 -10.60 -25.58
CA LEU E 30 21.39 -10.01 -26.55
C LEU E 30 21.96 -8.72 -27.13
N THR E 31 21.26 -8.13 -28.09
CA THR E 31 21.47 -6.75 -28.62
C THR E 31 20.20 -5.97 -28.36
N PRO E 32 20.24 -4.62 -28.38
CA PRO E 32 19.02 -3.82 -28.20
C PRO E 32 17.98 -3.98 -29.33
N ASP E 33 18.36 -4.60 -30.46
CA ASP E 33 17.44 -4.88 -31.60
C ASP E 33 16.61 -6.14 -31.34
N ASP E 34 17.04 -7.02 -30.44
CA ASP E 34 16.31 -8.26 -30.08
C ASP E 34 15.01 -7.86 -29.37
N LYS E 35 13.86 -8.11 -29.99
CA LYS E 35 12.52 -7.72 -29.49
C LYS E 35 11.85 -8.94 -28.87
N THR E 36 12.38 -10.13 -29.12
CA THR E 36 11.79 -11.44 -28.73
C THR E 36 12.93 -12.45 -28.62
N LEU E 37 12.83 -13.40 -27.69
CA LEU E 37 13.68 -14.60 -27.67
C LEU E 37 13.02 -15.65 -28.57
N ASP E 38 13.78 -16.29 -29.45
CA ASP E 38 13.37 -17.51 -30.19
C ASP E 38 13.01 -18.58 -29.16
N PRO E 39 12.16 -19.56 -29.49
CA PRO E 39 11.75 -20.57 -28.51
C PRO E 39 12.88 -21.24 -27.69
N ALA E 40 14.03 -21.55 -28.32
CA ALA E 40 15.17 -22.22 -27.65
C ALA E 40 15.79 -21.29 -26.60
N SER E 41 15.97 -20.00 -26.93
CA SER E 41 16.51 -18.97 -26.01
C SER E 41 15.56 -18.79 -24.82
N LEU E 42 14.26 -18.68 -25.08
CA LEU E 42 13.22 -18.55 -24.03
C LEU E 42 13.27 -19.77 -23.10
N ASP E 43 13.33 -20.98 -23.66
CA ASP E 43 13.42 -22.23 -22.85
C ASP E 43 14.65 -22.16 -21.95
N ARG E 44 15.79 -21.69 -22.46
CA ARG E 44 17.05 -21.61 -21.68
C ARG E 44 16.89 -20.57 -20.55
N ALA E 45 16.33 -19.41 -20.88
CA ALA E 45 16.03 -18.32 -19.90
C ALA E 45 15.19 -18.87 -18.75
N LEU E 46 14.10 -19.58 -19.04
CA LEU E 46 13.18 -20.13 -18.01
C LEU E 46 13.88 -21.24 -17.22
N ALA E 47 14.71 -22.07 -17.86
CA ALA E 47 15.46 -23.15 -17.18
C ALA E 47 16.44 -22.53 -16.18
N ILE E 48 17.09 -21.43 -16.57
CA ILE E 48 18.07 -20.71 -15.69
C ILE E 48 17.33 -20.13 -14.46
N LEU E 49 16.22 -19.41 -14.67
CA LEU E 49 15.39 -18.84 -13.59
C LEU E 49 14.90 -19.95 -12.65
N ALA E 50 14.40 -21.06 -13.19
CA ALA E 50 13.86 -22.19 -12.38
C ALA E 50 14.99 -22.78 -11.53
N GLU E 51 16.16 -23.04 -12.13
CA GLU E 51 17.26 -23.78 -11.45
C GLU E 51 18.03 -22.81 -10.53
N HIS E 52 18.43 -21.64 -11.03
CA HIS E 52 19.43 -20.75 -10.37
C HIS E 52 18.73 -19.56 -9.70
N GLY E 53 17.55 -19.15 -10.19
CA GLY E 53 16.76 -18.04 -9.64
C GLY E 53 17.29 -16.66 -10.05
N ILE E 54 18.28 -16.61 -10.93
CA ILE E 54 18.86 -15.34 -11.44
C ILE E 54 19.34 -15.55 -12.88
N LEU E 55 19.01 -14.58 -13.73
CA LEU E 55 19.29 -14.58 -15.17
C LEU E 55 19.89 -13.22 -15.53
N VAL E 56 21.05 -13.22 -16.18
CA VAL E 56 21.71 -11.98 -16.65
C VAL E 56 21.52 -11.86 -18.16
N LEU E 57 20.88 -10.78 -18.60
CA LEU E 57 20.67 -10.46 -20.04
C LEU E 57 21.55 -9.28 -20.40
N THR E 58 22.65 -9.52 -21.10
CA THR E 58 23.62 -8.46 -21.49
C THR E 58 23.15 -7.81 -22.81
N GLY E 59 23.45 -6.53 -22.99
CA GLY E 59 23.30 -5.80 -24.28
C GLY E 59 21.85 -5.52 -24.62
N MET E 60 21.00 -5.30 -23.62
CA MET E 60 19.54 -5.11 -23.84
C MET E 60 19.20 -3.64 -24.05
N LEU E 61 19.82 -2.71 -23.32
CA LEU E 61 19.36 -1.30 -23.29
C LEU E 61 20.38 -0.41 -24.00
N ARG E 62 19.88 0.50 -24.84
CA ARG E 62 20.69 1.51 -25.56
C ARG E 62 21.34 2.44 -24.54
N THR E 63 22.59 2.86 -24.78
CA THR E 63 23.36 3.68 -23.84
C THR E 63 22.66 5.05 -23.69
N ARG E 64 21.93 5.49 -24.72
CA ARG E 64 21.13 6.74 -24.70
C ARG E 64 20.16 6.73 -23.50
N LEU E 65 19.53 5.59 -23.20
CA LEU E 65 18.52 5.49 -22.12
C LEU E 65 19.23 5.42 -20.77
N THR E 66 20.22 4.54 -20.62
CA THR E 66 20.93 4.34 -19.34
C THR E 66 21.70 5.62 -18.98
N ASP E 67 22.23 6.34 -19.97
CA ASP E 67 22.95 7.64 -19.76
C ASP E 67 21.99 8.65 -19.12
N GLN E 68 20.78 8.81 -19.64
CA GLN E 68 19.80 9.81 -19.12
C GLN E 68 19.38 9.43 -17.69
N LEU E 69 19.12 8.15 -17.44
CA LEU E 69 18.66 7.67 -16.11
C LEU E 69 19.79 7.84 -15.09
N ARG E 70 21.02 7.48 -15.47
CA ARG E 70 22.23 7.66 -14.62
C ARG E 70 22.37 9.15 -14.24
N THR E 71 22.32 10.03 -15.24
CA THR E 71 22.49 11.50 -15.08
C THR E 71 21.42 12.02 -14.11
N ALA E 72 20.15 11.65 -14.36
CA ALA E 72 19.00 12.13 -13.56
C ALA E 72 19.16 11.73 -12.09
N MET E 73 19.61 10.51 -11.83
CA MET E 73 19.71 9.98 -10.44
C MET E 73 20.93 10.61 -9.73
N LEU E 74 22.06 10.76 -10.42
CA LEU E 74 23.23 11.48 -9.86
C LEU E 74 22.87 12.93 -9.57
N ASP E 75 22.12 13.59 -10.46
CA ASP E 75 21.67 15.01 -10.25
C ASP E 75 20.75 15.10 -9.03
N ASP E 76 19.95 14.07 -8.75
CA ASP E 76 18.95 14.06 -7.65
C ASP E 76 19.64 13.75 -6.31
N LEU E 77 20.81 13.12 -6.33
CA LEU E 77 21.44 12.54 -5.11
C LEU E 77 21.68 13.63 -4.08
N PRO E 78 22.13 14.86 -4.42
CA PRO E 78 22.30 15.92 -3.43
C PRO E 78 21.00 16.18 -2.64
N GLU E 79 19.87 16.25 -3.33
CA GLU E 79 18.56 16.50 -2.69
C GLU E 79 18.22 15.33 -1.75
N VAL E 80 18.53 14.11 -2.14
CA VAL E 80 18.30 12.89 -1.29
C VAL E 80 19.17 12.98 -0.02
N LEU E 81 20.44 13.40 -0.14
CA LEU E 81 21.40 13.34 0.99
C LEU E 81 21.11 14.50 1.98
N ARG E 82 20.41 15.52 1.51
CA ARG E 82 20.05 16.76 2.24
C ARG E 82 18.84 16.50 3.16
N GLN E 83 18.09 15.41 2.96
CA GLN E 83 16.89 15.03 3.78
C GLN E 83 17.30 14.85 5.24
N GLN E 84 16.36 15.08 6.17
CA GLN E 84 16.58 14.93 7.63
C GLN E 84 16.87 13.46 7.95
N ASP E 85 16.11 12.54 7.37
CA ASP E 85 16.35 11.08 7.44
C ASP E 85 16.56 10.54 6.03
N VAL E 86 17.79 10.09 5.73
CA VAL E 86 18.14 9.50 4.41
C VAL E 86 17.72 8.04 4.42
N PRO E 87 16.76 7.61 3.59
CA PRO E 87 16.22 6.26 3.66
C PRO E 87 17.30 5.27 3.25
N THR E 88 17.57 4.30 4.12
CA THR E 88 18.74 3.41 4.02
C THR E 88 18.27 1.95 4.10
N ASN E 89 18.86 1.05 3.31
CA ASN E 89 18.53 -0.39 3.31
C ASN E 89 19.51 -1.13 4.24
N PHE E 90 19.10 -1.37 5.48
CA PHE E 90 19.77 -2.18 6.52
C PHE E 90 20.98 -1.46 7.14
N VAL E 91 21.90 -0.93 6.33
CA VAL E 91 23.21 -0.42 6.82
C VAL E 91 23.59 0.84 6.05
N PRO E 92 24.46 1.70 6.61
CA PRO E 92 24.90 2.93 5.93
C PRO E 92 25.42 2.73 4.49
N GLY E 93 25.04 3.67 3.60
CA GLY E 93 25.56 3.79 2.23
C GLY E 93 24.64 3.17 1.19
N HIS E 94 23.63 2.39 1.59
CA HIS E 94 22.66 1.75 0.65
C HIS E 94 21.37 2.56 0.66
N VAL E 95 21.30 3.57 -0.19
CA VAL E 95 20.24 4.60 -0.15
C VAL E 95 19.11 4.17 -1.07
N GLN E 96 17.86 4.24 -0.60
CA GLN E 96 16.66 4.03 -1.45
C GLN E 96 16.44 5.34 -2.20
N GLN E 97 16.44 5.31 -3.53
CA GLN E 97 16.24 6.50 -4.37
C GLN E 97 15.41 6.11 -5.59
N ASP E 98 14.23 6.70 -5.69
CA ASP E 98 13.34 6.55 -6.87
C ASP E 98 13.93 7.34 -8.02
N PRO E 99 13.98 6.75 -9.23
CA PRO E 99 14.25 7.55 -10.42
C PRO E 99 13.05 8.47 -10.69
N PRO E 100 13.25 9.57 -11.44
CA PRO E 100 12.16 10.49 -11.77
C PRO E 100 11.05 9.79 -12.55
N VAL E 101 9.81 10.21 -12.31
CA VAL E 101 8.62 9.79 -13.11
C VAL E 101 8.11 11.03 -13.88
N ARG E 102 9.02 11.87 -14.36
CA ARG E 102 8.73 12.88 -15.42
C ARG E 102 8.61 12.14 -16.75
N GLU E 103 7.70 12.62 -17.61
CA GLU E 103 7.41 12.01 -18.94
C GLU E 103 8.73 11.84 -19.72
N SER E 104 9.64 12.81 -19.67
CA SER E 104 10.88 12.83 -20.48
C SER E 104 11.86 11.73 -20.05
N LEU E 105 11.68 11.11 -18.88
CA LEU E 105 12.59 10.05 -18.34
C LEU E 105 11.84 8.73 -18.15
N LEU E 106 10.62 8.60 -18.67
CA LEU E 106 9.83 7.34 -18.64
C LEU E 106 9.86 6.72 -20.04
N PHE E 107 10.63 5.64 -20.21
CA PHE E 107 10.96 5.04 -21.52
C PHE E 107 10.27 3.68 -21.65
N PRO E 108 9.47 3.48 -22.73
CA PRO E 108 8.86 2.18 -22.98
C PRO E 108 9.85 1.00 -22.92
N ASP E 109 11.06 1.17 -23.42
CA ASP E 109 12.05 0.05 -23.48
C ASP E 109 12.57 -0.28 -22.06
N VAL E 110 12.32 0.59 -21.07
CA VAL E 110 12.67 0.32 -19.64
C VAL E 110 11.43 -0.20 -18.89
N LEU E 111 10.31 0.53 -18.90
CA LEU E 111 9.09 0.16 -18.14
C LEU E 111 8.42 -1.07 -18.76
N LEU E 112 8.40 -1.16 -20.10
CA LEU E 112 7.60 -2.15 -20.88
C LEU E 112 8.50 -2.89 -21.87
N ASN E 113 9.63 -3.38 -21.38
CA ASN E 113 10.63 -4.06 -22.25
C ASN E 113 10.01 -5.36 -22.79
N PRO E 114 10.01 -5.56 -24.12
CA PRO E 114 9.37 -6.74 -24.70
C PRO E 114 10.02 -8.07 -24.29
N VAL E 115 11.34 -8.12 -24.15
CA VAL E 115 12.05 -9.37 -23.73
C VAL E 115 11.76 -9.67 -22.25
N VAL E 116 11.76 -8.64 -21.39
CA VAL E 116 11.49 -8.80 -19.93
C VAL E 116 10.10 -9.41 -19.78
N TYR E 117 9.09 -8.80 -20.39
CA TYR E 117 7.67 -9.22 -20.29
C TYR E 117 7.46 -10.58 -20.99
N GLN E 118 8.20 -10.88 -22.04
CA GLN E 118 8.17 -12.24 -22.64
C GLN E 118 8.52 -13.25 -21.54
N ILE E 119 9.59 -13.00 -20.78
CA ILE E 119 10.05 -13.92 -19.71
C ILE E 119 9.04 -13.88 -18.55
N THR E 120 8.62 -12.71 -18.09
CA THR E 120 7.76 -12.65 -16.88
C THR E 120 6.37 -13.21 -17.22
N HIS E 121 5.86 -13.03 -18.44
CA HIS E 121 4.57 -13.63 -18.91
C HIS E 121 4.67 -15.15 -18.83
N ALA E 122 5.78 -15.73 -19.29
CA ALA E 122 5.98 -17.20 -19.33
C ALA E 122 6.09 -17.75 -17.90
N VAL E 123 6.66 -17.00 -16.94
CA VAL E 123 6.85 -17.51 -15.55
C VAL E 123 5.59 -17.21 -14.72
N LEU E 124 5.06 -15.98 -14.79
CA LEU E 124 4.04 -15.47 -13.83
C LEU E 124 2.65 -15.40 -14.46
N GLY E 125 2.51 -15.56 -15.78
CA GLY E 125 1.23 -15.46 -16.51
C GLY E 125 1.06 -14.13 -17.24
N ALA E 126 0.09 -14.07 -18.16
CA ALA E 126 -0.12 -12.94 -19.11
C ALA E 126 -0.65 -11.72 -18.33
N ASP E 127 -1.16 -11.92 -17.12
CA ASP E 127 -1.70 -10.83 -16.26
C ASP E 127 -0.65 -10.35 -15.24
N ALA E 128 0.57 -10.85 -15.29
CA ALA E 128 1.67 -10.39 -14.42
C ALA E 128 1.85 -8.88 -14.62
N ARG E 129 2.23 -8.14 -13.58
CA ARG E 129 2.24 -6.66 -13.64
C ARG E 129 3.45 -6.12 -12.89
N ASN E 130 4.09 -5.11 -13.47
CA ASN E 130 5.11 -4.31 -12.78
C ASN E 130 4.42 -3.47 -11.70
N ALA E 131 4.90 -3.51 -10.47
CA ALA E 131 4.36 -2.69 -9.36
C ALA E 131 5.48 -2.00 -8.57
N VAL E 132 6.68 -1.90 -9.14
CA VAL E 132 7.82 -1.17 -8.50
C VAL E 132 8.57 -0.38 -9.58
N TYR E 133 8.84 0.88 -9.27
CA TYR E 133 9.72 1.76 -10.08
C TYR E 133 10.56 2.54 -9.10
N SER E 134 11.64 1.92 -8.64
CA SER E 134 12.48 2.45 -7.56
C SER E 134 13.95 2.30 -7.93
N GLY E 135 14.83 2.45 -6.94
CA GLY E 135 16.27 2.41 -7.20
C GLY E 135 17.05 2.29 -5.91
N ASN E 136 18.29 1.85 -6.05
CA ASN E 136 19.24 1.55 -4.94
C ASN E 136 20.53 2.30 -5.29
N MET E 137 20.84 3.38 -4.57
CA MET E 137 22.07 4.17 -4.78
C MET E 137 23.11 3.72 -3.73
N ASN E 138 24.15 3.02 -4.18
CA ASN E 138 25.21 2.43 -3.32
C ASN E 138 26.37 3.43 -3.26
N LEU E 139 26.52 4.14 -2.13
CA LEU E 139 27.51 5.26 -1.97
C LEU E 139 28.90 4.72 -1.69
N PRO E 140 29.96 5.44 -2.12
CA PRO E 140 31.32 5.11 -1.70
C PRO E 140 31.41 4.98 -0.17
N GLY E 141 32.08 3.93 0.32
CA GLY E 141 32.27 3.63 1.75
C GLY E 141 31.05 3.00 2.40
N SER E 142 30.12 2.47 1.61
CA SER E 142 28.91 1.77 2.11
C SER E 142 29.33 0.54 2.91
N HIS E 143 28.47 0.08 3.81
CA HIS E 143 28.71 -1.09 4.68
C HIS E 143 28.16 -2.35 4.00
N GLU E 144 28.37 -3.52 4.60
CA GLU E 144 27.92 -4.84 4.07
C GLU E 144 26.50 -5.09 4.59
N GLN E 145 25.53 -5.33 3.70
CA GLN E 145 24.14 -5.68 4.09
C GLN E 145 24.09 -7.10 4.59
N PRO E 146 23.15 -7.47 5.47
CA PRO E 146 22.94 -8.88 5.80
C PRO E 146 22.31 -9.54 4.56
N VAL E 147 22.53 -10.84 4.41
CA VAL E 147 21.90 -11.62 3.31
C VAL E 147 20.41 -11.71 3.61
N HIS E 148 19.58 -11.40 2.60
CA HIS E 148 18.12 -11.31 2.76
C HIS E 148 17.43 -11.63 1.43
N LEU E 149 16.11 -11.76 1.47
CA LEU E 149 15.27 -11.76 0.24
C LEU E 149 14.41 -10.50 0.25
N ASP E 150 14.10 -9.97 -0.93
CA ASP E 150 13.28 -8.75 -1.13
C ASP E 150 11.79 -9.10 -0.94
N GLU E 151 11.38 -10.33 -1.26
CA GLU E 151 9.96 -10.76 -1.07
C GLU E 151 9.98 -12.15 -0.46
N PRO E 152 9.18 -12.40 0.58
CA PRO E 152 9.19 -13.68 1.27
C PRO E 152 8.46 -14.78 0.50
N HIS E 153 8.70 -16.02 0.91
CA HIS E 153 7.81 -17.16 0.62
C HIS E 153 6.46 -16.84 1.27
N LEU E 154 5.36 -17.35 0.70
CA LEU E 154 3.98 -16.96 1.06
C LEU E 154 3.53 -17.76 2.29
N TRP E 155 4.10 -18.94 2.51
CA TRP E 155 3.85 -19.74 3.74
C TRP E 155 5.18 -20.35 4.18
N PRO E 156 5.42 -20.43 5.51
CA PRO E 156 6.65 -21.06 6.00
C PRO E 156 6.58 -22.59 5.76
N GLY E 157 7.73 -23.19 5.43
CA GLY E 157 7.88 -24.66 5.34
C GLY E 157 7.30 -25.23 4.05
N ILE E 158 6.93 -24.39 3.08
CA ILE E 158 6.22 -24.85 1.85
C ILE E 158 7.08 -24.52 0.64
N SER E 159 7.17 -25.45 -0.31
CA SER E 159 7.75 -25.23 -1.66
C SER E 159 6.65 -24.76 -2.60
N HIS E 160 6.79 -23.61 -3.22
CA HIS E 160 5.83 -23.08 -4.21
C HIS E 160 6.60 -22.35 -5.29
N PRO E 161 5.99 -22.16 -6.48
CA PRO E 161 6.66 -21.47 -7.57
C PRO E 161 6.76 -19.97 -7.32
N PRO E 162 7.46 -19.25 -8.21
CA PRO E 162 7.61 -17.80 -8.09
C PRO E 162 6.25 -17.09 -8.18
N TYR E 163 6.10 -15.98 -7.46
CA TYR E 163 4.99 -15.01 -7.63
C TYR E 163 5.53 -13.63 -7.96
N CYS E 164 6.85 -13.43 -7.99
CA CYS E 164 7.47 -12.13 -8.36
C CYS E 164 8.87 -12.32 -8.92
N LEU E 165 9.22 -11.45 -9.87
CA LEU E 165 10.54 -11.41 -10.53
C LEU E 165 11.05 -9.97 -10.44
N CYS E 166 12.15 -9.78 -9.72
CA CYS E 166 12.88 -8.49 -9.67
C CYS E 166 13.57 -8.30 -11.02
N VAL E 167 13.48 -7.07 -11.53
CA VAL E 167 14.10 -6.64 -12.81
C VAL E 167 15.03 -5.48 -12.48
N ASP E 168 16.33 -5.78 -12.42
CA ASP E 168 17.38 -4.85 -11.91
C ASP E 168 18.15 -4.30 -13.12
N VAL E 169 18.24 -2.97 -13.22
CA VAL E 169 18.91 -2.28 -14.36
C VAL E 169 20.09 -1.47 -13.82
N PRO E 170 21.32 -1.98 -13.94
CA PRO E 170 22.51 -1.21 -13.56
C PRO E 170 22.60 0.04 -14.44
N LEU E 171 22.91 1.20 -13.86
CA LEU E 171 22.98 2.47 -14.63
C LEU E 171 24.43 2.90 -14.83
N ILE E 172 25.39 2.12 -14.34
CA ILE E 172 26.85 2.18 -14.70
C ILE E 172 27.32 0.73 -14.76
N ASP E 173 28.52 0.51 -15.26
CA ASP E 173 29.21 -0.81 -15.17
C ASP E 173 29.33 -1.17 -13.70
N PHE E 174 28.80 -2.32 -13.32
CA PHE E 174 28.96 -2.89 -11.96
C PHE E 174 30.25 -3.71 -11.97
N THR E 175 31.08 -3.55 -10.95
CA THR E 175 32.37 -4.27 -10.78
C THR E 175 32.42 -4.85 -9.37
N LEU E 176 33.38 -5.74 -9.12
CA LEU E 176 33.68 -6.30 -7.78
C LEU E 176 34.03 -5.16 -6.81
N GLU E 177 34.59 -4.07 -7.32
CA GLU E 177 35.03 -2.91 -6.51
C GLU E 177 33.86 -2.01 -6.13
N ASN E 178 32.90 -1.74 -7.03
CA ASN E 178 31.90 -0.64 -6.83
C ASN E 178 30.53 -1.17 -6.36
N GLY E 179 30.44 -2.44 -5.95
CA GLY E 179 29.28 -2.96 -5.21
C GLY E 179 28.35 -3.79 -6.06
N SER E 180 28.87 -4.52 -7.05
CA SER E 180 28.08 -5.56 -7.75
C SER E 180 27.45 -6.46 -6.70
N THR E 181 26.15 -6.69 -6.77
CA THR E 181 25.37 -7.44 -5.76
C THR E 181 25.90 -8.86 -5.62
N GLU E 182 25.92 -9.38 -4.38
CA GLU E 182 26.18 -10.81 -4.13
C GLU E 182 24.86 -11.57 -4.27
N TYR E 183 24.85 -12.60 -5.10
CA TYR E 183 23.67 -13.45 -5.38
C TYR E 183 23.96 -14.86 -4.89
N TRP E 184 22.95 -15.54 -4.36
CA TRP E 184 23.06 -16.94 -3.85
C TRP E 184 22.31 -17.87 -4.79
N PRO E 185 22.99 -18.46 -5.80
CA PRO E 185 22.28 -19.23 -6.84
C PRO E 185 21.50 -20.38 -6.21
N GLY E 186 20.26 -20.59 -6.69
CA GLY E 186 19.40 -21.72 -6.27
C GLY E 186 18.74 -21.49 -4.92
N SER E 187 18.96 -20.33 -4.28
CA SER E 187 18.49 -20.05 -2.89
C SER E 187 16.99 -19.73 -2.89
N HIS E 188 16.41 -19.46 -4.06
CA HIS E 188 15.01 -18.98 -4.20
C HIS E 188 14.01 -20.09 -3.83
N VAL E 189 14.42 -21.36 -3.82
CA VAL E 189 13.50 -22.51 -3.53
C VAL E 189 13.64 -22.94 -2.07
N LEU E 190 14.57 -22.35 -1.30
CA LEU E 190 14.80 -22.79 0.10
C LEU E 190 13.77 -22.14 1.02
N ASN E 191 13.00 -22.94 1.75
CA ASN E 191 11.97 -22.40 2.65
C ASN E 191 11.72 -23.39 3.79
N PRO E 192 12.75 -23.79 4.55
CA PRO E 192 12.51 -24.59 5.75
C PRO E 192 11.89 -23.68 6.83
N ASP E 193 11.23 -24.26 7.84
CA ASP E 193 10.71 -23.53 9.02
C ASP E 193 11.88 -22.80 9.69
N GLU E 194 11.65 -21.59 10.23
CA GLU E 194 12.63 -20.84 11.06
C GLU E 194 13.85 -20.48 10.19
N CYS E 195 13.62 -20.05 8.95
CA CYS E 195 14.70 -19.69 7.98
C CYS E 195 14.85 -18.16 7.88
N TYR E 196 13.77 -17.40 8.10
CA TYR E 196 13.69 -15.93 7.81
C TYR E 196 13.21 -15.17 9.04
N ASP E 197 13.74 -13.97 9.28
CA ASP E 197 13.22 -13.04 10.33
C ASP E 197 12.24 -12.06 9.67
N GLU E 198 11.69 -11.14 10.46
CA GLU E 198 10.61 -10.19 10.07
C GLU E 198 11.12 -9.19 9.03
N ARG E 199 12.43 -9.05 8.84
CA ARG E 199 12.98 -8.10 7.82
C ARG E 199 13.43 -8.86 6.56
N GLY E 200 13.12 -10.16 6.46
CA GLY E 200 13.50 -10.97 5.31
C GLY E 200 14.98 -11.33 5.32
N CYS E 201 15.66 -11.22 6.48
CA CYS E 201 17.06 -11.68 6.63
C CYS E 201 17.08 -13.19 6.82
N VAL E 202 18.10 -13.84 6.26
CA VAL E 202 18.30 -15.31 6.41
C VAL E 202 18.93 -15.58 7.79
N LEU E 203 18.36 -16.52 8.53
CA LEU E 203 18.87 -16.90 9.87
C LEU E 203 20.27 -17.45 9.71
N PRO E 204 21.23 -17.02 10.57
CA PRO E 204 22.66 -17.23 10.29
C PRO E 204 23.06 -18.70 10.11
N ALA E 205 22.43 -19.60 10.86
CA ALA E 205 22.70 -21.04 10.82
C ALA E 205 22.36 -21.56 9.41
N GLU E 206 21.22 -21.14 8.84
CA GLU E 206 20.80 -21.56 7.48
C GLU E 206 21.74 -20.91 6.45
N LEU E 207 22.19 -19.68 6.68
CA LEU E 207 23.14 -19.01 5.75
C LEU E 207 24.40 -19.89 5.60
N GLU E 208 24.98 -20.30 6.72
CA GLU E 208 26.29 -21.00 6.72
C GLU E 208 26.10 -22.45 6.20
N ARG E 209 25.02 -23.13 6.56
CA ARG E 209 24.68 -24.47 5.99
C ARG E 209 24.63 -24.37 4.47
N ARG E 210 23.97 -23.35 3.94
CA ARG E 210 23.81 -23.18 2.47
C ARG E 210 25.17 -22.87 1.85
N ARG E 211 25.98 -22.01 2.49
CA ARG E 211 27.31 -21.60 1.95
C ARG E 211 28.18 -22.85 1.65
N ALA E 212 28.11 -23.88 2.48
CA ALA E 212 28.90 -25.13 2.36
C ALA E 212 28.51 -25.92 1.10
N VAL E 213 27.26 -25.82 0.66
CA VAL E 213 26.64 -26.63 -0.44
C VAL E 213 26.70 -25.82 -1.75
N ALA E 214 26.43 -24.51 -1.72
CA ALA E 214 26.32 -23.65 -2.91
C ALA E 214 26.72 -22.23 -2.54
N PRO E 215 28.02 -21.90 -2.50
CA PRO E 215 28.48 -20.58 -2.09
C PRO E 215 27.96 -19.49 -3.02
N PRO E 216 27.83 -18.24 -2.52
CA PRO E 216 27.35 -17.13 -3.34
C PRO E 216 28.37 -16.71 -4.40
N VAL E 217 27.93 -15.88 -5.33
CA VAL E 217 28.77 -15.38 -6.46
C VAL E 217 28.60 -13.87 -6.56
N ARG E 218 29.66 -13.21 -7.01
CA ARG E 218 29.68 -11.77 -7.35
C ARG E 218 30.44 -11.66 -8.67
N PHE E 219 29.97 -10.83 -9.58
CA PHE E 219 30.56 -10.72 -10.92
C PHE E 219 30.28 -9.33 -11.47
N PRO E 220 31.15 -8.83 -12.37
CA PRO E 220 30.87 -7.59 -13.08
C PRO E 220 29.62 -7.77 -13.93
N ILE E 221 28.85 -6.71 -14.08
CA ILE E 221 27.67 -6.63 -14.99
C ILE E 221 27.78 -5.32 -15.75
N PRO E 222 27.97 -5.36 -17.08
CA PRO E 222 28.10 -4.14 -17.87
C PRO E 222 26.76 -3.39 -17.96
N VAL E 223 26.82 -2.05 -17.96
CA VAL E 223 25.63 -1.18 -18.17
C VAL E 223 25.02 -1.57 -19.53
N GLY E 224 23.70 -1.52 -19.65
CA GLY E 224 22.93 -2.06 -20.79
C GLY E 224 22.37 -3.44 -20.45
N SER E 225 22.86 -4.07 -19.39
CA SER E 225 22.38 -5.40 -18.94
C SER E 225 21.07 -5.22 -18.15
N VAL E 226 20.26 -6.27 -18.11
CA VAL E 226 19.09 -6.41 -17.20
C VAL E 226 19.28 -7.73 -16.45
N VAL E 227 19.15 -7.69 -15.13
CA VAL E 227 19.14 -8.90 -14.27
C VAL E 227 17.68 -9.18 -13.90
N ILE E 228 17.22 -10.39 -14.22
CA ILE E 228 15.88 -10.87 -13.78
C ILE E 228 16.14 -11.96 -12.75
N ARG E 229 15.51 -11.84 -11.58
CA ARG E 229 15.73 -12.83 -10.52
C ARG E 229 14.44 -13.03 -9.74
N ASP E 230 14.30 -14.23 -9.20
CA ASP E 230 13.22 -14.56 -8.25
C ASP E 230 13.28 -13.52 -7.12
N GLY E 231 12.14 -12.93 -6.76
CA GLY E 231 12.08 -11.99 -5.62
C GLY E 231 12.53 -12.63 -4.32
N ARG E 232 12.53 -13.95 -4.26
CA ARG E 232 12.90 -14.72 -3.03
C ARG E 232 14.39 -15.08 -3.03
N LEU E 233 15.14 -14.71 -4.07
CA LEU E 233 16.58 -15.06 -4.14
C LEU E 233 17.33 -14.40 -2.98
N TRP E 234 18.17 -15.16 -2.28
CA TRP E 234 19.06 -14.59 -1.24
C TRP E 234 20.12 -13.72 -1.94
N HIS E 235 20.34 -12.52 -1.43
CA HIS E 235 21.34 -11.59 -2.00
C HIS E 235 21.74 -10.60 -0.91
N ARG E 236 22.79 -9.81 -1.17
CA ARG E 236 23.11 -8.65 -0.30
C ARG E 236 23.83 -7.62 -1.15
N GLY E 237 23.54 -6.35 -0.88
CA GLY E 237 24.39 -5.23 -1.28
C GLY E 237 25.70 -5.31 -0.54
N VAL E 238 26.78 -4.90 -1.19
CA VAL E 238 28.15 -4.99 -0.64
C VAL E 238 28.80 -3.62 -0.73
N PRO E 239 29.90 -3.39 0.01
CA PRO E 239 30.59 -2.10 0.01
C PRO E 239 30.96 -1.66 -1.42
N ASN E 240 30.64 -0.42 -1.73
CA ASN E 240 31.18 0.31 -2.89
C ASN E 240 32.51 0.92 -2.45
N LEU E 241 33.62 0.41 -2.97
CA LEU E 241 34.98 0.86 -2.60
C LEU E 241 35.53 1.82 -3.65
N SER E 242 34.71 2.29 -4.61
CA SER E 242 35.11 3.25 -5.66
C SER E 242 34.78 4.68 -5.22
N ALA E 243 35.09 5.66 -6.07
CA ALA E 243 34.91 7.11 -5.83
C ALA E 243 33.55 7.60 -6.32
N ALA E 244 32.74 6.72 -6.91
CA ALA E 244 31.49 7.11 -7.60
C ALA E 244 30.30 6.33 -7.03
N PRO E 245 29.17 7.01 -6.78
CA PRO E 245 27.93 6.32 -6.41
C PRO E 245 27.50 5.35 -7.50
N ARG E 246 26.98 4.17 -7.13
CA ARG E 246 26.61 3.06 -8.04
C ARG E 246 25.09 2.98 -8.11
N PRO E 247 24.43 3.60 -9.10
CA PRO E 247 22.97 3.60 -9.17
C PRO E 247 22.43 2.33 -9.85
N LEU E 248 21.37 1.80 -9.27
CA LEU E 248 20.58 0.66 -9.80
C LEU E 248 19.12 1.12 -9.91
N LEU E 249 18.50 0.92 -11.07
CA LEU E 249 17.04 1.11 -11.24
C LEU E 249 16.38 -0.27 -11.02
N ALA E 250 15.33 -0.28 -10.20
CA ALA E 250 14.71 -1.53 -9.73
C ALA E 250 13.22 -1.56 -10.11
N MET E 251 12.81 -2.64 -10.77
CA MET E 251 11.38 -2.94 -11.01
C MET E 251 11.08 -4.36 -10.50
N THR E 252 9.82 -4.65 -10.23
CA THR E 252 9.39 -5.99 -9.77
C THR E 252 8.03 -6.33 -10.37
N HIS E 253 8.00 -7.42 -11.13
CA HIS E 253 6.78 -8.00 -11.74
C HIS E 253 6.19 -9.00 -10.75
N TYR E 254 4.88 -8.92 -10.54
CA TYR E 254 4.12 -9.78 -9.60
C TYR E 254 2.97 -10.44 -10.35
N THR E 255 2.56 -11.63 -9.92
CA THR E 255 1.26 -12.23 -10.29
C THR E 255 0.19 -11.18 -10.02
N GLU E 256 -0.87 -11.19 -10.84
CA GLU E 256 -2.05 -10.29 -10.77
C GLU E 256 -2.60 -10.29 -9.35
N TRP E 257 -2.56 -11.43 -8.64
CA TRP E 257 -3.29 -11.60 -7.36
C TRP E 257 -2.46 -11.15 -6.15
N PHE E 258 -1.19 -10.75 -6.31
CA PHE E 258 -0.37 -10.27 -5.16
C PHE E 258 -0.65 -8.79 -4.90
N ASP E 259 -1.10 -8.46 -3.70
CA ASP E 259 -1.52 -7.08 -3.34
C ASP E 259 -0.30 -6.17 -3.24
N MET E 260 -0.27 -5.11 -4.05
CA MET E 260 0.80 -4.09 -4.05
C MET E 260 0.16 -2.72 -4.21
N PRO E 261 0.72 -1.65 -3.60
CA PRO E 261 0.25 -0.30 -3.88
C PRO E 261 0.62 0.00 -5.32
N PRO E 262 -0.14 0.87 -6.02
CA PRO E 262 0.18 1.22 -7.39
C PRO E 262 1.37 2.19 -7.46
N ILE E 263 2.10 2.18 -8.57
CA ILE E 263 3.14 3.18 -8.93
C ILE E 263 2.42 4.48 -9.32
N GLN E 264 2.79 5.60 -8.70
CA GLN E 264 2.27 6.94 -9.07
C GLN E 264 2.97 7.38 -10.36
N LEU E 265 2.21 7.62 -11.43
CA LEU E 265 2.75 8.13 -12.72
C LEU E 265 1.96 9.36 -13.14
N PRO E 266 2.57 10.30 -13.90
CA PRO E 266 1.81 11.41 -14.48
C PRO E 266 0.90 10.90 -15.60
N ASP E 267 -0.26 11.53 -15.79
CA ASP E 267 -1.28 11.11 -16.79
C ASP E 267 -0.77 11.36 -18.22
N THR E 268 0.35 12.08 -18.37
CA THR E 268 1.02 12.33 -19.67
C THR E 268 1.65 11.05 -20.24
N VAL E 269 1.73 9.94 -19.48
CA VAL E 269 2.20 8.63 -20.03
C VAL E 269 1.05 7.61 -20.02
N LYS E 270 -0.13 8.01 -19.56
CA LYS E 270 -1.31 7.10 -19.47
C LYS E 270 -1.59 6.47 -20.83
N SER E 271 -1.47 7.23 -21.93
CA SER E 271 -1.81 6.76 -23.31
C SER E 271 -1.04 5.48 -23.63
N TRP E 272 0.27 5.42 -23.40
CA TRP E 272 1.09 4.24 -23.79
C TRP E 272 1.26 3.24 -22.62
N VAL E 273 1.16 3.68 -21.35
CA VAL E 273 1.25 2.72 -20.20
C VAL E 273 -0.05 1.92 -20.09
N ASP E 274 -1.20 2.60 -20.00
CA ASP E 274 -2.50 1.95 -19.68
C ASP E 274 -3.01 1.11 -20.87
N GLY E 275 -2.63 1.41 -22.11
CA GLY E 275 -3.02 0.59 -23.28
C GLY E 275 -2.49 -0.84 -23.23
N SER E 276 -1.24 -1.02 -22.77
CA SER E 276 -0.33 -2.14 -23.11
C SER E 276 -0.84 -3.50 -22.58
N ASP E 277 -0.47 -4.59 -23.27
CA ASP E 277 -0.62 -5.98 -22.77
C ASP E 277 0.59 -6.34 -21.88
N ARG E 278 1.50 -5.40 -21.65
CA ARG E 278 2.58 -5.46 -20.61
C ARG E 278 2.12 -4.61 -19.44
N HIS E 279 1.45 -5.24 -18.47
CA HIS E 279 0.67 -4.54 -17.43
C HIS E 279 1.60 -3.86 -16.42
N THR E 280 1.15 -2.71 -15.94
CA THR E 280 1.71 -1.92 -14.84
C THR E 280 0.57 -1.65 -13.85
N HIS E 281 0.80 -1.90 -12.56
CA HIS E 281 -0.14 -1.47 -11.50
C HIS E 281 0.16 0.01 -11.22
N ALA E 282 -0.57 0.89 -11.90
CA ALA E 282 -0.27 2.34 -11.95
C ALA E 282 -1.48 3.16 -11.49
N HIS E 283 -1.23 4.27 -10.80
CA HIS E 283 -2.23 5.33 -10.52
C HIS E 283 -1.75 6.59 -11.26
N PHE E 284 -2.55 7.09 -12.21
CA PHE E 284 -2.21 8.25 -13.08
C PHE E 284 -2.71 9.52 -12.42
N VAL E 285 -1.80 10.47 -12.22
CA VAL E 285 -2.00 11.74 -11.46
C VAL E 285 -2.00 12.90 -12.47
N ALA E 286 -2.80 13.94 -12.21
CA ALA E 286 -2.75 15.22 -12.97
C ALA E 286 -1.50 15.98 -12.51
N GLY E 287 -0.71 16.47 -13.46
CA GLY E 287 0.54 17.20 -13.18
C GLY E 287 1.66 16.26 -12.75
N ASP E 288 2.58 16.76 -11.93
CA ASP E 288 3.89 16.10 -11.63
C ASP E 288 3.75 15.24 -10.37
N VAL E 289 4.53 14.16 -10.29
CA VAL E 289 4.69 13.34 -9.06
C VAL E 289 6.01 13.77 -8.40
N ASP E 290 5.99 13.99 -7.09
CA ASP E 290 7.22 14.16 -6.27
C ASP E 290 7.78 12.76 -5.99
N HIS E 291 8.77 12.31 -6.77
CA HIS E 291 9.42 10.97 -6.62
C HIS E 291 10.32 10.91 -5.36
N LEU E 292 10.84 12.03 -4.86
CA LEU E 292 11.68 12.06 -3.63
C LEU E 292 10.76 12.34 -2.44
N HIS E 296 10.48 6.43 2.90
CA HIS E 296 10.29 5.59 1.69
C HIS E 296 9.68 4.24 2.05
N PRO E 297 8.53 3.85 1.44
CA PRO E 297 7.85 2.60 1.79
C PRO E 297 8.60 1.29 1.47
N PHE E 298 9.60 1.30 0.58
CA PHE E 298 10.35 0.10 0.11
C PHE E 298 11.70 -0.05 0.84
N ALA E 299 12.13 0.95 1.63
CA ALA E 299 13.38 0.89 2.42
C ALA E 299 13.17 -0.03 3.64
N VAL E 300 14.08 -1.01 3.82
CA VAL E 300 14.10 -2.01 4.92
C VAL E 300 15.43 -1.84 5.65
N HIS F 16 -24.57 -38.24 -5.72
CA HIS F 16 -24.17 -37.62 -4.42
C HIS F 16 -24.72 -38.46 -3.24
N MET F 17 -24.16 -38.30 -2.05
CA MET F 17 -24.69 -38.84 -0.77
C MET F 17 -25.61 -37.79 -0.13
N ALA F 18 -26.89 -38.12 0.05
CA ALA F 18 -27.93 -37.29 0.72
C ALA F 18 -28.04 -37.74 2.18
N LEU F 19 -27.73 -36.86 3.13
CA LEU F 19 -27.69 -37.17 4.59
C LEU F 19 -28.89 -36.52 5.28
N ALA F 20 -29.18 -36.94 6.51
CA ALA F 20 -30.31 -36.45 7.34
C ALA F 20 -29.87 -35.25 8.20
N ALA F 21 -28.58 -35.05 8.36
CA ALA F 21 -28.03 -34.01 9.26
C ALA F 21 -26.57 -33.75 8.89
N PRO F 22 -25.95 -32.64 9.36
CA PRO F 22 -24.53 -32.42 9.13
C PRO F 22 -23.75 -33.60 9.69
N PRO F 23 -22.84 -34.23 8.92
CA PRO F 23 -22.10 -35.38 9.42
C PRO F 23 -21.17 -34.95 10.57
N GLY F 24 -21.10 -35.79 11.60
CA GLY F 24 -20.29 -35.57 12.82
C GLY F 24 -18.84 -35.27 12.50
N GLU F 25 -18.27 -35.89 11.46
CA GLU F 25 -16.87 -35.71 11.00
C GLU F 25 -16.58 -34.25 10.63
N LEU F 26 -17.60 -33.47 10.23
CA LEU F 26 -17.45 -32.10 9.68
C LEU F 26 -17.98 -31.05 10.67
N THR F 27 -18.56 -31.46 11.80
CA THR F 27 -19.46 -30.58 12.61
C THR F 27 -18.90 -30.36 14.02
N LEU F 28 -18.98 -29.12 14.49
CA LEU F 28 -18.72 -28.70 15.88
C LEU F 28 -19.99 -28.00 16.37
N ALA F 29 -20.63 -28.50 17.43
CA ALA F 29 -21.86 -27.93 18.02
C ALA F 29 -21.47 -26.84 19.02
N LEU F 30 -21.90 -25.60 18.78
CA LEU F 30 -21.63 -24.45 19.66
C LEU F 30 -22.95 -23.84 20.13
N THR F 31 -22.87 -22.85 21.02
CA THR F 31 -23.99 -21.96 21.42
C THR F 31 -23.59 -20.53 21.08
N PRO F 32 -24.54 -19.57 20.99
CA PRO F 32 -24.20 -18.18 20.73
C PRO F 32 -23.38 -17.50 21.85
N ASP F 33 -23.27 -18.12 23.03
CA ASP F 33 -22.45 -17.60 24.16
C ASP F 33 -20.98 -17.97 23.97
N ASP F 34 -20.65 -18.98 23.16
CA ASP F 34 -19.25 -19.42 22.91
C ASP F 34 -18.52 -18.30 22.17
N LYS F 35 -17.54 -17.66 22.81
CA LYS F 35 -16.77 -16.51 22.26
C LYS F 35 -15.41 -17.00 21.79
N THR F 36 -15.02 -18.21 22.18
CA THR F 36 -13.69 -18.81 21.90
C THR F 36 -13.84 -20.33 21.93
N LEU F 37 -13.10 -21.04 21.07
CA LEU F 37 -12.94 -22.51 21.16
C LEU F 37 -11.80 -22.80 22.15
N ASP F 38 -12.02 -23.73 23.08
CA ASP F 38 -10.95 -24.30 23.93
C ASP F 38 -9.91 -24.93 23.00
N PRO F 39 -8.63 -25.07 23.41
CA PRO F 39 -7.59 -25.60 22.53
C PRO F 39 -7.94 -26.91 21.79
N ALA F 40 -8.63 -27.86 22.45
CA ALA F 40 -8.99 -29.17 21.84
C ALA F 40 -10.02 -28.97 20.71
N SER F 41 -11.01 -28.11 20.92
CA SER F 41 -12.05 -27.77 19.91
C SER F 41 -11.39 -27.07 18.70
N LEU F 42 -10.50 -26.11 18.96
CA LEU F 42 -9.76 -25.38 17.90
C LEU F 42 -8.93 -26.38 17.08
N ASP F 43 -8.21 -27.29 17.75
CA ASP F 43 -7.40 -28.32 17.05
C ASP F 43 -8.31 -29.16 16.15
N ARG F 44 -9.50 -29.53 16.63
CA ARG F 44 -10.45 -30.38 15.86
C ARG F 44 -10.96 -29.57 14.65
N ALA F 45 -11.33 -28.31 14.85
CA ALA F 45 -11.77 -27.38 13.79
C ALA F 45 -10.72 -27.31 12.68
N LEU F 46 -9.45 -27.08 13.03
CA LEU F 46 -8.34 -26.97 12.04
C LEU F 46 -8.09 -28.33 11.36
N ALA F 47 -8.19 -29.44 12.09
CA ALA F 47 -7.98 -30.80 11.52
C ALA F 47 -9.07 -31.07 10.48
N ILE F 48 -10.31 -30.68 10.76
CA ILE F 48 -11.46 -30.86 9.83
C ILE F 48 -11.22 -30.03 8.55
N LEU F 49 -10.90 -28.74 8.69
CA LEU F 49 -10.59 -27.84 7.54
C LEU F 49 -9.44 -28.38 6.71
N ALA F 50 -8.35 -28.83 7.34
CA ALA F 50 -7.16 -29.37 6.65
C ALA F 50 -7.55 -30.61 5.85
N GLU F 51 -8.27 -31.55 6.48
CA GLU F 51 -8.56 -32.87 5.87
C GLU F 51 -9.73 -32.74 4.87
N HIS F 52 -10.83 -32.12 5.27
CA HIS F 52 -12.12 -32.18 4.53
C HIS F 52 -12.38 -30.87 3.77
N GLY F 53 -11.79 -29.75 4.21
CA GLY F 53 -11.94 -28.43 3.55
C GLY F 53 -13.27 -27.75 3.83
N ILE F 54 -14.07 -28.32 4.73
CA ILE F 54 -15.40 -27.76 5.11
C ILE F 54 -15.70 -28.13 6.55
N LEU F 55 -16.17 -27.13 7.30
CA LEU F 55 -16.44 -27.21 8.75
C LEU F 55 -17.81 -26.60 8.99
N VAL F 56 -18.71 -27.35 9.65
CA VAL F 56 -20.06 -26.84 9.99
C VAL F 56 -20.10 -26.53 11.49
N LEU F 57 -20.36 -25.28 11.83
CA LEU F 57 -20.49 -24.80 13.23
C LEU F 57 -21.95 -24.49 13.48
N THR F 58 -22.66 -25.36 14.22
CA THR F 58 -24.10 -25.20 14.52
C THR F 58 -24.25 -24.32 15.78
N GLY F 59 -25.35 -23.58 15.85
CA GLY F 59 -25.80 -22.83 17.05
C GLY F 59 -24.93 -21.63 17.36
N MET F 60 -24.36 -20.97 16.33
CA MET F 60 -23.45 -19.82 16.54
C MET F 60 -24.20 -18.49 16.60
N LEU F 61 -25.25 -18.30 15.81
CA LEU F 61 -25.91 -16.97 15.70
C LEU F 61 -27.31 -17.03 16.35
N ARG F 62 -27.62 -16.00 17.14
CA ARG F 62 -28.96 -15.80 17.75
C ARG F 62 -30.01 -15.63 16.66
N THR F 63 -31.22 -16.15 16.88
CA THR F 63 -32.34 -16.09 15.92
C THR F 63 -32.71 -14.62 15.67
N ARG F 64 -32.49 -13.74 16.66
CA ARG F 64 -32.75 -12.27 16.54
C ARG F 64 -31.95 -11.70 15.36
N LEU F 65 -30.69 -12.14 15.16
CA LEU F 65 -29.83 -11.62 14.06
C LEU F 65 -30.25 -12.24 12.72
N THR F 66 -30.40 -13.55 12.66
CA THR F 66 -30.74 -14.27 11.40
C THR F 66 -32.13 -13.85 10.93
N ASP F 67 -33.07 -13.59 11.87
CA ASP F 67 -34.43 -13.10 11.54
C ASP F 67 -34.34 -11.76 10.81
N GLN F 68 -33.57 -10.81 11.32
CA GLN F 68 -33.46 -9.44 10.72
C GLN F 68 -32.81 -9.55 9.33
N LEU F 69 -31.74 -10.34 9.20
CA LEU F 69 -31.00 -10.47 7.92
C LEU F 69 -31.88 -11.17 6.88
N ARG F 70 -32.59 -12.23 7.28
CA ARG F 70 -33.54 -12.96 6.40
C ARG F 70 -34.60 -12.00 5.91
N THR F 71 -35.23 -11.25 6.81
CA THR F 71 -36.33 -10.30 6.52
C THR F 71 -35.82 -9.25 5.54
N ALA F 72 -34.66 -8.65 5.81
CA ALA F 72 -34.08 -7.56 4.98
C ALA F 72 -33.84 -8.05 3.56
N MET F 73 -33.33 -9.28 3.39
CA MET F 73 -32.96 -9.81 2.05
C MET F 73 -34.23 -10.21 1.29
N LEU F 74 -35.20 -10.84 1.96
CA LEU F 74 -36.51 -11.16 1.34
C LEU F 74 -37.22 -9.85 0.96
N ASP F 75 -37.17 -8.81 1.78
CA ASP F 75 -37.79 -7.49 1.48
C ASP F 75 -37.13 -6.85 0.26
N ASP F 76 -35.83 -7.08 0.06
CA ASP F 76 -35.05 -6.48 -1.05
C ASP F 76 -35.30 -7.25 -2.36
N LEU F 77 -35.73 -8.50 -2.28
CA LEU F 77 -35.74 -9.43 -3.45
C LEU F 77 -36.63 -8.85 -4.56
N PRO F 78 -37.81 -8.26 -4.28
CA PRO F 78 -38.62 -7.65 -5.34
C PRO F 78 -37.84 -6.59 -6.14
N GLU F 79 -37.09 -5.75 -5.44
CA GLU F 79 -36.30 -4.66 -6.08
C GLU F 79 -35.18 -5.29 -6.94
N VAL F 80 -34.58 -6.40 -6.48
CA VAL F 80 -33.55 -7.15 -7.26
C VAL F 80 -34.18 -7.71 -8.53
N LEU F 81 -35.39 -8.28 -8.45
CA LEU F 81 -36.00 -9.05 -9.57
C LEU F 81 -36.58 -8.07 -10.59
N ARG F 82 -36.81 -6.83 -10.19
CA ARG F 82 -37.36 -5.70 -11.00
C ARG F 82 -36.27 -5.11 -11.93
N GLN F 83 -34.99 -5.39 -11.68
CA GLN F 83 -33.83 -4.91 -12.49
C GLN F 83 -33.96 -5.44 -13.91
N GLN F 84 -33.37 -4.74 -14.89
CA GLN F 84 -33.25 -5.18 -16.31
C GLN F 84 -32.49 -6.51 -16.39
N ASP F 85 -31.36 -6.60 -15.69
CA ASP F 85 -30.48 -7.80 -15.71
C ASP F 85 -30.30 -8.31 -14.28
N VAL F 86 -30.84 -9.50 -13.98
CA VAL F 86 -30.70 -10.13 -12.62
C VAL F 86 -29.34 -10.85 -12.60
N PRO F 87 -28.40 -10.43 -11.74
CA PRO F 87 -27.10 -11.08 -11.68
C PRO F 87 -27.26 -12.51 -11.16
N THR F 88 -26.75 -13.47 -11.92
CA THR F 88 -27.00 -14.92 -11.75
C THR F 88 -25.66 -15.67 -11.73
N ASN F 89 -25.52 -16.71 -10.91
CA ASN F 89 -24.32 -17.59 -10.85
C ASN F 89 -24.53 -18.82 -11.74
N PHE F 90 -24.01 -18.76 -12.97
CA PHE F 90 -23.91 -19.89 -13.95
C PHE F 90 -25.24 -20.18 -14.64
N VAL F 91 -26.32 -20.36 -13.87
CA VAL F 91 -27.62 -20.85 -14.40
C VAL F 91 -28.74 -20.11 -13.68
N PRO F 92 -29.94 -20.04 -14.29
CA PRO F 92 -31.10 -19.37 -13.68
C PRO F 92 -31.43 -19.84 -12.25
N GLY F 93 -31.82 -18.87 -11.42
CA GLY F 93 -32.36 -19.06 -10.07
C GLY F 93 -31.33 -18.88 -8.97
N HIS F 94 -30.04 -18.81 -9.30
CA HIS F 94 -28.94 -18.61 -8.30
C HIS F 94 -28.50 -17.15 -8.36
N VAL F 95 -29.17 -16.29 -7.60
CA VAL F 95 -29.10 -14.82 -7.75
C VAL F 95 -28.02 -14.32 -6.80
N GLN F 96 -27.13 -13.45 -7.28
CA GLN F 96 -26.16 -12.74 -6.44
C GLN F 96 -26.92 -11.57 -5.82
N GLN F 97 -26.98 -11.52 -4.49
CA GLN F 97 -27.73 -10.48 -3.75
C GLN F 97 -26.90 -10.12 -2.51
N ASP F 98 -26.43 -8.87 -2.50
CA ASP F 98 -25.74 -8.30 -1.32
C ASP F 98 -26.80 -8.03 -0.25
N PRO F 99 -26.54 -8.40 1.02
CA PRO F 99 -27.35 -7.91 2.13
C PRO F 99 -27.13 -6.42 2.29
N PRO F 100 -28.08 -5.69 2.93
CA PRO F 100 -27.93 -4.24 3.13
C PRO F 100 -26.69 -3.94 3.98
N VAL F 101 -26.04 -2.81 3.67
CA VAL F 101 -24.91 -2.25 4.47
C VAL F 101 -25.40 -0.93 5.10
N ARG F 102 -26.67 -0.89 5.52
CA ARG F 102 -27.22 0.09 6.47
C ARG F 102 -26.70 -0.27 7.86
N GLU F 103 -26.40 0.75 8.67
CA GLU F 103 -25.82 0.61 10.02
C GLU F 103 -26.68 -0.36 10.85
N SER F 104 -28.01 -0.27 10.72
CA SER F 104 -28.98 -1.02 11.58
C SER F 104 -28.94 -2.52 11.28
N LEU F 105 -28.36 -2.94 10.14
CA LEU F 105 -28.31 -4.37 9.73
C LEU F 105 -26.85 -4.88 9.61
N LEU F 106 -25.89 -4.09 10.12
CA LEU F 106 -24.46 -4.51 10.19
C LEU F 106 -24.14 -4.90 11.64
N PHE F 107 -24.01 -6.19 11.91
CA PHE F 107 -23.90 -6.78 13.26
C PHE F 107 -22.48 -7.29 13.52
N PRO F 108 -21.81 -6.81 14.59
CA PRO F 108 -20.48 -7.30 14.94
C PRO F 108 -20.39 -8.84 15.00
N ASP F 109 -21.42 -9.52 15.50
CA ASP F 109 -21.38 -11.00 15.69
C ASP F 109 -21.46 -11.70 14.31
N VAL F 110 -21.82 -10.97 13.24
CA VAL F 110 -21.82 -11.50 11.84
C VAL F 110 -20.52 -11.09 11.13
N LEU F 111 -20.20 -9.80 11.07
CA LEU F 111 -19.01 -9.30 10.32
C LEU F 111 -17.71 -9.69 11.04
N LEU F 112 -17.70 -9.65 12.36
CA LEU F 112 -16.48 -9.77 13.22
C LEU F 112 -16.70 -10.86 14.27
N ASN F 113 -17.19 -12.02 13.85
CA ASN F 113 -17.52 -13.13 14.79
C ASN F 113 -16.22 -13.62 15.42
N PRO F 114 -16.14 -13.67 16.77
CA PRO F 114 -14.90 -14.05 17.46
C PRO F 114 -14.45 -15.49 17.16
N VAL F 115 -15.39 -16.44 17.04
CA VAL F 115 -15.03 -17.86 16.76
C VAL F 115 -14.53 -17.99 15.31
N VAL F 116 -15.18 -17.31 14.36
CA VAL F 116 -14.79 -17.36 12.92
C VAL F 116 -13.34 -16.87 12.82
N TYR F 117 -13.06 -15.67 13.36
CA TYR F 117 -11.73 -15.03 13.27
C TYR F 117 -10.69 -15.82 14.09
N GLN F 118 -11.09 -16.47 15.19
CA GLN F 118 -10.18 -17.39 15.90
C GLN F 118 -9.68 -18.46 14.91
N ILE F 119 -10.60 -19.06 14.15
CA ILE F 119 -10.27 -20.13 13.17
C ILE F 119 -9.48 -19.52 12.00
N THR F 120 -9.93 -18.41 11.41
CA THR F 120 -9.28 -17.86 10.20
C THR F 120 -7.88 -17.32 10.58
N HIS F 121 -7.71 -16.74 11.78
CA HIS F 121 -6.38 -16.27 12.27
C HIS F 121 -5.42 -17.46 12.35
N ALA F 122 -5.87 -18.59 12.87
CA ALA F 122 -5.03 -19.81 13.05
C ALA F 122 -4.65 -20.38 11.68
N VAL F 123 -5.53 -20.29 10.66
CA VAL F 123 -5.25 -20.89 9.33
C VAL F 123 -4.49 -19.90 8.45
N LEU F 124 -4.91 -18.64 8.41
CA LEU F 124 -4.45 -17.66 7.39
C LEU F 124 -3.48 -16.63 7.99
N GLY F 125 -3.38 -16.53 9.32
CA GLY F 125 -2.56 -15.54 10.03
C GLY F 125 -3.39 -14.39 10.58
N ALA F 126 -2.78 -13.62 11.48
CA ALA F 126 -3.40 -12.56 12.31
C ALA F 126 -3.78 -11.38 11.42
N ASP F 127 -3.19 -11.27 10.22
CA ASP F 127 -3.48 -10.18 9.24
C ASP F 127 -4.53 -10.61 8.22
N ALA F 128 -5.13 -11.80 8.35
CA ALA F 128 -6.21 -12.24 7.44
C ALA F 128 -7.34 -11.22 7.51
N ARG F 129 -8.06 -11.01 6.42
CA ARG F 129 -9.08 -9.94 6.34
C ARG F 129 -10.30 -10.44 5.57
N ASN F 130 -11.48 -10.11 6.06
CA ASN F 130 -12.74 -10.27 5.31
C ASN F 130 -12.73 -9.25 4.17
N ALA F 131 -12.99 -9.71 2.94
CA ALA F 131 -13.09 -8.83 1.75
C ALA F 131 -14.35 -9.13 0.94
N VAL F 132 -15.33 -9.82 1.52
CA VAL F 132 -16.64 -10.11 0.85
C VAL F 132 -17.77 -9.96 1.85
N TYR F 133 -18.81 -9.24 1.47
CA TYR F 133 -20.08 -9.13 2.24
C TYR F 133 -21.19 -9.18 1.20
N SER F 134 -21.54 -10.38 0.82
CA SER F 134 -22.47 -10.64 -0.29
C SER F 134 -23.46 -11.74 0.11
N GLY F 135 -24.11 -12.33 -0.88
CA GLY F 135 -25.15 -13.33 -0.63
C GLY F 135 -25.55 -14.03 -1.89
N ASN F 136 -26.15 -15.19 -1.71
CA ASN F 136 -26.60 -16.15 -2.76
C ASN F 136 -28.07 -16.42 -2.45
N MET F 137 -28.98 -15.87 -3.27
CA MET F 137 -30.44 -16.10 -3.14
C MET F 137 -30.83 -17.19 -4.13
N ASN F 138 -31.13 -18.39 -3.64
CA ASN F 138 -31.51 -19.57 -4.45
C ASN F 138 -33.04 -19.58 -4.58
N LEU F 139 -33.57 -19.22 -5.75
CA LEU F 139 -35.04 -19.06 -6.01
C LEU F 139 -35.70 -20.40 -6.28
N PRO F 140 -36.99 -20.57 -5.91
CA PRO F 140 -37.76 -21.74 -6.34
C PRO F 140 -37.64 -21.95 -7.86
N GLY F 141 -37.41 -23.19 -8.29
CA GLY F 141 -37.28 -23.59 -9.70
C GLY F 141 -35.90 -23.30 -10.26
N SER F 142 -34.91 -23.04 -9.41
CA SER F 142 -33.50 -22.81 -9.84
C SER F 142 -32.96 -24.04 -10.56
N HIS F 143 -31.99 -23.85 -11.45
CA HIS F 143 -31.36 -24.94 -12.23
C HIS F 143 -30.15 -25.50 -11.47
N GLU F 144 -29.52 -26.55 -12.00
CA GLU F 144 -28.33 -27.21 -11.38
C GLU F 144 -27.08 -26.47 -11.85
N GLN F 145 -26.24 -25.98 -10.93
CA GLN F 145 -24.95 -25.32 -11.30
C GLN F 145 -23.94 -26.40 -11.68
N PRO F 146 -22.94 -26.08 -12.53
CA PRO F 146 -21.81 -26.98 -12.71
C PRO F 146 -20.97 -26.96 -11.42
N VAL F 147 -20.25 -28.04 -11.15
CA VAL F 147 -19.33 -28.11 -9.99
C VAL F 147 -18.15 -27.18 -10.28
N HIS F 148 -17.81 -26.33 -9.31
CA HIS F 148 -16.78 -25.28 -9.46
C HIS F 148 -16.14 -24.97 -8.10
N LEU F 149 -15.09 -24.17 -8.12
CA LEU F 149 -14.55 -23.54 -6.89
C LEU F 149 -14.77 -22.02 -6.99
N ASP F 150 -14.96 -21.36 -5.86
CA ASP F 150 -15.18 -19.89 -5.76
C ASP F 150 -13.84 -19.17 -5.92
N GLU F 151 -12.73 -19.77 -5.49
CA GLU F 151 -11.38 -19.16 -5.65
C GLU F 151 -10.43 -20.23 -6.16
N PRO F 152 -9.63 -19.93 -7.19
CA PRO F 152 -8.75 -20.94 -7.77
C PRO F 152 -7.49 -21.20 -6.90
N HIS F 153 -6.80 -22.28 -7.21
CA HIS F 153 -5.40 -22.50 -6.82
C HIS F 153 -4.57 -21.39 -7.49
N LEU F 154 -3.45 -21.02 -6.89
CA LEU F 154 -2.66 -19.83 -7.29
C LEU F 154 -1.70 -20.19 -8.44
N TRP F 155 -1.36 -21.46 -8.59
CA TRP F 155 -0.55 -21.95 -9.72
C TRP F 155 -1.09 -23.30 -10.16
N PRO F 156 -1.09 -23.62 -11.47
CA PRO F 156 -1.56 -24.91 -11.92
C PRO F 156 -0.56 -26.02 -11.53
N GLY F 157 -1.06 -27.19 -11.15
CA GLY F 157 -0.24 -28.40 -10.93
C GLY F 157 0.47 -28.38 -9.59
N ILE F 158 0.18 -27.44 -8.69
CA ILE F 158 0.95 -27.25 -7.44
C ILE F 158 0.04 -27.48 -6.23
N SER F 159 0.55 -28.14 -5.20
CA SER F 159 -0.09 -28.28 -3.87
C SER F 159 0.37 -27.13 -2.99
N HIS F 160 -0.54 -26.31 -2.47
CA HIS F 160 -0.20 -25.21 -1.53
C HIS F 160 -1.28 -25.10 -0.48
N PRO F 161 -1.00 -24.48 0.68
CA PRO F 161 -2.01 -24.32 1.72
C PRO F 161 -3.08 -23.31 1.35
N PRO F 162 -4.13 -23.19 2.19
CA PRO F 162 -5.21 -22.24 1.94
C PRO F 162 -4.71 -20.79 1.97
N TYR F 163 -5.33 -19.93 1.17
CA TYR F 163 -5.16 -18.46 1.23
C TYR F 163 -6.52 -17.77 1.44
N CYS F 164 -7.62 -18.53 1.46
CA CYS F 164 -8.97 -17.95 1.70
C CYS F 164 -9.92 -18.98 2.30
N LEU F 165 -10.79 -18.50 3.19
CA LEU F 165 -11.86 -19.32 3.83
C LEU F 165 -13.18 -18.61 3.60
N CYS F 166 -14.07 -19.24 2.84
CA CYS F 166 -15.47 -18.80 2.69
C CYS F 166 -16.20 -19.03 4.01
N VAL F 167 -16.98 -18.05 4.41
CA VAL F 167 -17.81 -18.08 5.65
C VAL F 167 -19.25 -17.88 5.20
N ASP F 168 -20.02 -18.97 5.18
CA ASP F 168 -21.40 -19.03 4.62
C ASP F 168 -22.38 -19.06 5.79
N VAL F 169 -23.36 -18.16 5.78
CA VAL F 169 -24.38 -18.02 6.87
C VAL F 169 -25.76 -18.26 6.28
N PRO F 170 -26.32 -19.48 6.46
CA PRO F 170 -27.70 -19.75 6.04
C PRO F 170 -28.65 -18.84 6.82
N LEU F 171 -29.63 -18.24 6.15
CA LEU F 171 -30.58 -17.30 6.81
C LEU F 171 -31.96 -17.97 6.98
N ILE F 172 -32.10 -19.22 6.55
CA ILE F 172 -33.23 -20.13 6.91
C ILE F 172 -32.61 -21.52 7.08
N ASP F 173 -33.39 -22.46 7.62
CA ASP F 173 -33.03 -23.90 7.63
C ASP F 173 -32.80 -24.34 6.17
N PHE F 174 -31.63 -24.86 5.89
CA PHE F 174 -31.30 -25.45 4.57
C PHE F 174 -31.70 -26.93 4.63
N THR F 175 -32.37 -27.42 3.60
CA THR F 175 -32.85 -28.82 3.48
C THR F 175 -32.44 -29.36 2.11
N LEU F 176 -32.57 -30.67 1.92
CA LEU F 176 -32.33 -31.34 0.61
C LEU F 176 -33.33 -30.80 -0.41
N GLU F 177 -34.51 -30.34 0.03
CA GLU F 177 -35.58 -29.83 -0.85
C GLU F 177 -35.26 -28.40 -1.33
N ASN F 178 -34.76 -27.51 -0.46
CA ASN F 178 -34.69 -26.05 -0.76
C ASN F 178 -33.29 -25.59 -1.21
N GLY F 179 -32.38 -26.51 -1.51
CA GLY F 179 -31.12 -26.19 -2.22
C GLY F 179 -29.90 -26.12 -1.30
N SER F 180 -29.85 -26.93 -0.24
CA SER F 180 -28.62 -27.10 0.56
C SER F 180 -27.46 -27.43 -0.42
N THR F 181 -26.36 -26.69 -0.33
CA THR F 181 -25.22 -26.77 -1.29
C THR F 181 -24.64 -28.19 -1.31
N GLU F 182 -24.24 -28.65 -2.50
CA GLU F 182 -23.46 -29.90 -2.66
C GLU F 182 -21.97 -29.56 -2.44
N TYR F 183 -21.33 -30.27 -1.52
CA TYR F 183 -19.90 -30.09 -1.15
C TYR F 183 -19.15 -31.35 -1.54
N TRP F 184 -17.91 -31.21 -2.01
CA TRP F 184 -17.00 -32.33 -2.36
C TRP F 184 -15.89 -32.42 -1.30
N PRO F 185 -16.06 -33.20 -0.23
CA PRO F 185 -15.10 -33.19 0.87
C PRO F 185 -13.69 -33.59 0.38
N GLY F 186 -12.67 -32.86 0.84
CA GLY F 186 -11.25 -33.14 0.55
C GLY F 186 -10.84 -32.65 -0.83
N SER F 187 -11.74 -32.00 -1.59
CA SER F 187 -11.49 -31.56 -2.99
C SER F 187 -10.60 -30.31 -3.02
N HIS F 188 -10.43 -29.65 -1.88
CA HIS F 188 -9.73 -28.34 -1.78
C HIS F 188 -8.22 -28.49 -2.06
N VAL F 189 -7.66 -29.71 -1.97
CA VAL F 189 -6.19 -29.95 -2.18
C VAL F 189 -5.95 -30.45 -3.61
N LEU F 190 -6.98 -30.67 -4.43
CA LEU F 190 -6.78 -31.27 -5.77
C LEU F 190 -6.45 -30.16 -6.75
N ASN F 191 -5.32 -30.28 -7.45
CA ASN F 191 -4.90 -29.24 -8.42
C ASN F 191 -4.05 -29.87 -9.52
N PRO F 192 -4.57 -30.88 -10.24
CA PRO F 192 -3.85 -31.41 -11.40
C PRO F 192 -3.89 -30.39 -12.54
N ASP F 193 -2.94 -30.45 -13.48
CA ASP F 193 -2.90 -29.58 -14.68
C ASP F 193 -4.22 -29.74 -15.45
N GLU F 194 -4.74 -28.66 -16.03
CA GLU F 194 -5.90 -28.68 -16.96
C GLU F 194 -7.16 -29.20 -16.23
N CYS F 195 -7.36 -28.78 -14.98
CA CYS F 195 -8.48 -29.25 -14.11
C CYS F 195 -9.61 -28.22 -14.10
N TYR F 196 -9.31 -26.94 -14.30
CA TYR F 196 -10.24 -25.80 -14.09
C TYR F 196 -10.28 -24.95 -15.36
N ASP F 197 -11.47 -24.48 -15.73
CA ASP F 197 -11.66 -23.54 -16.86
C ASP F 197 -11.68 -22.11 -16.30
N GLU F 198 -11.89 -21.12 -17.16
CA GLU F 198 -11.82 -19.67 -16.85
C GLU F 198 -12.90 -19.27 -15.83
N ARG F 199 -13.95 -20.08 -15.67
CA ARG F 199 -15.06 -19.76 -14.73
C ARG F 199 -14.92 -20.55 -13.43
N GLY F 200 -13.80 -21.26 -13.22
CA GLY F 200 -13.54 -22.07 -12.02
C GLY F 200 -14.33 -23.36 -12.03
N CYS F 201 -14.85 -23.81 -13.18
CA CYS F 201 -15.56 -25.10 -13.31
C CYS F 201 -14.55 -26.25 -13.38
N VAL F 202 -14.86 -27.37 -12.73
CA VAL F 202 -14.01 -28.58 -12.70
C VAL F 202 -14.27 -29.36 -14.00
N LEU F 203 -13.18 -29.74 -14.69
CA LEU F 203 -13.24 -30.57 -15.91
C LEU F 203 -13.98 -31.87 -15.60
N PRO F 204 -14.95 -32.30 -16.44
CA PRO F 204 -15.78 -33.47 -16.13
C PRO F 204 -14.99 -34.76 -15.87
N ALA F 205 -13.87 -34.96 -16.57
CA ALA F 205 -13.00 -36.15 -16.40
C ALA F 205 -12.48 -36.20 -14.96
N GLU F 206 -12.04 -35.06 -14.42
CA GLU F 206 -11.53 -34.97 -13.02
C GLU F 206 -12.70 -35.13 -12.05
N LEU F 207 -13.88 -34.62 -12.38
CA LEU F 207 -15.08 -34.79 -11.53
C LEU F 207 -15.32 -36.29 -11.30
N GLU F 208 -15.34 -37.09 -12.38
CA GLU F 208 -15.73 -38.52 -12.32
C GLU F 208 -14.63 -39.33 -11.61
N ARG F 209 -13.35 -39.05 -11.90
CA ARG F 209 -12.22 -39.67 -11.16
C ARG F 209 -12.40 -39.45 -9.66
N ARG F 210 -12.69 -38.22 -9.26
CA ARG F 210 -12.84 -37.85 -7.83
C ARG F 210 -14.08 -38.55 -7.24
N ARG F 211 -15.19 -38.56 -7.98
CA ARG F 211 -16.48 -39.12 -7.49
C ARG F 211 -16.29 -40.57 -7.05
N ALA F 212 -15.45 -41.34 -7.75
CA ALA F 212 -15.21 -42.79 -7.49
C ALA F 212 -14.50 -42.99 -6.14
N VAL F 213 -13.69 -42.01 -5.71
CA VAL F 213 -12.83 -42.08 -4.48
C VAL F 213 -13.57 -41.43 -3.30
N ALA F 214 -14.24 -40.29 -3.50
CA ALA F 214 -14.85 -39.48 -2.43
C ALA F 214 -16.06 -38.74 -3.00
N PRO F 215 -17.24 -39.40 -3.08
CA PRO F 215 -18.42 -38.77 -3.69
C PRO F 215 -18.86 -37.54 -2.92
N PRO F 216 -19.54 -36.59 -3.57
CA PRO F 216 -20.02 -35.38 -2.89
C PRO F 216 -21.14 -35.69 -1.90
N VAL F 217 -21.44 -34.73 -1.03
CA VAL F 217 -22.49 -34.84 0.02
C VAL F 217 -23.39 -33.61 -0.06
N ARG F 218 -24.66 -33.80 0.32
CA ARG F 218 -25.63 -32.72 0.60
C ARG F 218 -26.30 -33.05 1.92
N PHE F 219 -26.51 -32.07 2.77
CA PHE F 219 -27.11 -32.31 4.10
C PHE F 219 -27.85 -31.06 4.55
N PRO F 220 -28.90 -31.23 5.36
CA PRO F 220 -29.56 -30.10 6.00
C PRO F 220 -28.56 -29.36 6.89
N ILE F 221 -28.74 -28.05 6.98
CA ILE F 221 -27.97 -27.15 7.88
C ILE F 221 -28.98 -26.24 8.56
N PRO F 222 -29.11 -26.30 9.90
CA PRO F 222 -30.05 -25.42 10.60
C PRO F 222 -29.60 -23.96 10.60
N VAL F 223 -30.56 -23.04 10.51
CA VAL F 223 -30.30 -21.57 10.66
C VAL F 223 -29.65 -21.36 12.04
N GLY F 224 -28.73 -20.41 12.14
CA GLY F 224 -27.85 -20.20 13.31
C GLY F 224 -26.47 -20.79 13.05
N SER F 225 -26.34 -21.66 12.05
CA SER F 225 -25.07 -22.31 11.68
C SER F 225 -24.19 -21.34 10.90
N VAL F 226 -22.88 -21.57 10.94
CA VAL F 226 -21.88 -20.93 10.05
C VAL F 226 -21.07 -22.07 9.42
N VAL F 227 -20.94 -22.07 8.10
CA VAL F 227 -20.10 -23.02 7.35
C VAL F 227 -18.81 -22.29 6.98
N ILE F 228 -17.67 -22.83 7.40
CA ILE F 228 -16.33 -22.30 7.02
C ILE F 228 -15.72 -23.34 6.09
N ARG F 229 -15.28 -22.91 4.93
CA ARG F 229 -14.72 -23.87 3.95
C ARG F 229 -13.59 -23.19 3.18
N ASP F 230 -12.64 -24.01 2.78
CA ASP F 230 -11.56 -23.59 1.85
C ASP F 230 -12.25 -22.98 0.62
N GLY F 231 -11.80 -21.79 0.20
CA GLY F 231 -12.34 -21.14 -1.01
C GLY F 231 -12.16 -22.01 -2.24
N ARG F 232 -11.26 -22.99 -2.19
CA ARG F 232 -10.95 -23.87 -3.35
C ARG F 232 -11.81 -25.14 -3.32
N LEU F 233 -12.65 -25.33 -2.30
CA LEU F 233 -13.50 -26.55 -2.21
C LEU F 233 -14.42 -26.63 -3.43
N TRP F 234 -14.48 -27.80 -4.05
CA TRP F 234 -15.47 -28.05 -5.14
C TRP F 234 -16.86 -28.09 -4.51
N HIS F 235 -17.82 -27.40 -5.13
CA HIS F 235 -19.22 -27.36 -4.66
C HIS F 235 -20.11 -26.97 -5.84
N ARG F 236 -21.43 -27.07 -5.65
CA ARG F 236 -22.41 -26.51 -6.62
C ARG F 236 -23.70 -26.19 -5.88
N GLY F 237 -24.32 -25.07 -6.24
CA GLY F 237 -25.73 -24.80 -5.94
C GLY F 237 -26.60 -25.80 -6.65
N VAL F 238 -27.71 -26.18 -6.03
CA VAL F 238 -28.64 -27.19 -6.60
C VAL F 238 -30.05 -26.60 -6.61
N PRO F 239 -30.98 -27.21 -7.38
CA PRO F 239 -32.36 -26.71 -7.48
C PRO F 239 -33.01 -26.56 -6.10
N ASN F 240 -33.61 -25.39 -5.89
CA ASN F 240 -34.56 -25.13 -4.79
C ASN F 240 -35.94 -25.59 -5.31
N LEU F 241 -36.46 -26.70 -4.77
CA LEU F 241 -37.76 -27.29 -5.19
C LEU F 241 -38.85 -26.95 -4.18
N SER F 242 -38.63 -25.97 -3.29
CA SER F 242 -39.61 -25.50 -2.28
C SER F 242 -40.33 -24.27 -2.84
N ALA F 243 -41.23 -23.69 -2.04
CA ALA F 243 -42.07 -22.52 -2.40
C ALA F 243 -41.39 -21.20 -1.97
N ALA F 244 -40.22 -21.26 -1.32
CA ALA F 244 -39.61 -20.08 -0.65
C ALA F 244 -38.16 -19.89 -1.13
N PRO F 245 -37.74 -18.65 -1.40
CA PRO F 245 -36.34 -18.35 -1.70
C PRO F 245 -35.45 -18.76 -0.52
N ARG F 246 -34.26 -19.28 -0.81
CA ARG F 246 -33.28 -19.78 0.21
C ARG F 246 -32.12 -18.80 0.26
N PRO F 247 -32.12 -17.83 1.21
CA PRO F 247 -31.04 -16.86 1.28
C PRO F 247 -29.83 -17.37 2.07
N LEU F 248 -28.65 -17.04 1.55
CA LEU F 248 -27.33 -17.31 2.15
C LEU F 248 -26.57 -15.99 2.20
N LEU F 249 -26.06 -15.62 3.37
CA LEU F 249 -25.11 -14.47 3.51
C LEU F 249 -23.69 -15.04 3.40
N ALA F 250 -22.85 -14.40 2.60
CA ALA F 250 -21.54 -14.94 2.19
C ALA F 250 -20.43 -13.94 2.52
N MET F 251 -19.40 -14.41 3.23
CA MET F 251 -18.18 -13.64 3.53
C MET F 251 -16.97 -14.52 3.15
N THR F 252 -15.84 -13.90 2.87
CA THR F 252 -14.58 -14.61 2.54
C THR F 252 -13.39 -13.90 3.16
N HIS F 253 -12.66 -14.62 4.00
CA HIS F 253 -11.43 -14.16 4.67
C HIS F 253 -10.25 -14.57 3.77
N TYR F 254 -9.33 -13.65 3.52
CA TYR F 254 -8.15 -13.85 2.66
C TYR F 254 -6.88 -13.48 3.44
N THR F 255 -5.77 -14.10 3.09
CA THR F 255 -4.43 -13.63 3.53
C THR F 255 -4.31 -12.16 3.13
N GLU F 256 -3.55 -11.40 3.91
CA GLU F 256 -3.26 -9.95 3.73
C GLU F 256 -2.78 -9.70 2.30
N TRP F 257 -2.02 -10.61 1.71
CA TRP F 257 -1.30 -10.37 0.42
C TRP F 257 -2.16 -10.72 -0.80
N PHE F 258 -3.38 -11.25 -0.64
CA PHE F 258 -4.26 -11.55 -1.81
C PHE F 258 -5.03 -10.30 -2.21
N ASP F 259 -4.87 -9.86 -3.47
CA ASP F 259 -5.48 -8.60 -3.99
C ASP F 259 -7.00 -8.77 -4.10
N MET F 260 -7.76 -7.93 -3.41
CA MET F 260 -9.25 -7.90 -3.48
C MET F 260 -9.69 -6.45 -3.48
N PRO F 261 -10.80 -6.10 -4.18
CA PRO F 261 -11.39 -4.79 -4.03
C PRO F 261 -11.95 -4.69 -2.62
N PRO F 262 -12.02 -3.49 -2.02
CA PRO F 262 -12.58 -3.35 -0.69
C PRO F 262 -14.11 -3.45 -0.69
N ILE F 263 -14.69 -3.85 0.43
CA ILE F 263 -16.15 -3.78 0.72
C ILE F 263 -16.51 -2.31 0.97
N GLN F 264 -17.52 -1.80 0.27
CA GLN F 264 -18.08 -0.45 0.51
C GLN F 264 -18.95 -0.50 1.77
N LEU F 265 -18.61 0.27 2.80
CA LEU F 265 -19.41 0.38 4.04
C LEU F 265 -19.67 1.85 4.34
N PRO F 266 -20.80 2.19 5.01
CA PRO F 266 -21.03 3.58 5.44
C PRO F 266 -20.07 3.92 6.58
N ASP F 267 -19.65 5.19 6.69
CA ASP F 267 -18.66 5.63 7.73
C ASP F 267 -19.31 5.59 9.12
N THR F 268 -20.63 5.38 9.21
CA THR F 268 -21.37 5.22 10.49
C THR F 268 -21.01 3.90 11.20
N VAL F 269 -20.28 2.96 10.56
CA VAL F 269 -19.78 1.73 11.24
C VAL F 269 -18.24 1.75 11.31
N LYS F 270 -17.60 2.81 10.78
CA LYS F 270 -16.13 2.91 10.76
C LYS F 270 -15.57 2.75 12.17
N SER F 271 -16.22 3.33 13.19
CA SER F 271 -15.76 3.35 14.60
C SER F 271 -15.49 1.91 15.08
N TRP F 272 -16.40 0.96 14.87
CA TRP F 272 -16.23 -0.42 15.39
C TRP F 272 -15.61 -1.36 14.33
N VAL F 273 -15.76 -1.10 13.03
CA VAL F 273 -15.13 -1.96 11.98
C VAL F 273 -13.61 -1.67 11.92
N ASP F 274 -13.20 -0.40 11.75
CA ASP F 274 -11.78 -0.03 11.49
C ASP F 274 -10.92 -0.22 12.74
N GLY F 275 -11.49 -0.13 13.95
CA GLY F 275 -10.72 -0.37 15.21
C GLY F 275 -10.14 -1.79 15.31
N SER F 276 -10.90 -2.80 14.87
CA SER F 276 -10.82 -4.22 15.31
C SER F 276 -9.49 -4.89 14.90
N ASP F 277 -9.05 -5.87 15.70
CA ASP F 277 -7.97 -6.82 15.33
C ASP F 277 -8.56 -7.98 14.50
N ARG F 278 -9.86 -7.93 14.19
CA ARG F 278 -10.55 -8.79 13.18
C ARG F 278 -10.71 -7.94 11.92
N HIS F 279 -9.75 -8.03 11.01
CA HIS F 279 -9.59 -7.06 9.90
C HIS F 279 -10.67 -7.27 8.84
N THR F 280 -11.07 -6.14 8.25
CA THR F 280 -11.95 -6.04 7.07
C THR F 280 -11.25 -5.16 6.04
N HIS F 281 -11.18 -5.59 4.79
CA HIS F 281 -10.74 -4.75 3.64
C HIS F 281 -11.94 -3.89 3.23
N ALA F 282 -12.05 -2.69 3.82
CA ALA F 282 -13.24 -1.83 3.74
C ALA F 282 -12.88 -0.46 3.18
N HIS F 283 -13.76 0.14 2.40
CA HIS F 283 -13.76 1.56 2.00
C HIS F 283 -14.99 2.21 2.63
N PHE F 284 -14.78 3.18 3.51
CA PHE F 284 -15.86 3.85 4.28
C PHE F 284 -16.32 5.08 3.48
N VAL F 285 -17.63 5.14 3.21
CA VAL F 285 -18.29 6.14 2.34
C VAL F 285 -19.10 7.09 3.23
N ALA F 286 -19.14 8.39 2.88
CA ALA F 286 -20.04 9.38 3.51
C ALA F 286 -21.47 9.10 3.01
N GLY F 287 -22.43 9.03 3.92
CA GLY F 287 -23.84 8.71 3.61
C GLY F 287 -24.03 7.23 3.31
N ASP F 288 -24.99 6.91 2.44
CA ASP F 288 -25.50 5.53 2.23
C ASP F 288 -24.72 4.87 1.10
N VAL F 289 -24.57 3.54 1.16
CA VAL F 289 -24.16 2.68 0.01
C VAL F 289 -25.44 2.09 -0.59
N HIS F 296 -23.13 -7.25 -11.11
CA HIS F 296 -22.48 -7.62 -9.81
C HIS F 296 -21.09 -8.21 -10.07
N PRO F 297 -20.03 -7.65 -9.46
CA PRO F 297 -18.66 -8.14 -9.69
C PRO F 297 -18.34 -9.59 -9.25
N PHE F 298 -19.13 -10.19 -8.35
CA PHE F 298 -18.88 -11.53 -7.76
C PHE F 298 -19.73 -12.62 -8.45
N ALA F 299 -20.70 -12.24 -9.29
CA ALA F 299 -21.53 -13.17 -10.08
C ALA F 299 -20.67 -13.74 -11.23
N VAL F 300 -20.67 -15.06 -11.42
CA VAL F 300 -19.83 -15.77 -12.47
C VAL F 300 -20.72 -16.29 -13.61
#